data_9DM3
#
_entry.id   9DM3
#
_entity_poly.entity_id   1
_entity_poly.type   'polypeptide(L)'
_entity_poly.pdbx_seq_one_letter_code
;HHHHHHENLYFQSSAKQDFAEGVKLWQENAVLWTRLVQAFQSGDQSTVDSLLKQLDANAARVEQLLQRIISETGDELARK
GESLFQRNQQLFSQLKTLFSQGDEDTAKAVLEEIQSNLNQIQQIITEAQKRL
;
_entity_poly.pdbx_strand_id   A
#
# COMPACT_ATOMS: atom_id res chain seq x y z
N HIS A 1 5.40 -21.08 10.44
CA HIS A 1 4.48 -20.96 9.32
C HIS A 1 4.09 -22.33 8.78
N HIS A 2 2.93 -22.39 8.12
CA HIS A 2 2.44 -23.64 7.57
C HIS A 2 1.95 -23.46 6.14
N HIS A 3 2.13 -24.48 5.31
CA HIS A 3 1.62 -24.47 3.95
C HIS A 3 1.01 -25.81 3.57
N HIS A 4 -0.16 -26.10 4.13
CA HIS A 4 -0.80 -27.39 3.95
C HIS A 4 -1.96 -27.30 2.96
N HIS A 5 -1.82 -26.42 1.98
CA HIS A 5 -2.85 -26.22 0.96
C HIS A 5 -2.98 -27.45 0.08
N HIS A 6 -4.21 -27.82 -0.25
CA HIS A 6 -4.48 -29.04 -0.99
C HIS A 6 -4.02 -28.91 -2.44
N GLU A 7 -3.86 -27.68 -2.90
CA GLU A 7 -3.32 -27.41 -4.23
C GLU A 7 -1.80 -27.37 -4.21
N ASN A 8 -1.19 -27.92 -5.25
CA ASN A 8 0.26 -28.00 -5.33
C ASN A 8 0.88 -26.63 -5.53
N LEU A 9 1.05 -25.90 -4.44
CA LEU A 9 1.59 -24.54 -4.49
C LEU A 9 2.97 -24.47 -3.84
N TYR A 10 3.79 -23.54 -4.30
CA TYR A 10 5.18 -23.47 -3.88
C TYR A 10 5.45 -22.18 -3.11
N PHE A 11 4.53 -21.82 -2.24
CA PHE A 11 4.69 -20.63 -1.39
C PHE A 11 5.71 -20.88 -0.28
N GLN A 12 6.67 -19.97 -0.15
CA GLN A 12 7.73 -20.12 0.84
C GLN A 12 7.35 -19.50 2.17
N SER A 13 7.87 -20.06 3.26
CA SER A 13 7.56 -19.58 4.59
C SER A 13 8.20 -18.22 4.85
N SER A 14 9.34 -17.98 4.21
CA SER A 14 10.02 -16.70 4.31
C SER A 14 9.29 -15.63 3.52
N ALA A 15 8.66 -16.03 2.42
CA ALA A 15 7.79 -15.14 1.65
C ALA A 15 6.52 -14.81 2.43
N LYS A 16 5.98 -15.82 3.11
CA LYS A 16 4.83 -15.61 3.98
C LYS A 16 5.14 -14.64 5.12
N GLN A 17 6.36 -14.76 5.66
CA GLN A 17 6.82 -13.84 6.69
C GLN A 17 6.89 -12.42 6.17
N ASP A 18 7.47 -12.24 4.98
CA ASP A 18 7.52 -10.94 4.34
C ASP A 18 6.14 -10.41 4.04
N PHE A 19 5.24 -11.31 3.63
CA PHE A 19 3.84 -10.95 3.42
C PHE A 19 3.20 -10.40 4.69
N ALA A 20 3.36 -11.12 5.79
CA ALA A 20 2.80 -10.71 7.07
C ALA A 20 3.29 -9.33 7.47
N GLU A 21 4.58 -9.08 7.24
CA GLU A 21 5.17 -7.78 7.53
C GLU A 21 4.59 -6.70 6.64
N GLY A 22 4.35 -7.03 5.38
CA GLY A 22 3.76 -6.10 4.43
C GLY A 22 2.34 -5.72 4.85
N VAL A 23 1.58 -6.71 5.31
CA VAL A 23 0.21 -6.49 5.75
C VAL A 23 0.18 -5.55 6.96
N LYS A 24 1.06 -5.79 7.92
CA LYS A 24 1.14 -4.97 9.12
C LYS A 24 1.48 -3.52 8.77
N LEU A 25 2.38 -3.35 7.81
CA LEU A 25 2.73 -2.02 7.33
C LEU A 25 1.56 -1.35 6.64
N TRP A 26 0.80 -2.13 5.87
CA TRP A 26 -0.42 -1.65 5.24
C TRP A 26 -1.45 -1.22 6.27
N GLN A 27 -1.59 -2.02 7.32
CA GLN A 27 -2.51 -1.69 8.41
C GLN A 27 -2.13 -0.38 9.08
N GLU A 28 -0.83 -0.18 9.29
CA GLU A 28 -0.32 1.09 9.77
C GLU A 28 -0.68 2.23 8.83
N ASN A 29 -0.49 1.99 7.54
CA ASN A 29 -0.81 2.99 6.52
C ASN A 29 -2.29 3.33 6.52
N ALA A 30 -3.13 2.32 6.75
CA ALA A 30 -4.57 2.52 6.83
C ALA A 30 -4.92 3.47 7.96
N VAL A 31 -4.25 3.32 9.10
CA VAL A 31 -4.46 4.22 10.23
C VAL A 31 -3.93 5.61 9.93
N LEU A 32 -2.72 5.68 9.37
CA LEU A 32 -2.09 6.95 9.06
C LEU A 32 -2.90 7.72 8.02
N TRP A 33 -3.40 7.01 7.02
CA TRP A 33 -4.21 7.62 5.98
C TRP A 33 -5.53 8.13 6.54
N THR A 34 -6.16 7.33 7.39
CA THR A 34 -7.38 7.74 8.06
C THR A 34 -7.20 9.06 8.79
N ARG A 35 -6.09 9.17 9.52
CA ARG A 35 -5.77 10.41 10.22
C ARG A 35 -5.46 11.54 9.25
N LEU A 36 -4.78 11.20 8.16
CA LEU A 36 -4.49 12.15 7.09
C LEU A 36 -5.76 12.81 6.59
N VAL A 37 -6.78 11.99 6.32
CA VAL A 37 -8.07 12.50 5.87
C VAL A 37 -8.68 13.45 6.90
N GLN A 38 -8.59 13.07 8.16
CA GLN A 38 -9.06 13.93 9.25
C GLN A 38 -8.34 15.28 9.24
N ALA A 39 -7.03 15.24 9.08
CA ALA A 39 -6.24 16.46 8.98
C ALA A 39 -6.60 17.26 7.73
N PHE A 40 -6.82 16.55 6.63
CA PHE A 40 -7.25 17.18 5.39
C PHE A 40 -8.55 17.96 5.59
N GLN A 41 -9.50 17.33 6.27
CA GLN A 41 -10.80 17.97 6.53
C GLN A 41 -10.62 19.23 7.38
N SER A 42 -9.72 19.16 8.36
CA SER A 42 -9.44 20.29 9.23
C SER A 42 -8.63 21.34 8.50
N GLY A 43 -7.91 20.93 7.46
CA GLY A 43 -7.13 21.85 6.65
C GLY A 43 -5.67 21.84 7.07
N ASP A 44 -5.31 20.92 7.95
CA ASP A 44 -3.95 20.82 8.46
C ASP A 44 -3.03 20.11 7.48
N GLN A 45 -2.50 20.87 6.52
CA GLN A 45 -1.68 20.29 5.46
C GLN A 45 -0.33 19.83 6.00
N SER A 46 0.10 20.44 7.10
CA SER A 46 1.42 20.17 7.66
C SER A 46 1.49 18.78 8.25
N THR A 47 0.39 18.33 8.86
CA THR A 47 0.28 16.96 9.33
C THR A 47 0.11 15.99 8.18
N VAL A 48 -0.72 16.38 7.21
CA VAL A 48 -0.92 15.57 6.01
C VAL A 48 0.41 15.25 5.33
N ASP A 49 1.21 16.29 5.11
CA ASP A 49 2.50 16.13 4.45
C ASP A 49 3.40 15.18 5.23
N SER A 50 3.45 15.34 6.54
CA SER A 50 4.23 14.48 7.41
C SER A 50 3.76 13.03 7.30
N LEU A 51 2.44 12.84 7.24
CA LEU A 51 1.86 11.51 7.14
C LEU A 51 2.14 10.89 5.77
N LEU A 52 2.14 11.72 4.74
CA LEU A 52 2.46 11.27 3.39
C LEU A 52 3.88 10.73 3.31
N LYS A 53 4.79 11.37 4.04
CA LYS A 53 6.17 10.89 4.13
C LYS A 53 6.23 9.51 4.76
N GLN A 54 5.45 9.30 5.81
CA GLN A 54 5.38 8.00 6.48
C GLN A 54 4.70 6.98 5.59
N LEU A 55 3.62 7.39 4.93
CA LEU A 55 2.90 6.51 4.02
C LEU A 55 3.78 6.05 2.85
N ASP A 56 4.55 6.99 2.32
CA ASP A 56 5.44 6.69 1.20
C ASP A 56 6.56 5.75 1.63
N ALA A 57 7.12 6.00 2.81
CA ALA A 57 8.17 5.15 3.35
C ALA A 57 7.71 3.72 3.50
N ASN A 58 6.53 3.54 4.10
CA ASN A 58 5.98 2.22 4.32
C ASN A 58 5.63 1.53 3.00
N ALA A 59 5.10 2.31 2.06
CA ALA A 59 4.77 1.80 0.74
C ALA A 59 5.99 1.23 0.04
N ALA A 60 7.12 1.92 0.17
CA ALA A 60 8.39 1.44 -0.37
C ALA A 60 8.85 0.18 0.35
N ARG A 61 8.69 0.18 1.67
CA ARG A 61 9.07 -0.97 2.49
C ARG A 61 8.29 -2.22 2.08
N VAL A 62 6.99 -2.05 1.87
CA VAL A 62 6.14 -3.16 1.44
C VAL A 62 6.48 -3.59 0.02
N GLU A 63 6.70 -2.61 -0.85
CA GLU A 63 7.14 -2.89 -2.21
C GLU A 63 8.32 -3.85 -2.24
N GLN A 64 9.32 -3.57 -1.41
CA GLN A 64 10.50 -4.42 -1.32
C GLN A 64 10.14 -5.82 -0.85
N LEU A 65 9.27 -5.89 0.16
CA LEU A 65 8.83 -7.17 0.71
C LEU A 65 8.08 -7.98 -0.35
N LEU A 66 7.28 -7.30 -1.15
CA LEU A 66 6.51 -7.97 -2.20
C LEU A 66 7.43 -8.47 -3.31
N GLN A 67 8.48 -7.71 -3.60
CA GLN A 67 9.47 -8.12 -4.58
C GLN A 67 10.24 -9.35 -4.11
N ARG A 68 10.50 -9.41 -2.81
CA ARG A 68 11.11 -10.60 -2.21
C ARG A 68 10.22 -11.82 -2.36
N ILE A 69 8.92 -11.62 -2.15
CA ILE A 69 7.94 -12.68 -2.34
C ILE A 69 7.94 -13.18 -3.78
N ILE A 70 7.98 -12.24 -4.72
CA ILE A 70 8.06 -12.57 -6.14
C ILE A 70 9.35 -13.33 -6.46
N SER A 71 10.46 -12.85 -5.91
CA SER A 71 11.77 -13.44 -6.17
C SER A 71 11.82 -14.88 -5.67
N GLU A 72 11.28 -15.11 -4.47
CA GLU A 72 11.34 -16.42 -3.83
C GLU A 72 10.23 -17.33 -4.33
N THR A 73 8.99 -16.84 -4.26
CA THR A 73 7.83 -17.64 -4.62
C THR A 73 7.40 -17.35 -6.06
N GLY A 74 7.19 -16.08 -6.38
CA GLY A 74 6.68 -15.69 -7.67
C GLY A 74 5.18 -15.41 -7.62
N ASP A 75 4.72 -14.91 -6.49
CA ASP A 75 3.30 -14.65 -6.29
C ASP A 75 2.81 -13.52 -7.18
N GLU A 76 1.90 -13.84 -8.09
CA GLU A 76 1.36 -12.85 -9.01
C GLU A 76 0.54 -11.80 -8.28
N LEU A 77 -0.07 -12.19 -7.16
CA LEU A 77 -0.86 -11.29 -6.35
C LEU A 77 0.03 -10.24 -5.68
N ALA A 78 1.24 -10.65 -5.31
CA ALA A 78 2.23 -9.72 -4.76
C ALA A 78 2.62 -8.68 -5.81
N ARG A 79 2.75 -9.11 -7.05
CA ARG A 79 3.03 -8.20 -8.16
C ARG A 79 1.90 -7.20 -8.34
N LYS A 80 0.67 -7.70 -8.30
CA LYS A 80 -0.51 -6.84 -8.40
C LYS A 80 -0.55 -5.82 -7.27
N GLY A 81 -0.34 -6.30 -6.05
CA GLY A 81 -0.29 -5.41 -4.88
C GLY A 81 0.84 -4.40 -5.00
N GLU A 82 1.99 -4.86 -5.50
CA GLU A 82 3.15 -3.99 -5.68
C GLU A 82 2.79 -2.77 -6.52
N SER A 83 2.14 -3.00 -7.65
CA SER A 83 1.79 -1.93 -8.57
C SER A 83 0.82 -0.94 -7.92
N LEU A 84 -0.01 -1.45 -7.02
CA LEU A 84 -0.95 -0.61 -6.29
C LEU A 84 -0.22 0.29 -5.30
N PHE A 85 0.81 -0.24 -4.65
CA PHE A 85 1.63 0.53 -3.73
C PHE A 85 2.51 1.53 -4.49
N GLN A 86 2.99 1.11 -5.65
CA GLN A 86 3.78 1.99 -6.51
C GLN A 86 2.97 3.17 -7.00
N ARG A 87 1.71 2.91 -7.34
CA ARG A 87 0.78 3.97 -7.73
C ARG A 87 0.51 4.93 -6.59
N ASN A 88 0.33 4.38 -5.39
CA ASN A 88 0.10 5.19 -4.20
C ASN A 88 1.28 6.10 -3.93
N GLN A 89 2.50 5.58 -4.13
CA GLN A 89 3.71 6.37 -3.99
C GLN A 89 3.69 7.57 -4.94
N GLN A 90 3.27 7.33 -6.18
CA GLN A 90 3.10 8.40 -7.15
C GLN A 90 2.06 9.41 -6.68
N LEU A 91 0.96 8.91 -6.12
CA LEU A 91 -0.15 9.76 -5.71
C LEU A 91 0.21 10.57 -4.47
N PHE A 92 1.11 10.02 -3.67
CA PHE A 92 1.62 10.74 -2.50
C PHE A 92 2.42 11.96 -2.91
N SER A 93 3.22 11.82 -3.94
CA SER A 93 3.99 12.93 -4.48
C SER A 93 3.11 13.90 -5.25
N GLN A 94 2.02 13.37 -5.82
CA GLN A 94 1.01 14.20 -6.46
C GLN A 94 0.31 15.11 -5.44
N LEU A 95 -0.03 14.55 -4.29
CA LEU A 95 -0.62 15.31 -3.21
C LEU A 95 0.33 16.40 -2.72
N LYS A 96 1.60 16.05 -2.58
CA LYS A 96 2.63 17.02 -2.17
C LYS A 96 2.59 18.26 -3.07
N THR A 97 2.57 18.04 -4.37
CA THR A 97 2.51 19.13 -5.34
C THR A 97 1.20 19.90 -5.21
N LEU A 98 0.09 19.17 -5.10
CA LEU A 98 -1.23 19.79 -5.06
C LEU A 98 -1.39 20.66 -3.83
N PHE A 99 -0.88 20.19 -2.70
CA PHE A 99 -0.97 20.93 -1.44
C PHE A 99 -0.01 22.11 -1.44
N SER A 100 1.10 21.97 -2.13
CA SER A 100 2.02 23.08 -2.35
C SER A 100 1.37 24.18 -3.19
N GLN A 101 0.60 23.76 -4.19
CA GLN A 101 -0.16 24.70 -5.01
C GLN A 101 -1.36 25.24 -4.26
N GLY A 102 -1.97 24.41 -3.44
CA GLY A 102 -3.14 24.80 -2.65
C GLY A 102 -4.41 24.17 -3.21
N ASP A 103 -4.25 23.26 -4.16
CA ASP A 103 -5.38 22.64 -4.82
C ASP A 103 -5.90 21.45 -4.02
N GLU A 104 -6.68 21.74 -2.98
CA GLU A 104 -7.22 20.71 -2.11
C GLU A 104 -8.35 19.95 -2.80
N ASP A 105 -9.00 20.60 -3.76
CA ASP A 105 -10.09 20.00 -4.51
C ASP A 105 -9.63 18.76 -5.26
N THR A 106 -8.56 18.91 -6.03
CA THR A 106 -7.96 17.78 -6.73
C THR A 106 -7.33 16.79 -5.77
N ALA A 107 -6.70 17.31 -4.71
CA ALA A 107 -6.07 16.47 -3.71
C ALA A 107 -7.08 15.50 -3.10
N LYS A 108 -8.30 15.98 -2.87
CA LYS A 108 -9.39 15.13 -2.41
C LYS A 108 -9.61 13.96 -3.37
N ALA A 109 -9.72 14.27 -4.65
CA ALA A 109 -9.92 13.26 -5.67
C ALA A 109 -8.78 12.24 -5.68
N VAL A 110 -7.56 12.73 -5.47
CA VAL A 110 -6.39 11.87 -5.40
C VAL A 110 -6.47 10.95 -4.19
N LEU A 111 -6.90 11.50 -3.05
CA LEU A 111 -7.10 10.71 -1.85
C LEU A 111 -8.14 9.62 -2.06
N GLU A 112 -9.18 9.95 -2.82
CA GLU A 112 -10.22 8.98 -3.16
C GLU A 112 -9.66 7.84 -4.00
N GLU A 113 -8.79 8.19 -4.94
CA GLU A 113 -8.10 7.18 -5.73
C GLU A 113 -7.24 6.28 -4.84
N ILE A 114 -6.50 6.90 -3.93
CA ILE A 114 -5.67 6.16 -2.99
C ILE A 114 -6.52 5.20 -2.16
N GLN A 115 -7.68 5.67 -1.71
CA GLN A 115 -8.61 4.85 -0.95
C GLN A 115 -8.96 3.58 -1.72
N SER A 116 -9.33 3.75 -2.98
CA SER A 116 -9.74 2.62 -3.82
C SER A 116 -8.58 1.67 -4.07
N ASN A 117 -7.37 2.22 -4.10
CA ASN A 117 -6.16 1.41 -4.20
C ASN A 117 -5.94 0.58 -2.95
N LEU A 118 -6.16 1.19 -1.80
CA LEU A 118 -6.04 0.50 -0.52
C LEU A 118 -7.05 -0.64 -0.41
N ASN A 119 -8.24 -0.41 -0.95
CA ASN A 119 -9.27 -1.45 -0.99
C ASN A 119 -8.84 -2.62 -1.88
N GLN A 120 -8.23 -2.30 -3.02
CA GLN A 120 -7.71 -3.32 -3.91
C GLN A 120 -6.56 -4.09 -3.27
N ILE A 121 -5.71 -3.38 -2.54
CA ILE A 121 -4.63 -4.01 -1.80
C ILE A 121 -5.16 -4.97 -0.74
N GLN A 122 -6.21 -4.55 -0.04
CA GLN A 122 -6.87 -5.41 0.93
C GLN A 122 -7.36 -6.70 0.28
N GLN A 123 -7.90 -6.58 -0.93
CA GLN A 123 -8.33 -7.75 -1.69
C GLN A 123 -7.16 -8.65 -2.02
N ILE A 124 -6.04 -8.05 -2.43
CA ILE A 124 -4.82 -8.79 -2.68
C ILE A 124 -4.35 -9.53 -1.43
N ILE A 125 -4.42 -8.85 -0.29
CA ILE A 125 -4.04 -9.47 0.98
C ILE A 125 -4.92 -10.66 1.31
N THR A 126 -6.23 -10.49 1.15
CA THR A 126 -7.18 -11.56 1.42
C THR A 126 -6.92 -12.77 0.56
N GLU A 127 -6.79 -12.55 -0.74
CA GLU A 127 -6.63 -13.65 -1.70
C GLU A 127 -5.26 -14.30 -1.56
N ALA A 128 -4.25 -13.50 -1.26
CA ALA A 128 -2.91 -14.01 -1.02
C ALA A 128 -2.88 -14.95 0.18
N GLN A 129 -3.62 -14.58 1.22
CA GLN A 129 -3.73 -15.43 2.41
C GLN A 129 -4.40 -16.75 2.09
N LYS A 130 -5.36 -16.72 1.17
CA LYS A 130 -6.03 -17.93 0.71
C LYS A 130 -5.06 -18.88 0.04
N ARG A 131 -4.14 -18.31 -0.74
CA ARG A 131 -3.19 -19.11 -1.51
C ARG A 131 -2.04 -19.60 -0.64
N LEU A 132 -1.64 -18.77 0.32
CA LEU A 132 -0.59 -19.13 1.27
C LEU A 132 -0.96 -20.40 2.03
N HIS A 1 9.89 -14.81 -12.27
CA HIS A 1 9.24 -15.68 -11.30
C HIS A 1 7.73 -15.69 -11.50
N HIS A 2 7.17 -16.87 -11.78
CA HIS A 2 5.75 -17.00 -12.05
C HIS A 2 5.18 -18.24 -11.36
N HIS A 3 4.98 -18.14 -10.06
CA HIS A 3 4.51 -19.27 -9.26
C HIS A 3 3.16 -19.78 -9.77
N HIS A 4 3.13 -21.03 -10.18
CA HIS A 4 1.89 -21.65 -10.65
C HIS A 4 0.90 -21.85 -9.52
N HIS A 5 -0.37 -21.59 -9.80
CA HIS A 5 -1.42 -21.73 -8.80
C HIS A 5 -1.61 -23.19 -8.41
N HIS A 6 -1.57 -23.47 -7.11
CA HIS A 6 -1.79 -24.82 -6.61
C HIS A 6 -2.68 -24.80 -5.37
N GLU A 7 -3.42 -25.89 -5.15
CA GLU A 7 -4.22 -26.04 -3.94
C GLU A 7 -3.35 -26.34 -2.74
N ASN A 8 -2.23 -27.02 -2.97
CA ASN A 8 -1.30 -27.35 -1.90
C ASN A 8 -0.29 -26.22 -1.70
N LEU A 9 0.29 -26.16 -0.50
CA LEU A 9 1.23 -25.11 -0.16
C LEU A 9 2.61 -25.37 -0.75
N TYR A 10 3.01 -24.55 -1.71
CA TYR A 10 4.34 -24.62 -2.27
C TYR A 10 5.08 -23.29 -2.12
N PHE A 11 4.72 -22.54 -1.08
CA PHE A 11 5.30 -21.22 -0.84
C PHE A 11 6.30 -21.26 0.30
N GLN A 12 7.05 -20.18 0.46
CA GLN A 12 8.09 -20.11 1.49
C GLN A 12 7.57 -19.42 2.75
N SER A 13 8.05 -19.86 3.90
CA SER A 13 7.66 -19.27 5.18
C SER A 13 8.27 -17.89 5.36
N SER A 14 9.42 -17.67 4.74
CA SER A 14 10.04 -16.35 4.70
C SER A 14 9.16 -15.36 3.94
N ALA A 15 8.67 -15.78 2.78
CA ALA A 15 7.72 -14.97 2.01
C ALA A 15 6.44 -14.74 2.79
N LYS A 16 5.99 -15.76 3.50
CA LYS A 16 4.78 -15.66 4.32
C LYS A 16 4.93 -14.58 5.38
N GLN A 17 6.09 -14.54 6.03
CA GLN A 17 6.37 -13.55 7.05
C GLN A 17 6.41 -12.15 6.44
N ASP A 18 7.09 -12.02 5.31
CA ASP A 18 7.15 -10.76 4.59
C ASP A 18 5.76 -10.28 4.18
N PHE A 19 4.93 -11.22 3.75
CA PHE A 19 3.53 -10.92 3.44
C PHE A 19 2.80 -10.35 4.64
N ALA A 20 2.91 -11.05 5.78
CA ALA A 20 2.26 -10.62 7.01
C ALA A 20 2.68 -9.22 7.39
N GLU A 21 3.98 -8.93 7.26
CA GLU A 21 4.52 -7.62 7.59
C GLU A 21 4.02 -6.56 6.63
N GLY A 22 3.86 -6.94 5.36
CA GLY A 22 3.29 -6.04 4.36
C GLY A 22 1.87 -5.65 4.72
N VAL A 23 1.09 -6.62 5.20
CA VAL A 23 -0.27 -6.36 5.64
C VAL A 23 -0.31 -5.42 6.83
N LYS A 24 0.60 -5.64 7.77
CA LYS A 24 0.73 -4.76 8.92
C LYS A 24 0.97 -3.32 8.50
N LEU A 25 1.87 -3.13 7.54
CA LEU A 25 2.20 -1.79 7.05
C LEU A 25 1.04 -1.19 6.27
N TRP A 26 0.31 -2.04 5.55
CA TRP A 26 -0.90 -1.62 4.85
C TRP A 26 -1.93 -1.05 5.82
N GLN A 27 -2.11 -1.72 6.95
CA GLN A 27 -3.05 -1.27 7.97
C GLN A 27 -2.65 0.10 8.52
N GLU A 28 -1.35 0.28 8.76
CA GLU A 28 -0.83 1.57 9.17
C GLU A 28 -1.09 2.64 8.11
N ASN A 29 -0.87 2.27 6.85
CA ASN A 29 -1.09 3.20 5.74
C ASN A 29 -2.54 3.63 5.66
N ALA A 30 -3.45 2.69 5.92
CA ALA A 30 -4.87 2.98 5.95
C ALA A 30 -5.21 4.02 7.01
N VAL A 31 -4.58 3.89 8.17
CA VAL A 31 -4.73 4.88 9.24
C VAL A 31 -4.16 6.23 8.81
N LEU A 32 -2.98 6.21 8.21
CA LEU A 32 -2.34 7.43 7.75
C LEU A 32 -3.19 8.15 6.71
N TRP A 33 -3.89 7.38 5.89
CA TRP A 33 -4.79 7.94 4.88
C TRP A 33 -5.87 8.79 5.52
N THR A 34 -6.47 8.27 6.59
CA THR A 34 -7.53 8.97 7.29
C THR A 34 -6.98 10.18 8.04
N ARG A 35 -5.73 10.09 8.46
CA ARG A 35 -5.07 11.18 9.17
C ARG A 35 -4.80 12.36 8.23
N LEU A 36 -4.48 12.05 6.98
CA LEU A 36 -4.30 13.07 5.96
C LEU A 36 -5.56 13.90 5.78
N VAL A 37 -6.71 13.23 5.73
CA VAL A 37 -7.99 13.91 5.58
C VAL A 37 -8.26 14.86 6.74
N GLN A 38 -8.11 14.36 7.96
CA GLN A 38 -8.41 15.13 9.15
C GLN A 38 -7.42 16.28 9.33
N ALA A 39 -6.14 15.97 9.16
CA ALA A 39 -5.09 16.95 9.40
C ALA A 39 -5.16 18.10 8.40
N PHE A 40 -5.33 17.76 7.13
CA PHE A 40 -5.36 18.76 6.07
C PHE A 40 -6.54 19.69 6.22
N GLN A 41 -7.71 19.13 6.54
CA GLN A 41 -8.91 19.92 6.72
C GLN A 41 -8.81 20.81 7.95
N SER A 42 -8.14 20.32 8.98
CA SER A 42 -7.90 21.11 10.18
C SER A 42 -6.89 22.22 9.92
N GLY A 43 -6.06 22.03 8.90
CA GLY A 43 -5.13 23.06 8.46
C GLY A 43 -3.71 22.75 8.90
N ASP A 44 -3.52 21.58 9.50
CA ASP A 44 -2.22 21.19 10.03
C ASP A 44 -1.35 20.57 8.95
N GLN A 45 -0.76 21.41 8.11
CA GLN A 45 0.06 20.95 7.00
C GLN A 45 1.31 20.23 7.50
N SER A 46 1.82 20.66 8.64
CA SER A 46 3.07 20.14 9.18
C SER A 46 2.95 18.65 9.48
N THR A 47 1.79 18.24 9.97
CA THR A 47 1.50 16.83 10.19
C THR A 47 1.25 16.10 8.86
N VAL A 48 0.46 16.74 8.00
CA VAL A 48 0.18 16.18 6.68
C VAL A 48 1.46 15.80 5.95
N ASP A 49 2.45 16.67 6.02
CA ASP A 49 3.75 16.42 5.39
C ASP A 49 4.38 15.15 5.94
N SER A 50 4.41 15.04 7.26
CA SER A 50 5.04 13.90 7.92
C SER A 50 4.26 12.62 7.66
N LEU A 51 2.94 12.75 7.49
CA LEU A 51 2.09 11.60 7.18
C LEU A 51 2.43 11.03 5.81
N LEU A 52 2.63 11.92 4.83
CA LEU A 52 3.01 11.50 3.48
C LEU A 52 4.40 10.89 3.46
N LYS A 53 5.29 11.43 4.29
CA LYS A 53 6.64 10.89 4.42
C LYS A 53 6.61 9.47 4.97
N GLN A 54 5.74 9.24 5.95
CA GLN A 54 5.56 7.89 6.50
C GLN A 54 4.98 6.94 5.48
N LEU A 55 4.03 7.43 4.69
CA LEU A 55 3.44 6.64 3.61
C LEU A 55 4.48 6.26 2.57
N ASP A 56 5.35 7.21 2.24
CA ASP A 56 6.44 6.95 1.30
C ASP A 56 7.34 5.84 1.80
N ALA A 57 7.71 5.90 3.08
CA ALA A 57 8.56 4.89 3.68
C ALA A 57 7.90 3.52 3.66
N ASN A 58 6.65 3.48 4.09
CA ASN A 58 5.91 2.22 4.18
C ASN A 58 5.70 1.60 2.81
N ALA A 59 5.39 2.45 1.83
CA ALA A 59 5.18 1.99 0.46
C ALA A 59 6.44 1.33 -0.09
N ALA A 60 7.59 1.93 0.19
CA ALA A 60 8.87 1.35 -0.20
C ALA A 60 9.15 0.06 0.55
N ARG A 61 8.84 0.05 1.84
CA ARG A 61 9.05 -1.12 2.67
C ARG A 61 8.25 -2.32 2.17
N VAL A 62 6.97 -2.09 1.89
CA VAL A 62 6.10 -3.14 1.39
C VAL A 62 6.52 -3.59 0.00
N GLU A 63 6.85 -2.62 -0.86
CA GLU A 63 7.35 -2.92 -2.19
C GLU A 63 8.51 -3.91 -2.15
N GLN A 64 9.45 -3.66 -1.25
CA GLN A 64 10.60 -4.55 -1.08
C GLN A 64 10.15 -5.92 -0.59
N LEU A 65 9.24 -5.94 0.36
CA LEU A 65 8.72 -7.19 0.91
C LEU A 65 8.03 -8.02 -0.15
N LEU A 66 7.28 -7.35 -1.03
CA LEU A 66 6.56 -8.04 -2.10
C LEU A 66 7.52 -8.59 -3.14
N GLN A 67 8.59 -7.85 -3.41
CA GLN A 67 9.63 -8.30 -4.33
C GLN A 67 10.35 -9.52 -3.78
N ARG A 68 10.57 -9.53 -2.47
CA ARG A 68 11.15 -10.69 -1.80
C ARG A 68 10.25 -11.91 -1.96
N ILE A 69 8.94 -11.71 -1.80
CA ILE A 69 7.98 -12.79 -2.00
C ILE A 69 8.05 -13.32 -3.42
N ILE A 70 8.18 -12.42 -4.40
CA ILE A 70 8.31 -12.81 -5.79
C ILE A 70 9.58 -13.61 -6.02
N SER A 71 10.68 -13.15 -5.44
CA SER A 71 11.98 -13.78 -5.65
C SER A 71 12.04 -15.16 -5.01
N GLU A 72 11.28 -15.34 -3.93
CA GLU A 72 11.27 -16.60 -3.21
C GLU A 72 10.22 -17.54 -3.79
N THR A 73 9.10 -16.98 -4.24
CA THR A 73 8.00 -17.78 -4.76
C THR A 73 7.67 -17.39 -6.20
N GLY A 74 7.28 -16.14 -6.39
CA GLY A 74 6.83 -15.68 -7.70
C GLY A 74 5.32 -15.47 -7.72
N ASP A 75 4.74 -15.25 -6.55
CA ASP A 75 3.31 -15.00 -6.43
C ASP A 75 2.89 -13.79 -7.25
N GLU A 76 2.01 -14.02 -8.23
CA GLU A 76 1.56 -12.95 -9.11
C GLU A 76 0.78 -11.90 -8.34
N LEU A 77 0.12 -12.32 -7.26
CA LEU A 77 -0.67 -11.42 -6.43
C LEU A 77 0.21 -10.39 -5.75
N ALA A 78 1.41 -10.81 -5.36
CA ALA A 78 2.40 -9.90 -4.79
C ALA A 78 2.81 -8.85 -5.80
N ARG A 79 3.01 -9.27 -7.05
CA ARG A 79 3.33 -8.35 -8.13
C ARG A 79 2.19 -7.36 -8.36
N LYS A 80 0.96 -7.87 -8.38
CA LYS A 80 -0.21 -7.03 -8.58
C LYS A 80 -0.32 -5.97 -7.49
N GLY A 81 -0.18 -6.40 -6.25
CA GLY A 81 -0.22 -5.48 -5.11
C GLY A 81 0.88 -4.44 -5.22
N GLU A 82 2.08 -4.88 -5.60
CA GLU A 82 3.22 -3.98 -5.74
C GLU A 82 2.89 -2.82 -6.67
N SER A 83 2.31 -3.13 -7.82
CA SER A 83 2.00 -2.12 -8.82
C SER A 83 1.01 -1.10 -8.30
N LEU A 84 0.12 -1.55 -7.42
CA LEU A 84 -0.85 -0.66 -6.79
C LEU A 84 -0.18 0.25 -5.77
N PHE A 85 0.81 -0.29 -5.06
CA PHE A 85 1.60 0.50 -4.13
C PHE A 85 2.47 1.51 -4.87
N GLN A 86 2.99 1.11 -6.02
CA GLN A 86 3.80 2.00 -6.85
C GLN A 86 2.96 3.14 -7.40
N ARG A 87 1.73 2.84 -7.76
CA ARG A 87 0.78 3.87 -8.18
C ARG A 87 0.46 4.82 -7.04
N ASN A 88 0.29 4.27 -5.84
CA ASN A 88 0.04 5.07 -4.66
C ASN A 88 1.19 6.03 -4.39
N GLN A 89 2.41 5.56 -4.60
CA GLN A 89 3.59 6.41 -4.48
C GLN A 89 3.50 7.62 -5.39
N GLN A 90 3.08 7.40 -6.63
CA GLN A 90 2.84 8.48 -7.57
C GLN A 90 1.75 9.42 -7.07
N LEU A 91 0.69 8.84 -6.51
CA LEU A 91 -0.45 9.61 -6.05
C LEU A 91 -0.10 10.40 -4.79
N PHE A 92 0.85 9.87 -4.02
CA PHE A 92 1.34 10.57 -2.83
C PHE A 92 2.05 11.87 -3.20
N SER A 93 2.82 11.83 -4.29
CA SER A 93 3.53 13.00 -4.77
C SER A 93 2.56 14.03 -5.34
N GLN A 94 1.44 13.54 -5.88
CA GLN A 94 0.37 14.42 -6.33
C GLN A 94 -0.27 15.16 -5.16
N LEU A 95 -0.46 14.45 -4.05
CA LEU A 95 -1.00 15.06 -2.84
C LEU A 95 -0.08 16.14 -2.31
N LYS A 96 1.22 15.89 -2.36
CA LYS A 96 2.22 16.84 -1.89
C LYS A 96 2.04 18.20 -2.59
N THR A 97 1.90 18.16 -3.91
CA THR A 97 1.69 19.38 -4.68
C THR A 97 0.33 20.00 -4.38
N LEU A 98 -0.71 19.17 -4.41
CA LEU A 98 -2.08 19.66 -4.28
C LEU A 98 -2.32 20.24 -2.89
N PHE A 99 -1.70 19.63 -1.88
CA PHE A 99 -1.84 20.08 -0.51
C PHE A 99 -1.15 21.44 -0.31
N SER A 100 -0.01 21.61 -0.96
CA SER A 100 0.71 22.88 -0.91
C SER A 100 -0.02 23.97 -1.69
N GLN A 101 -0.80 23.55 -2.67
CA GLN A 101 -1.66 24.46 -3.40
C GLN A 101 -2.93 24.78 -2.62
N GLY A 102 -3.41 23.79 -1.87
CA GLY A 102 -4.61 23.95 -1.06
C GLY A 102 -5.84 23.43 -1.79
N ASP A 103 -5.62 22.67 -2.85
CA ASP A 103 -6.71 22.17 -3.68
C ASP A 103 -7.33 20.91 -3.08
N GLU A 104 -8.21 21.10 -2.11
CA GLU A 104 -8.86 19.97 -1.44
C GLU A 104 -9.66 19.14 -2.43
N ASP A 105 -10.32 19.80 -3.37
CA ASP A 105 -11.22 19.13 -4.30
C ASP A 105 -10.48 18.06 -5.09
N THR A 106 -9.38 18.46 -5.73
CA THR A 106 -8.59 17.54 -6.54
C THR A 106 -7.86 16.53 -5.66
N ALA A 107 -7.32 17.00 -4.55
CA ALA A 107 -6.61 16.15 -3.61
C ALA A 107 -7.51 15.05 -3.07
N LYS A 108 -8.77 15.39 -2.83
CA LYS A 108 -9.77 14.42 -2.42
C LYS A 108 -9.93 13.31 -3.45
N ALA A 109 -10.03 13.71 -4.71
CA ALA A 109 -10.14 12.76 -5.82
C ALA A 109 -8.94 11.82 -5.84
N VAL A 110 -7.75 12.38 -5.60
CA VAL A 110 -6.53 11.58 -5.52
C VAL A 110 -6.58 10.63 -4.34
N LEU A 111 -7.05 11.12 -3.20
CA LEU A 111 -7.20 10.29 -2.01
C LEU A 111 -8.19 9.16 -2.26
N GLU A 112 -9.24 9.45 -3.00
CA GLU A 112 -10.23 8.44 -3.36
C GLU A 112 -9.61 7.34 -4.21
N GLU A 113 -8.79 7.73 -5.17
CA GLU A 113 -8.07 6.78 -6.01
C GLU A 113 -7.12 5.93 -5.17
N ILE A 114 -6.43 6.55 -4.23
CA ILE A 114 -5.55 5.84 -3.32
C ILE A 114 -6.33 4.82 -2.49
N GLN A 115 -7.46 5.24 -1.95
CA GLN A 115 -8.30 4.35 -1.14
C GLN A 115 -8.83 3.19 -1.97
N SER A 116 -9.17 3.47 -3.22
CA SER A 116 -9.58 2.43 -4.16
C SER A 116 -8.47 1.40 -4.36
N ASN A 117 -7.25 1.89 -4.55
CA ASN A 117 -6.09 1.02 -4.67
C ASN A 117 -5.89 0.19 -3.41
N LEU A 118 -6.04 0.83 -2.25
CA LEU A 118 -5.91 0.15 -0.97
C LEU A 118 -6.97 -0.94 -0.81
N ASN A 119 -8.19 -0.65 -1.29
CA ASN A 119 -9.26 -1.63 -1.27
C ASN A 119 -8.95 -2.81 -2.18
N GLN A 120 -8.39 -2.51 -3.36
CA GLN A 120 -7.96 -3.55 -4.28
C GLN A 120 -6.83 -4.38 -3.69
N ILE A 121 -5.92 -3.71 -3.00
CA ILE A 121 -4.82 -4.40 -2.33
C ILE A 121 -5.34 -5.34 -1.24
N GLN A 122 -6.34 -4.88 -0.50
CA GLN A 122 -6.96 -5.69 0.54
C GLN A 122 -7.61 -6.94 -0.06
N GLN A 123 -8.20 -6.78 -1.24
CA GLN A 123 -8.73 -7.92 -1.98
C GLN A 123 -7.63 -8.88 -2.38
N ILE A 124 -6.50 -8.33 -2.80
CA ILE A 124 -5.32 -9.14 -3.11
C ILE A 124 -4.79 -9.84 -1.86
N ILE A 125 -4.75 -9.11 -0.75
CA ILE A 125 -4.31 -9.67 0.52
C ILE A 125 -5.17 -10.87 0.91
N THR A 126 -6.48 -10.73 0.75
CA THR A 126 -7.41 -11.82 1.05
C THR A 126 -7.08 -13.07 0.23
N GLU A 127 -6.98 -12.88 -1.08
CA GLU A 127 -6.74 -14.01 -1.98
C GLU A 127 -5.32 -14.55 -1.82
N ALA A 128 -4.38 -13.67 -1.50
CA ALA A 128 -3.00 -14.06 -1.27
C ALA A 128 -2.89 -14.91 0.00
N GLN A 129 -3.59 -14.51 1.04
CA GLN A 129 -3.60 -15.25 2.30
C GLN A 129 -4.10 -16.68 2.09
N LYS A 130 -5.04 -16.84 1.16
CA LYS A 130 -5.60 -18.15 0.86
C LYS A 130 -4.53 -19.09 0.34
N ARG A 131 -3.50 -18.52 -0.28
CA ARG A 131 -2.44 -19.31 -0.90
C ARG A 131 -1.17 -19.30 -0.07
N LEU A 132 -0.97 -18.21 0.68
CA LEU A 132 0.27 -18.00 1.42
C LEU A 132 -0.01 -17.77 2.89
N HIS A 1 -5.99 -22.35 3.02
CA HIS A 1 -5.61 -23.67 2.54
C HIS A 1 -4.14 -23.71 2.14
N HIS A 2 -3.69 -24.86 1.65
CA HIS A 2 -2.29 -25.04 1.27
C HIS A 2 -2.18 -25.64 -0.12
N HIS A 3 -2.95 -25.12 -1.06
CA HIS A 3 -2.89 -25.57 -2.44
C HIS A 3 -2.04 -24.62 -3.29
N HIS A 4 -1.03 -25.16 -3.95
CA HIS A 4 -0.19 -24.39 -4.84
C HIS A 4 -0.84 -24.20 -6.21
N HIS A 5 -0.67 -23.02 -6.78
CA HIS A 5 -1.33 -22.68 -8.05
C HIS A 5 -0.31 -22.37 -9.13
N HIS A 6 -0.79 -22.27 -10.37
CA HIS A 6 0.09 -22.04 -11.51
C HIS A 6 0.63 -20.62 -11.53
N GLU A 7 0.03 -19.76 -10.70
CA GLU A 7 0.50 -18.39 -10.56
C GLU A 7 1.35 -18.22 -9.31
N ASN A 8 1.77 -19.34 -8.73
CA ASN A 8 2.62 -19.34 -7.55
C ASN A 8 1.94 -18.61 -6.39
N LEU A 9 0.64 -18.81 -6.27
CA LEU A 9 -0.18 -18.04 -5.33
C LEU A 9 0.11 -18.45 -3.89
N TYR A 10 0.40 -19.74 -3.69
CA TYR A 10 0.78 -20.24 -2.38
C TYR A 10 2.16 -19.76 -1.98
N PHE A 11 2.26 -19.19 -0.78
CA PHE A 11 3.51 -18.56 -0.33
C PHE A 11 4.50 -19.61 0.15
N GLN A 12 5.78 -19.36 -0.10
CA GLN A 12 6.85 -20.13 0.52
C GLN A 12 7.10 -19.68 1.95
N SER A 13 7.76 -20.53 2.73
CA SER A 13 7.90 -20.31 4.16
C SER A 13 8.56 -18.96 4.45
N SER A 14 9.43 -18.54 3.55
CA SER A 14 10.10 -17.24 3.68
C SER A 14 9.19 -16.10 3.23
N ALA A 15 8.37 -16.37 2.22
CA ALA A 15 7.49 -15.35 1.66
C ALA A 15 6.28 -15.12 2.54
N LYS A 16 5.90 -16.13 3.31
CA LYS A 16 4.78 -16.03 4.24
C LYS A 16 5.01 -14.93 5.26
N GLN A 17 6.24 -14.86 5.79
CA GLN A 17 6.58 -13.87 6.79
C GLN A 17 6.66 -12.48 6.18
N ASP A 18 7.28 -12.37 5.01
CA ASP A 18 7.39 -11.10 4.31
C ASP A 18 6.02 -10.53 3.97
N PHE A 19 5.11 -11.42 3.57
CA PHE A 19 3.73 -11.03 3.31
C PHE A 19 3.07 -10.47 4.57
N ALA A 20 3.18 -11.21 5.67
CA ALA A 20 2.60 -10.80 6.94
C ALA A 20 3.10 -9.42 7.35
N GLU A 21 4.39 -9.18 7.13
CA GLU A 21 4.98 -7.89 7.45
C GLU A 21 4.40 -6.78 6.57
N GLY A 22 4.18 -7.10 5.30
CA GLY A 22 3.60 -6.15 4.35
C GLY A 22 2.19 -5.78 4.75
N VAL A 23 1.41 -6.76 5.20
CA VAL A 23 0.04 -6.54 5.61
C VAL A 23 -0.03 -5.63 6.83
N LYS A 24 0.85 -5.88 7.80
CA LYS A 24 0.91 -5.05 9.00
C LYS A 24 1.24 -3.60 8.65
N LEU A 25 2.16 -3.42 7.71
CA LEU A 25 2.52 -2.09 7.23
C LEU A 25 1.34 -1.43 6.51
N TRP A 26 0.60 -2.24 5.75
CA TRP A 26 -0.61 -1.77 5.09
C TRP A 26 -1.64 -1.27 6.09
N GLN A 27 -1.80 -2.02 7.18
CA GLN A 27 -2.72 -1.64 8.24
C GLN A 27 -2.35 -0.30 8.85
N GLU A 28 -1.05 -0.09 9.08
CA GLU A 28 -0.54 1.20 9.51
C GLU A 28 -0.86 2.29 8.49
N ASN A 29 -0.68 1.97 7.22
CA ASN A 29 -0.96 2.92 6.15
C ASN A 29 -2.43 3.32 6.13
N ALA A 30 -3.30 2.36 6.41
CA ALA A 30 -4.73 2.63 6.50
C ALA A 30 -5.05 3.64 7.59
N VAL A 31 -4.37 3.49 8.73
CA VAL A 31 -4.50 4.46 9.82
C VAL A 31 -3.98 5.83 9.42
N LEU A 32 -2.84 5.84 8.73
CA LEU A 32 -2.23 7.09 8.28
C LEU A 32 -3.14 7.81 7.28
N TRP A 33 -3.82 7.04 6.45
CA TRP A 33 -4.79 7.59 5.51
C TRP A 33 -5.94 8.25 6.24
N THR A 34 -6.43 7.59 7.29
CA THR A 34 -7.46 8.17 8.14
C THR A 34 -7.00 9.50 8.73
N ARG A 35 -5.74 9.58 9.10
CA ARG A 35 -5.17 10.80 9.65
C ARG A 35 -5.09 11.90 8.61
N LEU A 36 -4.86 11.50 7.35
CA LEU A 36 -4.89 12.43 6.24
C LEU A 36 -6.26 13.07 6.08
N VAL A 37 -7.30 12.27 6.26
CA VAL A 37 -8.67 12.77 6.22
C VAL A 37 -8.93 13.77 7.35
N GLN A 38 -8.46 13.43 8.55
CA GLN A 38 -8.58 14.33 9.69
C GLN A 38 -7.83 15.63 9.46
N ALA A 39 -6.61 15.52 8.95
CA ALA A 39 -5.80 16.69 8.63
C ALA A 39 -6.45 17.53 7.53
N PHE A 40 -7.01 16.86 6.53
CA PHE A 40 -7.73 17.53 5.47
C PHE A 40 -8.87 18.37 6.01
N GLN A 41 -9.66 17.78 6.90
CA GLN A 41 -10.81 18.47 7.49
C GLN A 41 -10.38 19.69 8.27
N SER A 42 -9.27 19.57 9.00
CA SER A 42 -8.74 20.66 9.80
C SER A 42 -8.00 21.67 8.92
N GLY A 43 -7.53 21.20 7.77
CA GLY A 43 -6.81 22.07 6.83
C GLY A 43 -5.32 22.14 7.17
N ASP A 44 -4.84 21.13 7.88
CA ASP A 44 -3.44 21.08 8.30
C ASP A 44 -2.59 20.33 7.29
N GLN A 45 -1.94 21.07 6.40
CA GLN A 45 -1.20 20.47 5.29
C GLN A 45 0.20 20.04 5.74
N SER A 46 0.62 20.52 6.90
CA SER A 46 1.94 20.20 7.43
C SER A 46 1.95 18.82 8.05
N THR A 47 0.84 18.44 8.68
CA THR A 47 0.65 17.07 9.14
C THR A 47 0.50 16.11 7.97
N VAL A 48 -0.26 16.52 6.97
CA VAL A 48 -0.39 15.75 5.73
C VAL A 48 0.98 15.38 5.17
N ASP A 49 1.88 16.35 5.13
CA ASP A 49 3.22 16.12 4.62
C ASP A 49 3.92 14.99 5.37
N SER A 50 3.90 15.07 6.70
CA SER A 50 4.58 14.09 7.53
C SER A 50 3.93 12.72 7.42
N LEU A 51 2.62 12.72 7.20
CA LEU A 51 1.87 11.47 7.04
C LEU A 51 2.23 10.79 5.70
N LEU A 52 2.34 11.60 4.65
CA LEU A 52 2.70 11.09 3.34
C LEU A 52 4.15 10.60 3.31
N LYS A 53 5.00 11.25 4.09
CA LYS A 53 6.37 10.80 4.27
C LYS A 53 6.41 9.38 4.85
N GLN A 54 5.62 9.15 5.90
CA GLN A 54 5.54 7.84 6.52
C GLN A 54 4.90 6.82 5.57
N LEU A 55 3.87 7.25 4.87
CA LEU A 55 3.20 6.39 3.90
C LEU A 55 4.14 5.96 2.79
N ASP A 56 4.91 6.93 2.27
CA ASP A 56 5.86 6.66 1.20
C ASP A 56 6.93 5.68 1.66
N ALA A 57 7.42 5.87 2.89
CA ALA A 57 8.40 4.96 3.47
C ALA A 57 7.86 3.55 3.56
N ASN A 58 6.64 3.41 4.08
CA ASN A 58 6.00 2.11 4.23
C ASN A 58 5.74 1.47 2.88
N ALA A 59 5.32 2.27 1.91
CA ALA A 59 5.09 1.78 0.55
C ALA A 59 6.35 1.18 -0.05
N ALA A 60 7.48 1.84 0.18
CA ALA A 60 8.77 1.31 -0.25
C ALA A 60 9.14 0.04 0.51
N ARG A 61 8.88 0.05 1.81
CA ARG A 61 9.18 -1.10 2.66
C ARG A 61 8.41 -2.33 2.20
N VAL A 62 7.12 -2.15 1.93
CA VAL A 62 6.28 -3.24 1.45
C VAL A 62 6.67 -3.66 0.04
N GLU A 63 6.94 -2.68 -0.81
CA GLU A 63 7.42 -2.95 -2.17
C GLU A 63 8.61 -3.91 -2.15
N GLN A 64 9.56 -3.65 -1.27
CA GLN A 64 10.73 -4.51 -1.13
C GLN A 64 10.33 -5.91 -0.68
N LEU A 65 9.42 -5.97 0.28
CA LEU A 65 8.91 -7.25 0.79
C LEU A 65 8.21 -8.03 -0.30
N LEU A 66 7.45 -7.34 -1.14
CA LEU A 66 6.73 -7.97 -2.23
C LEU A 66 7.68 -8.48 -3.30
N GLN A 67 8.76 -7.74 -3.54
CA GLN A 67 9.79 -8.17 -4.48
C GLN A 67 10.51 -9.41 -3.96
N ARG A 68 10.74 -9.46 -2.66
CA ARG A 68 11.28 -10.65 -2.02
C ARG A 68 10.35 -11.85 -2.21
N ILE A 69 9.06 -11.62 -2.03
CA ILE A 69 8.06 -12.66 -2.24
C ILE A 69 8.11 -13.19 -3.68
N ILE A 70 8.29 -12.27 -4.63
CA ILE A 70 8.42 -12.65 -6.03
C ILE A 70 9.68 -13.48 -6.26
N SER A 71 10.77 -13.08 -5.64
CA SER A 71 12.06 -13.75 -5.83
C SER A 71 12.08 -15.10 -5.12
N GLU A 72 11.28 -15.22 -4.07
CA GLU A 72 11.25 -16.44 -3.27
C GLU A 72 10.15 -17.39 -3.76
N THR A 73 8.99 -16.82 -4.07
CA THR A 73 7.84 -17.62 -4.46
C THR A 73 7.47 -17.38 -5.92
N GLY A 74 7.43 -16.10 -6.31
CA GLY A 74 7.00 -15.73 -7.65
C GLY A 74 5.50 -15.47 -7.70
N ASP A 75 4.94 -15.05 -6.56
CA ASP A 75 3.50 -14.87 -6.45
C ASP A 75 3.02 -13.69 -7.29
N GLU A 76 2.11 -13.97 -8.22
CA GLU A 76 1.58 -12.94 -9.10
C GLU A 76 0.83 -11.87 -8.30
N LEU A 77 0.26 -12.27 -7.17
CA LEU A 77 -0.46 -11.35 -6.31
C LEU A 77 0.47 -10.30 -5.73
N ALA A 78 1.69 -10.71 -5.40
CA ALA A 78 2.71 -9.80 -4.90
C ALA A 78 3.08 -8.76 -5.96
N ARG A 79 3.19 -9.21 -7.21
CA ARG A 79 3.46 -8.31 -8.32
C ARG A 79 2.33 -7.30 -8.51
N LYS A 80 1.10 -7.79 -8.44
CA LYS A 80 -0.08 -6.93 -8.57
C LYS A 80 -0.11 -5.89 -7.46
N GLY A 81 0.10 -6.33 -6.22
CA GLY A 81 0.12 -5.43 -5.07
C GLY A 81 1.24 -4.40 -5.22
N GLU A 82 2.40 -4.86 -5.70
CA GLU A 82 3.55 -3.98 -5.88
C GLU A 82 3.19 -2.77 -6.72
N SER A 83 2.56 -3.00 -7.86
CA SER A 83 2.19 -1.93 -8.78
C SER A 83 1.20 -0.97 -8.14
N LEU A 84 0.37 -1.49 -7.25
CA LEU A 84 -0.61 -0.66 -6.54
C LEU A 84 0.09 0.25 -5.53
N PHE A 85 1.11 -0.27 -4.88
CA PHE A 85 1.89 0.51 -3.92
C PHE A 85 2.77 1.54 -4.64
N GLN A 86 3.27 1.15 -5.81
CA GLN A 86 4.06 2.06 -6.64
C GLN A 86 3.21 3.23 -7.13
N ARG A 87 1.96 2.94 -7.48
CA ARG A 87 1.02 3.98 -7.88
C ARG A 87 0.68 4.88 -6.70
N ASN A 88 0.54 4.28 -5.51
CA ASN A 88 0.30 5.05 -4.29
C ASN A 88 1.42 6.03 -4.03
N GLN A 89 2.66 5.60 -4.26
CA GLN A 89 3.81 6.46 -4.12
C GLN A 89 3.69 7.69 -5.03
N GLN A 90 3.24 7.47 -6.26
CA GLN A 90 2.98 8.55 -7.18
C GLN A 90 1.87 9.47 -6.67
N LEU A 91 0.82 8.85 -6.12
CA LEU A 91 -0.32 9.62 -5.61
C LEU A 91 0.07 10.45 -4.41
N PHE A 92 1.02 9.94 -3.62
CA PHE A 92 1.50 10.65 -2.44
C PHE A 92 2.17 11.97 -2.83
N SER A 93 2.97 11.93 -3.90
CA SER A 93 3.63 13.13 -4.39
C SER A 93 2.65 14.05 -5.11
N GLN A 94 1.65 13.45 -5.75
CA GLN A 94 0.60 14.22 -6.41
C GLN A 94 -0.27 14.94 -5.39
N LEU A 95 -0.59 14.26 -4.31
CA LEU A 95 -1.44 14.82 -3.27
C LEU A 95 -0.78 16.02 -2.60
N LYS A 96 0.48 15.85 -2.21
CA LYS A 96 1.26 16.93 -1.61
C LYS A 96 1.37 18.12 -2.55
N THR A 97 1.68 17.84 -3.81
CA THR A 97 1.80 18.88 -4.82
C THR A 97 0.54 19.73 -4.89
N LEU A 98 -0.62 19.07 -4.94
CA LEU A 98 -1.90 19.76 -5.05
C LEU A 98 -2.14 20.66 -3.84
N PHE A 99 -1.73 20.19 -2.66
CA PHE A 99 -1.87 20.97 -1.43
C PHE A 99 -0.98 22.20 -1.46
N SER A 100 0.22 22.04 -2.02
CA SER A 100 1.16 23.16 -2.15
C SER A 100 0.70 24.14 -3.22
N GLN A 101 -0.07 23.64 -4.19
CA GLN A 101 -0.69 24.51 -5.19
C GLN A 101 -1.92 25.22 -4.63
N GLY A 102 -2.63 24.53 -3.72
CA GLY A 102 -3.80 25.11 -3.09
C GLY A 102 -5.07 24.41 -3.53
N ASP A 103 -4.93 23.44 -4.43
CA ASP A 103 -6.07 22.72 -4.99
C ASP A 103 -6.49 21.58 -4.08
N GLU A 104 -7.19 21.92 -3.01
CA GLU A 104 -7.62 20.92 -2.03
C GLU A 104 -8.79 20.10 -2.57
N ASP A 105 -9.50 20.65 -3.54
CA ASP A 105 -10.63 19.96 -4.15
C ASP A 105 -10.17 18.70 -4.89
N THR A 106 -9.17 18.86 -5.75
CA THR A 106 -8.59 17.73 -6.46
C THR A 106 -7.81 16.83 -5.51
N ALA A 107 -7.13 17.45 -4.54
CA ALA A 107 -6.40 16.71 -3.53
C ALA A 107 -7.29 15.70 -2.82
N LYS A 108 -8.50 16.13 -2.49
CA LYS A 108 -9.50 15.24 -1.90
C LYS A 108 -9.74 14.02 -2.79
N ALA A 109 -9.91 14.27 -4.08
CA ALA A 109 -10.14 13.19 -5.03
C ALA A 109 -8.96 12.22 -5.05
N VAL A 110 -7.75 12.76 -5.01
CA VAL A 110 -6.55 11.96 -4.99
C VAL A 110 -6.47 11.11 -3.72
N LEU A 111 -6.80 11.72 -2.58
CA LEU A 111 -6.86 11.01 -1.32
C LEU A 111 -7.81 9.82 -1.40
N GLU A 112 -8.96 10.04 -2.03
CA GLU A 112 -9.92 8.96 -2.24
C GLU A 112 -9.39 7.91 -3.19
N GLU A 113 -8.63 8.36 -4.19
CA GLU A 113 -8.02 7.45 -5.16
C GLU A 113 -6.99 6.54 -4.49
N ILE A 114 -6.27 7.10 -3.51
CA ILE A 114 -5.36 6.30 -2.70
C ILE A 114 -6.08 5.17 -1.98
N GLN A 115 -7.23 5.49 -1.40
CA GLN A 115 -8.03 4.50 -0.70
C GLN A 115 -8.52 3.41 -1.66
N SER A 116 -8.87 3.81 -2.88
CA SER A 116 -9.27 2.87 -3.91
C SER A 116 -8.18 1.82 -4.15
N ASN A 117 -6.94 2.27 -4.26
CA ASN A 117 -5.81 1.38 -4.41
C ASN A 117 -5.63 0.50 -3.17
N LEU A 118 -5.79 1.10 -2.00
CA LEU A 118 -5.69 0.37 -0.74
C LEU A 118 -6.75 -0.72 -0.66
N ASN A 119 -7.94 -0.43 -1.18
CA ASN A 119 -9.00 -1.43 -1.26
C ASN A 119 -8.64 -2.55 -2.22
N GLN A 120 -8.04 -2.18 -3.35
CA GLN A 120 -7.56 -3.16 -4.31
C GLN A 120 -6.44 -4.02 -3.73
N ILE A 121 -5.59 -3.39 -2.93
CA ILE A 121 -4.53 -4.12 -2.23
C ILE A 121 -5.11 -5.10 -1.22
N GLN A 122 -6.16 -4.68 -0.52
CA GLN A 122 -6.86 -5.55 0.41
C GLN A 122 -7.46 -6.75 -0.30
N GLN A 123 -7.94 -6.54 -1.52
CA GLN A 123 -8.43 -7.62 -2.36
C GLN A 123 -7.31 -8.61 -2.69
N ILE A 124 -6.13 -8.08 -2.97
CA ILE A 124 -4.95 -8.91 -3.15
C ILE A 124 -4.59 -9.65 -1.86
N ILE A 125 -4.64 -8.94 -0.74
CA ILE A 125 -4.36 -9.54 0.56
C ILE A 125 -5.36 -10.64 0.89
N THR A 126 -6.63 -10.40 0.58
CA THR A 126 -7.68 -11.35 0.88
C THR A 126 -7.41 -12.71 0.23
N GLU A 127 -7.17 -12.69 -1.08
CA GLU A 127 -6.89 -13.91 -1.81
C GLU A 127 -5.53 -14.49 -1.45
N ALA A 128 -4.59 -13.61 -1.16
CA ALA A 128 -3.26 -14.02 -0.71
C ALA A 128 -3.35 -14.73 0.63
N GLN A 129 -4.22 -14.23 1.51
CA GLN A 129 -4.43 -14.86 2.81
C GLN A 129 -4.97 -16.28 2.65
N LYS A 130 -5.86 -16.47 1.68
CA LYS A 130 -6.38 -17.80 1.36
C LYS A 130 -5.26 -18.74 0.98
N ARG A 131 -4.22 -18.21 0.34
CA ARG A 131 -3.08 -19.01 -0.09
C ARG A 131 -1.90 -18.84 0.84
N LEU A 132 -2.15 -18.35 2.04
CA LEU A 132 -1.11 -18.11 3.02
C LEU A 132 -1.00 -19.26 4.01
N HIS A 1 -3.34 -8.92 -15.02
CA HIS A 1 -3.48 -8.98 -13.56
C HIS A 1 -3.82 -10.40 -13.11
N HIS A 2 -4.11 -10.55 -11.83
CA HIS A 2 -4.42 -11.85 -11.26
C HIS A 2 -5.75 -12.37 -11.77
N HIS A 3 -5.78 -13.64 -12.16
CA HIS A 3 -7.00 -14.26 -12.65
C HIS A 3 -7.34 -15.51 -11.86
N HIS A 4 -8.54 -16.05 -12.08
CA HIS A 4 -9.00 -17.23 -11.36
C HIS A 4 -8.36 -18.50 -11.91
N HIS A 5 -7.56 -18.33 -12.96
CA HIS A 5 -6.80 -19.45 -13.52
C HIS A 5 -5.37 -19.44 -13.02
N HIS A 6 -5.07 -18.52 -12.11
CA HIS A 6 -3.73 -18.42 -11.53
C HIS A 6 -3.41 -19.65 -10.68
N GLU A 7 -2.20 -20.17 -10.86
CA GLU A 7 -1.76 -21.35 -10.11
C GLU A 7 -1.67 -21.06 -8.62
N ASN A 8 -2.14 -21.99 -7.81
CA ASN A 8 -2.14 -21.83 -6.36
C ASN A 8 -0.74 -22.00 -5.79
N LEU A 9 0.08 -20.95 -5.92
CA LEU A 9 1.42 -20.97 -5.36
C LEU A 9 1.41 -20.55 -3.88
N TYR A 10 2.36 -21.09 -3.12
CA TYR A 10 2.40 -20.87 -1.68
C TYR A 10 3.59 -20.00 -1.29
N PHE A 11 3.53 -19.43 -0.09
CA PHE A 11 4.59 -18.57 0.41
C PHE A 11 5.74 -19.39 0.99
N GLN A 12 6.95 -18.92 0.77
CA GLN A 12 8.13 -19.57 1.35
C GLN A 12 8.38 -19.09 2.76
N SER A 13 9.36 -19.70 3.43
CA SER A 13 9.65 -19.40 4.83
C SER A 13 9.96 -17.92 5.02
N SER A 14 10.54 -17.31 4.00
CA SER A 14 10.80 -15.87 4.02
C SER A 14 9.60 -15.08 3.54
N ALA A 15 9.07 -15.45 2.38
CA ALA A 15 7.98 -14.69 1.76
C ALA A 15 6.76 -14.64 2.66
N LYS A 16 6.52 -15.73 3.39
CA LYS A 16 5.39 -15.79 4.31
C LYS A 16 5.48 -14.69 5.36
N GLN A 17 6.65 -14.55 5.97
CA GLN A 17 6.88 -13.50 6.96
C GLN A 17 6.86 -12.12 6.32
N ASP A 18 7.47 -12.01 5.14
CA ASP A 18 7.48 -10.77 4.38
C ASP A 18 6.07 -10.30 4.07
N PHE A 19 5.20 -11.25 3.72
CA PHE A 19 3.79 -10.95 3.51
C PHE A 19 3.15 -10.40 4.78
N ALA A 20 3.35 -11.10 5.89
CA ALA A 20 2.79 -10.68 7.17
C ALA A 20 3.25 -9.28 7.54
N GLU A 21 4.52 -8.99 7.27
CA GLU A 21 5.08 -7.67 7.54
C GLU A 21 4.45 -6.61 6.64
N GLY A 22 4.22 -6.98 5.38
CA GLY A 22 3.60 -6.07 4.42
C GLY A 22 2.17 -5.73 4.85
N VAL A 23 1.45 -6.73 5.34
CA VAL A 23 0.08 -6.51 5.81
C VAL A 23 0.04 -5.55 6.99
N LYS A 24 0.95 -5.75 7.95
CA LYS A 24 1.01 -4.89 9.12
C LYS A 24 1.33 -3.45 8.73
N LEU A 25 2.24 -3.28 7.78
CA LEU A 25 2.58 -1.96 7.26
C LEU A 25 1.41 -1.33 6.53
N TRP A 26 0.68 -2.16 5.79
CA TRP A 26 -0.53 -1.69 5.11
C TRP A 26 -1.58 -1.23 6.11
N GLN A 27 -1.74 -1.99 7.20
CA GLN A 27 -2.67 -1.61 8.26
C GLN A 27 -2.29 -0.27 8.88
N GLU A 28 -1.00 -0.07 9.09
CA GLU A 28 -0.48 1.22 9.55
C GLU A 28 -0.82 2.33 8.56
N ASN A 29 -0.63 2.04 7.28
CA ASN A 29 -0.91 3.01 6.23
C ASN A 29 -2.39 3.37 6.19
N ALA A 30 -3.24 2.38 6.46
CA ALA A 30 -4.68 2.60 6.53
C ALA A 30 -5.03 3.60 7.63
N VAL A 31 -4.37 3.48 8.77
CA VAL A 31 -4.54 4.43 9.86
C VAL A 31 -3.98 5.80 9.50
N LEU A 32 -2.79 5.80 8.91
CA LEU A 32 -2.14 7.05 8.53
C LEU A 32 -2.93 7.79 7.47
N TRP A 33 -3.50 7.03 6.52
CA TRP A 33 -4.33 7.62 5.48
C TRP A 33 -5.60 8.21 6.08
N THR A 34 -6.21 7.50 7.01
CA THR A 34 -7.36 8.02 7.75
C THR A 34 -7.02 9.35 8.42
N ARG A 35 -5.86 9.40 9.07
CA ARG A 35 -5.39 10.63 9.69
C ARG A 35 -5.08 11.69 8.64
N LEU A 36 -4.56 11.26 7.50
CA LEU A 36 -4.27 12.17 6.40
C LEU A 36 -5.53 12.91 5.94
N VAL A 37 -6.62 12.18 5.82
CA VAL A 37 -7.90 12.78 5.44
C VAL A 37 -8.41 13.72 6.51
N GLN A 38 -8.30 13.31 7.77
CA GLN A 38 -8.71 14.14 8.89
C GLN A 38 -7.97 15.47 8.90
N ALA A 39 -6.65 15.40 8.79
CA ALA A 39 -5.82 16.61 8.75
C ALA A 39 -6.07 17.41 7.47
N PHE A 40 -6.30 16.70 6.38
CA PHE A 40 -6.68 17.34 5.12
C PHE A 40 -7.92 18.20 5.28
N GLN A 41 -8.94 17.62 5.92
CA GLN A 41 -10.19 18.34 6.14
C GLN A 41 -9.97 19.57 7.00
N SER A 42 -9.10 19.45 8.00
CA SER A 42 -8.77 20.57 8.88
C SER A 42 -7.90 21.58 8.15
N GLY A 43 -7.20 21.14 7.12
CA GLY A 43 -6.38 22.02 6.30
C GLY A 43 -5.00 22.22 6.90
N ASP A 44 -4.52 21.22 7.63
CA ASP A 44 -3.22 21.28 8.28
C ASP A 44 -2.13 20.78 7.35
N GLN A 45 -1.40 21.70 6.74
CA GLN A 45 -0.41 21.34 5.73
C GLN A 45 0.77 20.59 6.34
N SER A 46 1.10 20.95 7.59
CA SER A 46 2.31 20.43 8.23
C SER A 46 2.14 18.97 8.61
N THR A 47 0.94 18.61 9.05
CA THR A 47 0.66 17.25 9.49
C THR A 47 0.58 16.29 8.30
N VAL A 48 -0.17 16.71 7.27
CA VAL A 48 -0.39 15.87 6.11
C VAL A 48 0.90 15.62 5.34
N ASP A 49 1.83 16.56 5.44
CA ASP A 49 3.15 16.42 4.83
C ASP A 49 3.93 15.29 5.48
N SER A 50 3.94 15.27 6.81
CA SER A 50 4.66 14.25 7.56
C SER A 50 3.99 12.88 7.41
N LEU A 51 2.67 12.89 7.25
CA LEU A 51 1.92 11.66 7.06
C LEU A 51 2.20 11.04 5.71
N LEU A 52 2.30 11.88 4.68
CA LEU A 52 2.67 11.42 3.34
C LEU A 52 4.07 10.82 3.33
N LYS A 53 4.97 11.43 4.08
CA LYS A 53 6.33 10.91 4.24
C LYS A 53 6.30 9.49 4.80
N GLN A 54 5.52 9.29 5.87
CA GLN A 54 5.40 7.98 6.49
C GLN A 54 4.72 6.99 5.55
N LEU A 55 3.67 7.44 4.87
CA LEU A 55 2.95 6.60 3.92
C LEU A 55 3.86 6.16 2.78
N ASP A 56 4.65 7.09 2.26
CA ASP A 56 5.57 6.80 1.17
C ASP A 56 6.66 5.81 1.61
N ALA A 57 7.19 6.03 2.80
CA ALA A 57 8.22 5.16 3.35
C ALA A 57 7.71 3.73 3.47
N ASN A 58 6.52 3.57 4.04
CA ASN A 58 5.93 2.25 4.24
C ASN A 58 5.62 1.58 2.91
N ALA A 59 5.12 2.37 1.96
CA ALA A 59 4.81 1.86 0.62
C ALA A 59 6.06 1.28 -0.04
N ALA A 60 7.18 1.96 0.12
CA ALA A 60 8.45 1.47 -0.38
C ALA A 60 8.90 0.21 0.35
N ARG A 61 8.70 0.21 1.66
CA ARG A 61 9.05 -0.93 2.49
C ARG A 61 8.29 -2.18 2.08
N VAL A 62 6.98 -2.02 1.86
CA VAL A 62 6.14 -3.13 1.43
C VAL A 62 6.47 -3.56 0.02
N GLU A 63 6.73 -2.59 -0.85
CA GLU A 63 7.17 -2.87 -2.22
C GLU A 63 8.34 -3.85 -2.22
N GLN A 64 9.35 -3.57 -1.40
CA GLN A 64 10.52 -4.43 -1.30
C GLN A 64 10.14 -5.82 -0.80
N LEU A 65 9.26 -5.86 0.20
CA LEU A 65 8.78 -7.13 0.73
C LEU A 65 8.04 -7.93 -0.32
N LEU A 66 7.25 -7.25 -1.14
CA LEU A 66 6.51 -7.90 -2.21
C LEU A 66 7.44 -8.43 -3.29
N GLN A 67 8.51 -7.68 -3.56
CA GLN A 67 9.51 -8.11 -4.54
C GLN A 67 10.21 -9.39 -4.08
N ARG A 68 10.46 -9.48 -2.78
CA ARG A 68 10.98 -10.72 -2.19
C ARG A 68 9.99 -11.87 -2.37
N ILE A 69 8.72 -11.59 -2.12
CA ILE A 69 7.67 -12.58 -2.32
C ILE A 69 7.61 -13.05 -3.77
N ILE A 70 7.80 -12.11 -4.69
CA ILE A 70 7.84 -12.43 -6.12
C ILE A 70 9.02 -13.35 -6.44
N SER A 71 10.17 -13.04 -5.87
CA SER A 71 11.38 -13.80 -6.15
C SER A 71 11.31 -15.19 -5.52
N GLU A 72 10.55 -15.31 -4.43
CA GLU A 72 10.43 -16.57 -3.71
C GLU A 72 9.28 -17.41 -4.26
N THR A 73 8.15 -16.76 -4.48
CA THR A 73 6.94 -17.46 -4.92
C THR A 73 6.59 -17.09 -6.36
N GLY A 74 6.54 -15.79 -6.64
CA GLY A 74 6.20 -15.31 -7.96
C GLY A 74 4.69 -15.26 -8.17
N ASP A 75 3.96 -14.99 -7.09
CA ASP A 75 2.51 -14.90 -7.15
C ASP A 75 2.06 -13.56 -7.74
N GLU A 76 1.19 -13.63 -8.73
CA GLU A 76 0.70 -12.43 -9.40
C GLU A 76 0.12 -11.44 -8.40
N LEU A 77 -0.42 -11.96 -7.30
CA LEU A 77 -0.97 -11.13 -6.24
C LEU A 77 0.06 -10.13 -5.73
N ALA A 78 1.30 -10.59 -5.58
CA ALA A 78 2.39 -9.73 -5.13
C ALA A 78 2.79 -8.73 -6.21
N ARG A 79 2.80 -9.18 -7.46
CA ARG A 79 3.15 -8.32 -8.58
C ARG A 79 2.13 -7.19 -8.75
N LYS A 80 0.84 -7.55 -8.64
CA LYS A 80 -0.22 -6.56 -8.69
C LYS A 80 -0.10 -5.57 -7.55
N GLY A 81 0.03 -6.09 -6.33
CA GLY A 81 0.15 -5.25 -5.14
C GLY A 81 1.31 -4.28 -5.27
N GLU A 82 2.43 -4.77 -5.78
CA GLU A 82 3.62 -3.94 -5.98
C GLU A 82 3.28 -2.69 -6.78
N SER A 83 2.63 -2.89 -7.93
CA SER A 83 2.31 -1.79 -8.82
C SER A 83 1.32 -0.82 -8.18
N LEU A 84 0.46 -1.36 -7.31
CA LEU A 84 -0.51 -0.54 -6.61
C LEU A 84 0.16 0.36 -5.58
N PHE A 85 1.17 -0.18 -4.91
CA PHE A 85 1.94 0.61 -3.94
C PHE A 85 2.84 1.61 -4.64
N GLN A 86 3.37 1.22 -5.80
CA GLN A 86 4.18 2.12 -6.61
C GLN A 86 3.36 3.31 -7.10
N ARG A 87 2.12 3.05 -7.49
CA ARG A 87 1.20 4.11 -7.87
C ARG A 87 0.85 5.01 -6.69
N ASN A 88 0.63 4.40 -5.54
CA ASN A 88 0.34 5.14 -4.32
C ASN A 88 1.48 6.08 -3.96
N GLN A 89 2.71 5.61 -4.13
CA GLN A 89 3.89 6.44 -3.91
C GLN A 89 3.85 7.69 -4.78
N GLN A 90 3.50 7.51 -6.06
CA GLN A 90 3.31 8.64 -6.96
C GLN A 90 2.21 9.56 -6.48
N LEU A 91 1.10 8.97 -6.04
CA LEU A 91 -0.06 9.74 -5.61
C LEU A 91 0.22 10.51 -4.34
N PHE A 92 1.10 9.97 -3.51
CA PHE A 92 1.51 10.63 -2.28
C PHE A 92 2.28 11.91 -2.58
N SER A 93 3.15 11.85 -3.58
CA SER A 93 3.93 13.01 -3.99
C SER A 93 3.04 14.05 -4.68
N GLN A 94 1.99 13.58 -5.33
CA GLN A 94 1.00 14.47 -5.91
C GLN A 94 0.24 15.26 -4.83
N LEU A 95 -0.16 14.55 -3.78
CA LEU A 95 -0.84 15.19 -2.66
C LEU A 95 0.04 16.24 -2.00
N LYS A 96 1.33 15.92 -1.85
CA LYS A 96 2.29 16.86 -1.27
C LYS A 96 2.23 18.21 -1.99
N THR A 97 2.30 18.18 -3.32
CA THR A 97 2.21 19.39 -4.12
C THR A 97 0.84 20.04 -3.99
N LEU A 98 -0.21 19.22 -4.08
CA LEU A 98 -1.57 19.73 -4.06
C LEU A 98 -1.90 20.39 -2.73
N PHE A 99 -1.32 19.85 -1.65
CA PHE A 99 -1.57 20.38 -0.31
C PHE A 99 -0.92 21.75 -0.14
N SER A 100 0.26 21.92 -0.73
CA SER A 100 0.94 23.21 -0.72
C SER A 100 0.29 24.18 -1.70
N GLN A 101 -0.31 23.64 -2.75
CA GLN A 101 -1.07 24.44 -3.70
C GLN A 101 -2.38 24.92 -3.09
N GLY A 102 -3.01 24.06 -2.30
CA GLY A 102 -4.30 24.37 -1.70
C GLY A 102 -5.45 23.80 -2.52
N ASP A 103 -5.12 22.92 -3.46
CA ASP A 103 -6.11 22.35 -4.36
C ASP A 103 -6.83 21.17 -3.71
N GLU A 104 -7.82 21.47 -2.89
CA GLU A 104 -8.55 20.45 -2.16
C GLU A 104 -9.35 19.56 -3.10
N ASP A 105 -9.84 20.15 -4.18
CA ASP A 105 -10.69 19.42 -5.13
C ASP A 105 -9.95 18.24 -5.74
N THR A 106 -8.77 18.51 -6.28
CA THR A 106 -7.95 17.47 -6.89
C THR A 106 -7.39 16.52 -5.84
N ALA A 107 -6.95 17.09 -4.72
CA ALA A 107 -6.39 16.30 -3.63
C ALA A 107 -7.36 15.23 -3.16
N LYS A 108 -8.62 15.61 -3.03
CA LYS A 108 -9.68 14.68 -2.66
C LYS A 108 -9.76 13.53 -3.66
N ALA A 109 -9.77 13.87 -4.94
CA ALA A 109 -9.83 12.86 -5.99
C ALA A 109 -8.65 11.90 -5.92
N VAL A 110 -7.47 12.44 -5.62
CA VAL A 110 -6.27 11.64 -5.49
C VAL A 110 -6.37 10.70 -4.28
N LEU A 111 -6.90 11.22 -3.18
CA LEU A 111 -7.13 10.42 -1.99
C LEU A 111 -8.08 9.25 -2.28
N GLU A 112 -9.10 9.51 -3.09
CA GLU A 112 -10.05 8.48 -3.49
C GLU A 112 -9.37 7.41 -4.33
N GLU A 113 -8.50 7.84 -5.24
CA GLU A 113 -7.72 6.92 -6.06
C GLU A 113 -6.83 6.05 -5.20
N ILE A 114 -6.19 6.64 -4.20
CA ILE A 114 -5.34 5.92 -3.27
C ILE A 114 -6.14 4.84 -2.53
N GLN A 115 -7.30 5.22 -2.02
CA GLN A 115 -8.16 4.30 -1.30
C GLN A 115 -8.64 3.16 -2.19
N SER A 116 -8.91 3.49 -3.46
CA SER A 116 -9.27 2.48 -4.45
C SER A 116 -8.17 1.44 -4.61
N ASN A 117 -6.92 1.90 -4.63
CA ASN A 117 -5.77 1.01 -4.67
C ASN A 117 -5.66 0.20 -3.38
N LEU A 118 -5.91 0.85 -2.25
CA LEU A 118 -5.85 0.20 -0.94
C LEU A 118 -6.92 -0.88 -0.83
N ASN A 119 -8.07 -0.63 -1.46
CA ASN A 119 -9.15 -1.62 -1.49
C ASN A 119 -8.74 -2.86 -2.27
N GLN A 120 -8.07 -2.65 -3.39
CA GLN A 120 -7.54 -3.76 -4.18
C GLN A 120 -6.45 -4.51 -3.43
N ILE A 121 -5.61 -3.76 -2.72
CA ILE A 121 -4.57 -4.35 -1.89
C ILE A 121 -5.16 -5.19 -0.77
N GLN A 122 -6.21 -4.67 -0.15
CA GLN A 122 -6.95 -5.43 0.86
C GLN A 122 -7.44 -6.76 0.30
N GLN A 123 -8.01 -6.73 -0.91
CA GLN A 123 -8.46 -7.94 -1.57
C GLN A 123 -7.31 -8.89 -1.84
N ILE A 124 -6.17 -8.34 -2.26
CA ILE A 124 -4.97 -9.12 -2.48
C ILE A 124 -4.54 -9.84 -1.22
N ILE A 125 -4.54 -9.11 -0.10
CA ILE A 125 -4.18 -9.68 1.19
C ILE A 125 -5.12 -10.81 1.57
N THR A 126 -6.41 -10.56 1.43
CA THR A 126 -7.42 -11.55 1.79
C THR A 126 -7.27 -12.83 0.98
N GLU A 127 -7.14 -12.68 -0.33
CA GLU A 127 -7.07 -13.82 -1.24
C GLU A 127 -5.75 -14.56 -1.08
N ALA A 128 -4.69 -13.83 -0.77
CA ALA A 128 -3.39 -14.43 -0.49
C ALA A 128 -3.46 -15.32 0.74
N GLN A 129 -4.20 -14.88 1.76
CA GLN A 129 -4.40 -15.67 2.96
C GLN A 129 -5.22 -16.93 2.67
N LYS A 130 -6.19 -16.79 1.78
CA LYS A 130 -6.98 -17.93 1.33
C LYS A 130 -6.11 -18.96 0.63
N ARG A 131 -5.20 -18.49 -0.20
CA ARG A 131 -4.34 -19.38 -0.98
C ARG A 131 -3.34 -20.11 -0.08
N LEU A 132 -2.76 -19.37 0.87
CA LEU A 132 -1.79 -19.95 1.79
C LEU A 132 -2.47 -20.86 2.80
N HIS A 1 -17.64 -15.35 -12.98
CA HIS A 1 -16.24 -15.76 -13.01
C HIS A 1 -15.34 -14.66 -12.47
N HIS A 2 -14.12 -15.04 -12.09
CA HIS A 2 -13.16 -14.09 -11.56
C HIS A 2 -11.76 -14.69 -11.53
N HIS A 3 -10.81 -13.94 -10.98
CA HIS A 3 -9.42 -14.38 -10.90
C HIS A 3 -9.30 -15.61 -10.00
N HIS A 4 -8.52 -16.59 -10.45
CA HIS A 4 -8.34 -17.82 -9.71
C HIS A 4 -6.87 -18.14 -9.50
N HIS A 5 -6.21 -17.34 -8.67
CA HIS A 5 -4.80 -17.52 -8.37
C HIS A 5 -4.57 -18.82 -7.60
N HIS A 6 -3.50 -19.53 -7.96
CA HIS A 6 -3.15 -20.77 -7.28
C HIS A 6 -2.69 -20.51 -5.86
N GLU A 7 -2.70 -21.56 -5.03
CA GLU A 7 -2.34 -21.43 -3.63
C GLU A 7 -0.82 -21.41 -3.45
N ASN A 8 -0.37 -20.75 -2.39
CA ASN A 8 1.06 -20.66 -2.10
C ASN A 8 1.39 -21.38 -0.80
N LEU A 9 0.54 -22.33 -0.41
CA LEU A 9 0.66 -22.96 0.89
C LEU A 9 1.90 -23.83 0.98
N TYR A 10 2.38 -24.30 -0.18
CA TYR A 10 3.49 -25.24 -0.22
C TYR A 10 4.78 -24.54 -0.61
N PHE A 11 4.85 -23.23 -0.36
CA PHE A 11 6.07 -22.47 -0.58
C PHE A 11 6.77 -22.16 0.72
N GLN A 12 7.99 -21.64 0.62
CA GLN A 12 8.81 -21.38 1.80
C GLN A 12 8.17 -20.35 2.72
N SER A 13 8.27 -20.58 4.02
CA SER A 13 7.60 -19.73 5.00
C SER A 13 8.26 -18.36 5.07
N SER A 14 9.48 -18.27 4.55
CA SER A 14 10.20 -17.00 4.50
C SER A 14 9.47 -15.99 3.63
N ALA A 15 8.76 -16.48 2.62
CA ALA A 15 7.93 -15.64 1.77
C ALA A 15 6.61 -15.31 2.46
N LYS A 16 6.09 -16.28 3.22
CA LYS A 16 4.89 -16.05 4.03
C LYS A 16 5.13 -14.97 5.08
N GLN A 17 6.34 -14.96 5.63
CA GLN A 17 6.71 -13.98 6.63
C GLN A 17 6.83 -12.58 6.03
N ASP A 18 7.45 -12.51 4.85
CA ASP A 18 7.58 -11.25 4.13
C ASP A 18 6.21 -10.65 3.84
N PHE A 19 5.25 -11.50 3.48
CA PHE A 19 3.86 -11.07 3.32
C PHE A 19 3.31 -10.51 4.62
N ALA A 20 3.46 -11.26 5.70
CA ALA A 20 2.95 -10.85 7.01
C ALA A 20 3.51 -9.49 7.41
N GLU A 21 4.78 -9.28 7.11
CA GLU A 21 5.43 -8.01 7.41
C GLU A 21 4.84 -6.87 6.59
N GLY A 22 4.52 -7.16 5.33
CA GLY A 22 3.91 -6.18 4.44
C GLY A 22 2.51 -5.81 4.92
N VAL A 23 1.78 -6.80 5.41
CA VAL A 23 0.43 -6.58 5.92
C VAL A 23 0.44 -5.68 7.14
N LYS A 24 1.37 -5.97 8.07
CA LYS A 24 1.52 -5.17 9.27
C LYS A 24 1.84 -3.71 8.94
N LEU A 25 2.70 -3.52 7.95
CA LEU A 25 3.01 -2.19 7.46
C LEU A 25 1.79 -1.51 6.84
N TRP A 26 1.02 -2.29 6.10
CA TRP A 26 -0.22 -1.80 5.52
C TRP A 26 -1.22 -1.39 6.60
N GLN A 27 -1.31 -2.20 7.65
CA GLN A 27 -2.18 -1.91 8.77
C GLN A 27 -1.80 -0.59 9.44
N GLU A 28 -0.50 -0.37 9.61
CA GLU A 28 0.00 0.92 10.07
C GLU A 28 -0.41 2.04 9.12
N ASN A 29 -0.27 1.79 7.82
CA ASN A 29 -0.66 2.77 6.81
C ASN A 29 -2.15 3.05 6.86
N ALA A 30 -2.94 2.03 7.17
CA ALA A 30 -4.38 2.17 7.29
C ALA A 30 -4.75 3.14 8.42
N VAL A 31 -4.02 3.04 9.54
CA VAL A 31 -4.21 3.96 10.65
C VAL A 31 -3.76 5.37 10.28
N LEU A 32 -2.59 5.48 9.67
CA LEU A 32 -2.06 6.77 9.26
C LEU A 32 -2.92 7.40 8.17
N TRP A 33 -3.46 6.56 7.29
CA TRP A 33 -4.35 7.02 6.23
C TRP A 33 -5.64 7.58 6.80
N THR A 34 -6.22 6.85 7.76
CA THR A 34 -7.41 7.32 8.46
C THR A 34 -7.18 8.69 9.07
N ARG A 35 -6.05 8.87 9.73
CA ARG A 35 -5.68 10.15 10.33
C ARG A 35 -5.50 11.21 9.25
N LEU A 36 -4.90 10.82 8.13
CA LEU A 36 -4.68 11.74 7.01
C LEU A 36 -6.00 12.29 6.50
N VAL A 37 -6.96 11.42 6.26
CA VAL A 37 -8.28 11.83 5.79
C VAL A 37 -8.93 12.81 6.76
N GLN A 38 -8.84 12.50 8.06
CA GLN A 38 -9.37 13.38 9.09
C GLN A 38 -8.70 14.74 9.07
N ALA A 39 -7.38 14.74 8.92
CA ALA A 39 -6.62 15.98 8.83
C ALA A 39 -7.01 16.79 7.60
N PHE A 40 -7.18 16.09 6.47
CA PHE A 40 -7.61 16.73 5.24
C PHE A 40 -8.96 17.42 5.42
N GLN A 41 -9.89 16.73 6.08
CA GLN A 41 -11.21 17.29 6.35
C GLN A 41 -11.11 18.55 7.20
N SER A 42 -10.21 18.53 8.19
CA SER A 42 -10.01 19.68 9.05
C SER A 42 -9.23 20.78 8.34
N GLY A 43 -8.49 20.39 7.30
CA GLY A 43 -7.74 21.34 6.50
C GLY A 43 -6.28 21.41 6.92
N ASP A 44 -5.88 20.49 7.79
CA ASP A 44 -4.52 20.47 8.31
C ASP A 44 -3.57 19.81 7.34
N GLN A 45 -3.06 20.60 6.39
CA GLN A 45 -2.19 20.07 5.35
C GLN A 45 -0.84 19.63 5.92
N SER A 46 -0.43 20.28 7.00
CA SER A 46 0.89 20.05 7.57
C SER A 46 1.01 18.65 8.16
N THR A 47 -0.08 18.18 8.76
CA THR A 47 -0.15 16.81 9.26
C THR A 47 -0.26 15.81 8.11
N VAL A 48 -1.08 16.14 7.12
CA VAL A 48 -1.24 15.30 5.94
C VAL A 48 0.10 15.05 5.27
N ASP A 49 0.85 16.13 5.05
CA ASP A 49 2.15 16.03 4.39
C ASP A 49 3.10 15.13 5.18
N SER A 50 3.12 15.31 6.50
CA SER A 50 3.93 14.47 7.37
C SER A 50 3.53 13.01 7.27
N LEU A 51 2.22 12.76 7.22
CA LEU A 51 1.69 11.41 7.12
C LEU A 51 2.01 10.79 5.76
N LEU A 52 1.99 11.62 4.72
CA LEU A 52 2.34 11.18 3.38
C LEU A 52 3.78 10.67 3.32
N LYS A 53 4.66 11.36 4.06
CA LYS A 53 6.05 10.92 4.16
C LYS A 53 6.16 9.55 4.80
N GLN A 54 5.38 9.33 5.85
CA GLN A 54 5.36 8.04 6.54
C GLN A 54 4.73 6.96 5.67
N LEU A 55 3.65 7.31 4.99
CA LEU A 55 2.97 6.39 4.09
C LEU A 55 3.87 5.99 2.93
N ASP A 56 4.61 6.96 2.40
CA ASP A 56 5.54 6.70 1.30
C ASP A 56 6.65 5.76 1.72
N ALA A 57 7.21 5.99 2.90
CA ALA A 57 8.27 5.15 3.43
C ALA A 57 7.81 3.71 3.58
N ASN A 58 6.64 3.52 4.17
CA ASN A 58 6.09 2.18 4.38
C ASN A 58 5.73 1.52 3.06
N ALA A 59 5.21 2.32 2.14
CA ALA A 59 4.86 1.81 0.81
C ALA A 59 6.08 1.23 0.10
N ALA A 60 7.21 1.92 0.23
CA ALA A 60 8.47 1.43 -0.33
C ALA A 60 8.92 0.14 0.36
N ARG A 61 8.75 0.09 1.68
CA ARG A 61 9.12 -1.08 2.45
C ARG A 61 8.32 -2.30 2.01
N VAL A 62 7.01 -2.11 1.85
CA VAL A 62 6.13 -3.19 1.41
C VAL A 62 6.43 -3.58 -0.04
N GLU A 63 6.66 -2.58 -0.88
CA GLU A 63 7.06 -2.82 -2.26
C GLU A 63 8.21 -3.81 -2.34
N GLN A 64 9.24 -3.58 -1.54
CA GLN A 64 10.41 -4.45 -1.51
C GLN A 64 10.03 -5.86 -1.06
N LEU A 65 9.18 -5.94 -0.04
CA LEU A 65 8.73 -7.22 0.47
C LEU A 65 7.93 -7.99 -0.58
N LEU A 66 7.12 -7.26 -1.35
CA LEU A 66 6.34 -7.86 -2.42
C LEU A 66 7.24 -8.36 -3.55
N GLN A 67 8.30 -7.60 -3.82
CA GLN A 67 9.28 -8.01 -4.81
C GLN A 67 9.99 -9.30 -4.40
N ARG A 68 10.29 -9.42 -3.12
CA ARG A 68 10.83 -10.65 -2.56
C ARG A 68 9.87 -11.82 -2.76
N ILE A 69 8.59 -11.59 -2.46
CA ILE A 69 7.56 -12.60 -2.64
C ILE A 69 7.49 -13.07 -4.09
N ILE A 70 7.65 -12.14 -5.03
CA ILE A 70 7.70 -12.48 -6.44
C ILE A 70 8.88 -13.38 -6.75
N SER A 71 10.04 -13.05 -6.19
CA SER A 71 11.26 -13.80 -6.46
C SER A 71 11.24 -15.15 -5.76
N GLU A 72 10.47 -15.24 -4.68
CA GLU A 72 10.42 -16.44 -3.86
C GLU A 72 9.30 -17.37 -4.31
N THR A 73 8.15 -16.79 -4.61
CA THR A 73 6.97 -17.57 -4.98
C THR A 73 6.56 -17.29 -6.43
N GLY A 74 6.56 -16.01 -6.80
CA GLY A 74 6.09 -15.60 -8.12
C GLY A 74 4.60 -15.25 -8.08
N ASP A 75 4.09 -14.99 -6.88
CA ASP A 75 2.69 -14.63 -6.72
C ASP A 75 2.33 -13.40 -7.55
N GLU A 76 1.32 -13.52 -8.40
CA GLU A 76 0.97 -12.47 -9.34
C GLU A 76 0.21 -11.35 -8.64
N LEU A 77 -0.54 -11.71 -7.59
CA LEU A 77 -1.29 -10.73 -6.82
C LEU A 77 -0.36 -9.81 -6.04
N ALA A 78 0.78 -10.36 -5.62
CA ALA A 78 1.83 -9.56 -5.01
C ALA A 78 2.37 -8.53 -5.99
N ARG A 79 2.57 -8.96 -7.24
CA ARG A 79 3.00 -8.06 -8.30
C ARG A 79 1.97 -6.96 -8.54
N LYS A 80 0.70 -7.33 -8.57
CA LYS A 80 -0.38 -6.37 -8.65
C LYS A 80 -0.32 -5.35 -7.51
N GLY A 81 -0.19 -5.86 -6.30
CA GLY A 81 -0.07 -5.01 -5.12
C GLY A 81 1.11 -4.06 -5.25
N GLU A 82 2.23 -4.57 -5.73
CA GLU A 82 3.43 -3.77 -5.92
C GLU A 82 3.13 -2.51 -6.73
N SER A 83 2.47 -2.70 -7.88
CA SER A 83 2.16 -1.60 -8.77
C SER A 83 1.18 -0.63 -8.13
N LEU A 84 0.32 -1.14 -7.27
CA LEU A 84 -0.63 -0.32 -6.54
C LEU A 84 0.07 0.57 -5.52
N PHE A 85 1.08 0.01 -4.86
CA PHE A 85 1.89 0.77 -3.91
C PHE A 85 2.79 1.77 -4.63
N GLN A 86 3.30 1.37 -5.78
CA GLN A 86 4.11 2.25 -6.61
C GLN A 86 3.31 3.46 -7.08
N ARG A 87 2.05 3.21 -7.46
CA ARG A 87 1.16 4.28 -7.87
C ARG A 87 0.83 5.20 -6.70
N ASN A 88 0.59 4.60 -5.53
CA ASN A 88 0.32 5.37 -4.32
C ASN A 88 1.49 6.29 -3.98
N GLN A 89 2.71 5.79 -4.14
CA GLN A 89 3.90 6.58 -3.93
C GLN A 89 3.92 7.80 -4.84
N GLN A 90 3.56 7.59 -6.11
CA GLN A 90 3.43 8.68 -7.06
C GLN A 90 2.35 9.67 -6.62
N LEU A 91 1.23 9.14 -6.15
CA LEU A 91 0.09 9.97 -5.77
C LEU A 91 0.37 10.75 -4.49
N PHE A 92 1.23 10.19 -3.65
CA PHE A 92 1.67 10.87 -2.43
C PHE A 92 2.44 12.15 -2.77
N SER A 93 3.31 12.07 -3.77
CA SER A 93 4.07 13.21 -4.23
C SER A 93 3.19 14.19 -5.01
N GLN A 94 2.17 13.65 -5.65
CA GLN A 94 1.18 14.48 -6.34
C GLN A 94 0.42 15.35 -5.34
N LEU A 95 0.05 14.76 -4.21
CA LEU A 95 -0.63 15.50 -3.15
C LEU A 95 0.26 16.62 -2.61
N LYS A 96 1.54 16.31 -2.41
CA LYS A 96 2.49 17.29 -1.92
C LYS A 96 2.54 18.52 -2.81
N THR A 97 2.54 18.30 -4.12
CA THR A 97 2.52 19.38 -5.09
C THR A 97 1.21 20.15 -5.03
N LEU A 98 0.10 19.41 -4.97
CA LEU A 98 -1.22 20.02 -4.97
C LEU A 98 -1.45 20.87 -3.73
N PHE A 99 -0.97 20.37 -2.59
CA PHE A 99 -1.12 21.08 -1.33
C PHE A 99 -0.20 22.29 -1.26
N SER A 100 0.95 22.18 -1.92
CA SER A 100 1.84 23.32 -2.08
C SER A 100 1.18 24.43 -2.88
N GLN A 101 0.41 24.05 -3.89
CA GLN A 101 -0.36 25.00 -4.68
C GLN A 101 -1.63 25.43 -3.94
N GLY A 102 -2.17 24.53 -3.13
CA GLY A 102 -3.37 24.83 -2.36
C GLY A 102 -4.61 24.21 -3.00
N ASP A 103 -4.38 23.36 -4.00
CA ASP A 103 -5.48 22.75 -4.74
C ASP A 103 -6.03 21.52 -4.02
N GLU A 104 -6.86 21.76 -3.01
CA GLU A 104 -7.43 20.68 -2.22
C GLU A 104 -8.50 19.94 -3.00
N ASP A 105 -9.10 20.62 -3.98
CA ASP A 105 -10.15 20.03 -4.80
C ASP A 105 -9.61 18.84 -5.59
N THR A 106 -8.51 19.04 -6.29
CA THR A 106 -7.84 17.97 -7.02
C THR A 106 -7.24 16.95 -6.07
N ALA A 107 -6.67 17.44 -4.97
CA ALA A 107 -6.08 16.57 -3.95
C ALA A 107 -7.10 15.57 -3.44
N LYS A 108 -8.32 16.02 -3.23
CA LYS A 108 -9.42 15.14 -2.84
C LYS A 108 -9.57 13.98 -3.82
N ALA A 109 -9.61 14.30 -5.11
CA ALA A 109 -9.72 13.29 -6.14
C ALA A 109 -8.54 12.31 -6.09
N VAL A 110 -7.35 12.84 -5.85
CA VAL A 110 -6.16 12.02 -5.71
C VAL A 110 -6.26 11.10 -4.50
N LEU A 111 -6.76 11.64 -3.39
CA LEU A 111 -6.96 10.86 -2.18
C LEU A 111 -7.94 9.71 -2.43
N GLU A 112 -8.97 9.98 -3.23
CA GLU A 112 -9.95 8.96 -3.59
C GLU A 112 -9.32 7.86 -4.43
N GLU A 113 -8.46 8.26 -5.35
CA GLU A 113 -7.71 7.31 -6.17
C GLU A 113 -6.84 6.40 -5.30
N ILE A 114 -6.18 7.00 -4.30
CA ILE A 114 -5.37 6.24 -3.36
C ILE A 114 -6.22 5.24 -2.59
N GLN A 115 -7.39 5.69 -2.13
CA GLN A 115 -8.32 4.82 -1.43
C GLN A 115 -8.70 3.61 -2.27
N SER A 116 -8.95 3.85 -3.55
CA SER A 116 -9.29 2.78 -4.48
C SER A 116 -8.17 1.75 -4.56
N ASN A 117 -6.93 2.24 -4.66
CA ASN A 117 -5.76 1.37 -4.68
C ASN A 117 -5.65 0.57 -3.39
N LEU A 118 -5.88 1.24 -2.26
CA LEU A 118 -5.81 0.59 -0.96
C LEU A 118 -6.89 -0.49 -0.82
N ASN A 119 -8.05 -0.24 -1.40
CA ASN A 119 -9.13 -1.22 -1.42
C ASN A 119 -8.73 -2.47 -2.17
N GLN A 120 -8.06 -2.29 -3.30
CA GLN A 120 -7.55 -3.41 -4.09
C GLN A 120 -6.45 -4.15 -3.34
N ILE A 121 -5.59 -3.40 -2.67
CA ILE A 121 -4.52 -3.98 -1.86
C ILE A 121 -5.08 -4.83 -0.73
N GLN A 122 -6.11 -4.31 -0.06
CA GLN A 122 -6.79 -5.05 0.99
C GLN A 122 -7.34 -6.38 0.46
N GLN A 123 -7.94 -6.34 -0.71
CA GLN A 123 -8.46 -7.54 -1.35
C GLN A 123 -7.34 -8.53 -1.65
N ILE A 124 -6.21 -8.01 -2.12
CA ILE A 124 -5.03 -8.83 -2.36
C ILE A 124 -4.55 -9.51 -1.08
N ILE A 125 -4.51 -8.74 0.00
CA ILE A 125 -4.10 -9.27 1.30
C ILE A 125 -5.01 -10.41 1.75
N THR A 126 -6.32 -10.21 1.57
CA THR A 126 -7.30 -11.24 1.93
C THR A 126 -7.06 -12.51 1.14
N GLU A 127 -6.96 -12.38 -0.17
CA GLU A 127 -6.82 -13.54 -1.06
C GLU A 127 -5.45 -14.19 -0.88
N ALA A 128 -4.44 -13.38 -0.62
CA ALA A 128 -3.09 -13.88 -0.38
C ALA A 128 -3.00 -14.63 0.94
N GLN A 129 -3.63 -14.08 1.96
CA GLN A 129 -3.63 -14.69 3.29
C GLN A 129 -4.25 -16.08 3.25
N LYS A 130 -5.32 -16.22 2.48
CA LYS A 130 -5.99 -17.50 2.34
C LYS A 130 -5.11 -18.52 1.61
N ARG A 131 -4.09 -18.02 0.92
CA ARG A 131 -3.21 -18.87 0.13
C ARG A 131 -1.84 -19.00 0.78
N LEU A 132 -1.70 -18.43 1.98
CA LEU A 132 -0.41 -18.40 2.67
C LEU A 132 -0.56 -18.86 4.11
N HIS A 1 11.69 -27.86 5.36
CA HIS A 1 12.57 -27.81 4.20
C HIS A 1 11.81 -27.38 2.95
N HIS A 2 12.10 -26.17 2.48
CA HIS A 2 11.45 -25.65 1.28
C HIS A 2 12.17 -26.12 0.01
N HIS A 3 11.42 -26.30 -1.06
CA HIS A 3 11.98 -26.74 -2.33
C HIS A 3 11.59 -25.80 -3.47
N HIS A 4 12.37 -24.74 -3.65
CA HIS A 4 12.07 -23.75 -4.68
C HIS A 4 12.30 -24.30 -6.07
N HIS A 5 11.22 -24.43 -6.84
CA HIS A 5 11.31 -24.93 -8.20
C HIS A 5 10.59 -24.00 -9.17
N HIS A 6 10.48 -22.74 -8.79
CA HIS A 6 9.78 -21.74 -9.60
C HIS A 6 8.32 -22.14 -9.82
N GLU A 7 7.65 -22.53 -8.75
CA GLU A 7 6.27 -22.99 -8.83
C GLU A 7 5.31 -21.99 -8.18
N ASN A 8 4.11 -21.88 -8.73
CA ASN A 8 3.12 -20.95 -8.23
C ASN A 8 2.52 -21.44 -6.91
N LEU A 9 2.74 -22.71 -6.61
CA LEU A 9 2.27 -23.30 -5.35
C LEU A 9 3.40 -23.35 -4.33
N TYR A 10 4.51 -22.69 -4.64
CA TYR A 10 5.62 -22.59 -3.69
C TYR A 10 5.45 -21.37 -2.77
N PHE A 11 5.41 -21.63 -1.48
CA PHE A 11 5.11 -20.59 -0.50
C PHE A 11 6.19 -20.53 0.58
N GLN A 12 7.33 -19.95 0.24
CA GLN A 12 8.41 -19.73 1.20
C GLN A 12 7.87 -19.12 2.49
N SER A 13 8.13 -19.77 3.62
CA SER A 13 7.61 -19.33 4.90
C SER A 13 8.23 -18.01 5.31
N SER A 14 9.45 -17.75 4.85
CA SER A 14 10.10 -16.47 5.05
C SER A 14 9.34 -15.34 4.37
N ALA A 15 8.88 -15.61 3.14
CA ALA A 15 8.08 -14.65 2.40
C ALA A 15 6.71 -14.46 3.06
N LYS A 16 6.19 -15.52 3.65
CA LYS A 16 4.95 -15.45 4.42
C LYS A 16 5.08 -14.50 5.60
N GLN A 17 6.23 -14.58 6.28
CA GLN A 17 6.53 -13.67 7.38
C GLN A 17 6.66 -12.23 6.89
N ASP A 18 7.32 -12.06 5.75
CA ASP A 18 7.44 -10.75 5.14
C ASP A 18 6.09 -10.22 4.68
N PHE A 19 5.23 -11.12 4.23
CA PHE A 19 3.86 -10.77 3.88
C PHE A 19 3.12 -10.19 5.07
N ALA A 20 3.19 -10.89 6.20
CA ALA A 20 2.52 -10.44 7.42
C ALA A 20 2.96 -9.05 7.81
N GLU A 21 4.26 -8.78 7.70
CA GLU A 21 4.80 -7.45 7.93
C GLU A 21 4.19 -6.45 6.97
N GLY A 22 4.13 -6.81 5.69
CA GLY A 22 3.55 -5.94 4.67
C GLY A 22 2.11 -5.58 5.00
N VAL A 23 1.35 -6.58 5.46
CA VAL A 23 -0.05 -6.37 5.83
C VAL A 23 -0.19 -5.39 6.98
N LYS A 24 0.63 -5.58 8.01
CA LYS A 24 0.67 -4.65 9.13
C LYS A 24 0.93 -3.22 8.67
N LEU A 25 1.92 -3.06 7.80
CA LEU A 25 2.28 -1.74 7.28
C LEU A 25 1.15 -1.16 6.45
N TRP A 26 0.48 -2.01 5.69
CA TRP A 26 -0.68 -1.58 4.90
C TRP A 26 -1.80 -1.07 5.81
N GLN A 27 -2.05 -1.79 6.90
CA GLN A 27 -3.05 -1.36 7.87
C GLN A 27 -2.71 -0.01 8.46
N GLU A 28 -1.43 0.21 8.74
CA GLU A 28 -0.95 1.49 9.22
C GLU A 28 -1.13 2.58 8.17
N ASN A 29 -0.88 2.21 6.91
CA ASN A 29 -1.04 3.15 5.80
C ASN A 29 -2.49 3.58 5.63
N ALA A 30 -3.40 2.65 5.87
CA ALA A 30 -4.83 2.96 5.83
C ALA A 30 -5.20 4.00 6.90
N VAL A 31 -4.60 3.86 8.08
CA VAL A 31 -4.77 4.84 9.14
C VAL A 31 -4.18 6.18 8.75
N LEU A 32 -2.98 6.15 8.17
CA LEU A 32 -2.31 7.37 7.73
C LEU A 32 -3.14 8.11 6.68
N TRP A 33 -3.76 7.34 5.79
CA TRP A 33 -4.63 7.92 4.77
C TRP A 33 -5.79 8.67 5.41
N THR A 34 -6.41 8.07 6.42
CA THR A 34 -7.49 8.72 7.14
C THR A 34 -7.01 9.96 7.86
N ARG A 35 -5.82 9.89 8.43
CA ARG A 35 -5.24 11.01 9.17
C ARG A 35 -4.99 12.21 8.25
N LEU A 36 -4.59 11.91 7.02
CA LEU A 36 -4.40 12.95 6.01
C LEU A 36 -5.68 13.72 5.76
N VAL A 37 -6.80 13.00 5.64
CA VAL A 37 -8.10 13.61 5.44
C VAL A 37 -8.45 14.54 6.59
N GLN A 38 -8.27 14.07 7.81
CA GLN A 38 -8.61 14.84 9.00
C GLN A 38 -7.68 16.04 9.16
N ALA A 39 -6.38 15.80 8.97
CA ALA A 39 -5.38 16.84 9.15
C ALA A 39 -5.55 17.95 8.13
N PHE A 40 -5.81 17.58 6.88
CA PHE A 40 -5.99 18.54 5.81
C PHE A 40 -7.21 19.42 6.07
N GLN A 41 -8.29 18.80 6.55
CA GLN A 41 -9.51 19.54 6.87
C GLN A 41 -9.26 20.54 8.01
N SER A 42 -8.40 20.15 8.94
CA SER A 42 -8.04 21.03 10.05
C SER A 42 -7.01 22.07 9.61
N GLY A 43 -6.28 21.76 8.55
CA GLY A 43 -5.32 22.70 7.98
C GLY A 43 -3.93 22.47 8.56
N ASP A 44 -3.74 21.32 9.19
CA ASP A 44 -2.48 21.01 9.85
C ASP A 44 -1.46 20.44 8.86
N GLN A 45 -0.85 21.32 8.08
CA GLN A 45 0.09 20.90 7.05
C GLN A 45 1.29 20.18 7.64
N SER A 46 1.69 20.60 8.84
CA SER A 46 2.84 20.02 9.51
C SER A 46 2.68 18.52 9.69
N THR A 47 1.53 18.12 10.25
CA THR A 47 1.23 16.70 10.43
C THR A 47 1.07 16.00 9.08
N VAL A 48 0.38 16.65 8.16
CA VAL A 48 0.18 16.11 6.82
C VAL A 48 1.51 15.71 6.19
N ASP A 49 2.49 16.58 6.30
CA ASP A 49 3.82 16.31 5.74
C ASP A 49 4.42 15.04 6.33
N SER A 50 4.35 14.91 7.65
CA SER A 50 4.85 13.73 8.34
C SER A 50 4.11 12.48 7.88
N LEU A 51 2.78 12.58 7.78
CA LEU A 51 1.95 11.45 7.39
C LEU A 51 2.34 10.95 6.00
N LEU A 52 2.58 11.88 5.08
CA LEU A 52 2.96 11.52 3.72
C LEU A 52 4.33 10.87 3.68
N LYS A 53 5.25 11.38 4.50
CA LYS A 53 6.59 10.81 4.61
C LYS A 53 6.54 9.38 5.13
N GLN A 54 5.65 9.14 6.08
CA GLN A 54 5.45 7.79 6.62
C GLN A 54 4.90 6.84 5.57
N LEU A 55 3.94 7.34 4.78
CA LEU A 55 3.36 6.56 3.69
C LEU A 55 4.41 6.20 2.66
N ASP A 56 5.25 7.16 2.30
CA ASP A 56 6.31 6.93 1.33
C ASP A 56 7.26 5.84 1.80
N ALA A 57 7.66 5.91 3.06
CA ALA A 57 8.58 4.92 3.63
C ALA A 57 7.96 3.54 3.64
N ASN A 58 6.70 3.47 4.07
CA ASN A 58 6.01 2.19 4.19
C ASN A 58 5.74 1.57 2.82
N ALA A 59 5.33 2.41 1.88
CA ALA A 59 5.04 1.95 0.53
C ALA A 59 6.27 1.32 -0.12
N ALA A 60 7.43 1.97 0.06
CA ALA A 60 8.69 1.44 -0.43
C ALA A 60 9.06 0.14 0.27
N ARG A 61 8.82 0.10 1.58
CA ARG A 61 9.13 -1.09 2.37
C ARG A 61 8.31 -2.29 1.92
N VAL A 62 7.00 -2.09 1.80
CA VAL A 62 6.10 -3.17 1.42
C VAL A 62 6.36 -3.62 -0.01
N GLU A 63 6.64 -2.65 -0.88
CA GLU A 63 7.06 -2.95 -2.24
C GLU A 63 8.18 -3.98 -2.27
N GLN A 64 9.21 -3.73 -1.47
CA GLN A 64 10.35 -4.64 -1.38
C GLN A 64 9.93 -6.00 -0.82
N LEU A 65 9.06 -5.97 0.17
CA LEU A 65 8.55 -7.20 0.78
C LEU A 65 7.76 -8.03 -0.22
N LEU A 66 7.03 -7.35 -1.10
CA LEU A 66 6.29 -8.02 -2.16
C LEU A 66 7.23 -8.59 -3.22
N GLN A 67 8.32 -7.87 -3.47
CA GLN A 67 9.32 -8.32 -4.42
C GLN A 67 9.98 -9.61 -3.95
N ARG A 68 10.14 -9.74 -2.63
CA ARG A 68 10.62 -10.98 -2.04
C ARG A 68 9.63 -12.12 -2.28
N ILE A 69 8.35 -11.83 -2.10
CA ILE A 69 7.29 -12.80 -2.39
C ILE A 69 7.29 -13.19 -3.85
N ILE A 70 7.50 -12.21 -4.73
CA ILE A 70 7.61 -12.45 -6.16
C ILE A 70 8.81 -13.33 -6.47
N SER A 71 9.93 -13.03 -5.82
CA SER A 71 11.16 -13.79 -6.02
C SER A 71 10.98 -15.25 -5.62
N GLU A 72 10.25 -15.47 -4.54
CA GLU A 72 10.03 -16.82 -4.02
C GLU A 72 8.84 -17.48 -4.72
N THR A 73 7.64 -16.95 -4.49
CA THR A 73 6.43 -17.54 -5.03
C THR A 73 6.21 -17.11 -6.48
N GLY A 74 6.34 -15.82 -6.74
CA GLY A 74 6.08 -15.28 -8.07
C GLY A 74 4.60 -15.09 -8.31
N ASP A 75 3.86 -14.80 -7.25
CA ASP A 75 2.41 -14.66 -7.34
C ASP A 75 2.02 -13.42 -8.15
N GLU A 76 1.01 -13.58 -9.00
CA GLU A 76 0.56 -12.49 -9.86
C GLU A 76 -0.01 -11.34 -9.02
N LEU A 77 -0.63 -11.68 -7.90
CA LEU A 77 -1.25 -10.68 -7.03
C LEU A 77 -0.19 -9.86 -6.30
N ALA A 78 0.94 -10.51 -6.01
CA ALA A 78 2.09 -9.81 -5.45
C ALA A 78 2.66 -8.80 -6.44
N ARG A 79 2.72 -9.20 -7.71
CA ARG A 79 3.14 -8.29 -8.78
C ARG A 79 2.15 -7.15 -8.95
N LYS A 80 0.86 -7.46 -8.88
CA LYS A 80 -0.17 -6.44 -8.90
C LYS A 80 -0.02 -5.47 -7.74
N GLY A 81 0.09 -6.00 -6.53
CA GLY A 81 0.23 -5.18 -5.34
C GLY A 81 1.43 -4.24 -5.45
N GLU A 82 2.54 -4.77 -5.96
CA GLU A 82 3.74 -3.97 -6.16
C GLU A 82 3.44 -2.72 -6.97
N SER A 83 2.79 -2.92 -8.12
CA SER A 83 2.49 -1.81 -9.03
C SER A 83 1.48 -0.85 -8.41
N LEU A 84 0.61 -1.37 -7.55
CA LEU A 84 -0.37 -0.54 -6.86
C LEU A 84 0.30 0.38 -5.85
N PHE A 85 1.31 -0.14 -5.16
CA PHE A 85 2.09 0.66 -4.21
C PHE A 85 2.98 1.66 -4.94
N GLN A 86 3.50 1.25 -6.09
CA GLN A 86 4.28 2.15 -6.93
C GLN A 86 3.44 3.32 -7.44
N ARG A 87 2.20 3.02 -7.81
CA ARG A 87 1.26 4.05 -8.22
C ARG A 87 0.89 4.95 -7.04
N ASN A 88 0.71 4.35 -5.87
CA ASN A 88 0.41 5.10 -4.66
C ASN A 88 1.53 6.09 -4.33
N GLN A 89 2.77 5.64 -4.51
CA GLN A 89 3.93 6.50 -4.31
C GLN A 89 3.88 7.72 -5.22
N GLN A 90 3.50 7.49 -6.48
CA GLN A 90 3.28 8.59 -7.42
C GLN A 90 2.16 9.50 -6.94
N LEU A 91 1.08 8.90 -6.45
CA LEU A 91 -0.08 9.65 -6.00
C LEU A 91 0.23 10.42 -4.72
N PHE A 92 1.15 9.88 -3.92
CA PHE A 92 1.56 10.54 -2.68
C PHE A 92 2.30 11.84 -2.96
N SER A 93 3.12 11.83 -4.01
CA SER A 93 3.85 13.03 -4.41
C SER A 93 2.93 14.05 -5.06
N GLN A 94 1.95 13.56 -5.80
CA GLN A 94 0.91 14.42 -6.37
C GLN A 94 0.01 14.98 -5.28
N LEU A 95 -0.35 14.14 -4.32
CA LEU A 95 -1.19 14.56 -3.20
C LEU A 95 -0.48 15.61 -2.35
N LYS A 96 0.80 15.38 -2.09
CA LYS A 96 1.62 16.35 -1.36
C LYS A 96 1.50 17.74 -1.96
N THR A 97 1.73 17.83 -3.27
CA THR A 97 1.64 19.11 -3.97
C THR A 97 0.25 19.72 -3.81
N LEU A 98 -0.77 18.91 -4.03
CA LEU A 98 -2.15 19.39 -3.98
C LEU A 98 -2.51 19.88 -2.60
N PHE A 99 -2.02 19.19 -1.58
CA PHE A 99 -2.27 19.58 -0.19
C PHE A 99 -1.59 20.91 0.14
N SER A 100 -0.39 21.11 -0.39
CA SER A 100 0.35 22.35 -0.18
C SER A 100 -0.28 23.50 -0.97
N GLN A 101 -0.95 23.16 -2.07
CA GLN A 101 -1.70 24.14 -2.85
C GLN A 101 -3.04 24.45 -2.20
N GLY A 102 -3.63 23.43 -1.56
CA GLY A 102 -4.92 23.60 -0.89
C GLY A 102 -6.06 23.18 -1.80
N ASP A 103 -5.74 22.45 -2.87
CA ASP A 103 -6.74 22.04 -3.84
C ASP A 103 -7.52 20.83 -3.34
N GLU A 104 -8.52 21.08 -2.51
CA GLU A 104 -9.32 20.01 -1.92
C GLU A 104 -9.97 19.14 -2.99
N ASP A 105 -10.50 19.79 -4.03
CA ASP A 105 -11.27 19.11 -5.05
C ASP A 105 -10.43 18.02 -5.73
N THR A 106 -9.26 18.40 -6.23
CA THR A 106 -8.39 17.47 -6.94
C THR A 106 -7.75 16.48 -5.97
N ALA A 107 -7.35 16.97 -4.81
CA ALA A 107 -6.75 16.13 -3.78
C ALA A 107 -7.71 15.02 -3.35
N LYS A 108 -8.98 15.35 -3.25
CA LYS A 108 -10.01 14.36 -2.94
C LYS A 108 -10.02 13.24 -3.97
N ALA A 109 -9.98 13.62 -5.25
CA ALA A 109 -9.95 12.64 -6.34
C ALA A 109 -8.74 11.73 -6.21
N VAL A 110 -7.59 12.31 -5.87
CA VAL A 110 -6.37 11.54 -5.67
C VAL A 110 -6.51 10.61 -4.47
N LEU A 111 -7.08 11.11 -3.40
CA LEU A 111 -7.34 10.31 -2.20
C LEU A 111 -8.23 9.11 -2.53
N GLU A 112 -9.23 9.34 -3.37
CA GLU A 112 -10.12 8.27 -3.80
C GLU A 112 -9.38 7.22 -4.61
N GLU A 113 -8.50 7.67 -5.49
CA GLU A 113 -7.69 6.76 -6.29
C GLU A 113 -6.74 5.95 -5.41
N ILE A 114 -6.13 6.60 -4.43
CA ILE A 114 -5.26 5.93 -3.48
C ILE A 114 -6.03 4.86 -2.71
N GLN A 115 -7.19 5.23 -2.19
CA GLN A 115 -8.02 4.29 -1.44
C GLN A 115 -8.50 3.14 -2.31
N SER A 116 -8.79 3.44 -3.58
CA SER A 116 -9.18 2.42 -4.54
C SER A 116 -8.07 1.38 -4.71
N ASN A 117 -6.83 1.86 -4.79
CA ASN A 117 -5.67 0.97 -4.85
C ASN A 117 -5.53 0.16 -3.58
N LEU A 118 -5.75 0.81 -2.44
CA LEU A 118 -5.67 0.15 -1.15
C LEU A 118 -6.74 -0.95 -1.03
N ASN A 119 -7.90 -0.69 -1.62
CA ASN A 119 -8.97 -1.68 -1.62
C ASN A 119 -8.62 -2.90 -2.45
N GLN A 120 -7.95 -2.67 -3.57
CA GLN A 120 -7.45 -3.75 -4.40
C GLN A 120 -6.35 -4.54 -3.68
N ILE A 121 -5.52 -3.82 -2.94
CA ILE A 121 -4.48 -4.45 -2.13
C ILE A 121 -5.09 -5.29 -1.01
N GLN A 122 -6.16 -4.77 -0.41
CA GLN A 122 -6.91 -5.53 0.59
C GLN A 122 -7.36 -6.88 0.04
N GLN A 123 -7.88 -6.88 -1.18
CA GLN A 123 -8.29 -8.11 -1.83
C GLN A 123 -7.10 -9.03 -2.06
N ILE A 124 -5.97 -8.45 -2.45
CA ILE A 124 -4.73 -9.21 -2.59
C ILE A 124 -4.33 -9.85 -1.27
N ILE A 125 -4.40 -9.08 -0.19
CA ILE A 125 -4.05 -9.57 1.13
C ILE A 125 -4.94 -10.76 1.53
N THR A 126 -6.24 -10.61 1.28
CA THR A 126 -7.19 -11.66 1.61
C THR A 126 -6.81 -12.98 0.94
N GLU A 127 -6.61 -12.94 -0.37
CA GLU A 127 -6.31 -14.15 -1.13
C GLU A 127 -4.91 -14.67 -0.81
N ALA A 128 -3.96 -13.76 -0.70
CA ALA A 128 -2.58 -14.13 -0.38
C ALA A 128 -2.48 -14.78 1.00
N GLN A 129 -3.28 -14.27 1.93
CA GLN A 129 -3.34 -14.85 3.27
C GLN A 129 -3.88 -16.27 3.24
N LYS A 130 -4.84 -16.51 2.36
CA LYS A 130 -5.40 -17.86 2.18
C LYS A 130 -4.38 -18.79 1.54
N ARG A 131 -3.58 -18.25 0.62
CA ARG A 131 -2.60 -19.05 -0.11
C ARG A 131 -1.36 -19.29 0.73
N LEU A 132 -0.99 -18.32 1.55
CA LEU A 132 0.18 -18.41 2.40
C LEU A 132 -0.17 -19.01 3.75
N HIS A 1 -9.03 -42.63 5.28
CA HIS A 1 -8.28 -41.52 5.88
C HIS A 1 -7.81 -40.55 4.81
N HIS A 2 -7.09 -39.52 5.23
CA HIS A 2 -6.54 -38.53 4.32
C HIS A 2 -5.06 -38.29 4.57
N HIS A 3 -4.31 -39.38 4.75
CA HIS A 3 -2.87 -39.29 4.98
C HIS A 3 -2.09 -39.78 3.76
N HIS A 4 -2.81 -40.23 2.74
CA HIS A 4 -2.19 -40.70 1.51
C HIS A 4 -1.94 -39.54 0.55
N HIS A 5 -2.46 -38.37 0.89
CA HIS A 5 -2.32 -37.19 0.04
C HIS A 5 -0.93 -36.59 0.15
N HIS A 6 -0.46 -35.98 -0.93
CA HIS A 6 0.85 -35.35 -0.94
C HIS A 6 0.80 -33.95 -0.35
N GLU A 7 1.97 -33.34 -0.16
CA GLU A 7 2.06 -31.99 0.39
C GLU A 7 1.61 -30.95 -0.63
N ASN A 8 0.77 -30.02 -0.18
CA ASN A 8 0.23 -28.99 -1.06
C ASN A 8 0.85 -27.63 -0.77
N LEU A 9 2.17 -27.62 -0.57
CA LEU A 9 2.90 -26.37 -0.37
C LEU A 9 3.30 -25.76 -1.70
N TYR A 10 2.70 -24.62 -2.04
CA TYR A 10 2.95 -23.96 -3.32
C TYR A 10 3.52 -22.57 -3.11
N PHE A 11 4.28 -22.39 -2.04
CA PHE A 11 4.87 -21.09 -1.71
C PHE A 11 5.99 -21.24 -0.71
N GLN A 12 6.79 -20.18 -0.56
CA GLN A 12 7.87 -20.16 0.42
C GLN A 12 7.41 -19.54 1.73
N SER A 13 7.83 -20.13 2.85
CA SER A 13 7.45 -19.64 4.16
C SER A 13 8.11 -18.30 4.46
N SER A 14 9.28 -18.08 3.87
CA SER A 14 9.94 -16.78 3.96
C SER A 14 9.11 -15.70 3.29
N ALA A 15 8.57 -15.99 2.12
CA ALA A 15 7.69 -15.08 1.43
C ALA A 15 6.43 -14.79 2.24
N LYS A 16 5.90 -15.83 2.87
CA LYS A 16 4.73 -15.68 3.73
C LYS A 16 5.02 -14.73 4.90
N GLN A 17 6.22 -14.84 5.45
CA GLN A 17 6.64 -13.96 6.54
C GLN A 17 6.74 -12.51 6.07
N ASP A 18 7.29 -12.31 4.89
CA ASP A 18 7.38 -10.98 4.29
C ASP A 18 5.99 -10.43 4.00
N PHE A 19 5.10 -11.31 3.55
CA PHE A 19 3.70 -10.92 3.33
C PHE A 19 3.05 -10.42 4.61
N ALA A 20 3.19 -11.21 5.68
CA ALA A 20 2.61 -10.85 6.97
C ALA A 20 3.07 -9.47 7.42
N GLU A 21 4.35 -9.20 7.26
CA GLU A 21 4.92 -7.92 7.66
C GLU A 21 4.44 -6.80 6.74
N GLY A 22 4.25 -7.13 5.46
CA GLY A 22 3.69 -6.19 4.50
C GLY A 22 2.28 -5.78 4.89
N VAL A 23 1.49 -6.75 5.34
CA VAL A 23 0.13 -6.48 5.78
C VAL A 23 0.12 -5.59 7.01
N LYS A 24 1.03 -5.85 7.94
CA LYS A 24 1.18 -5.03 9.13
C LYS A 24 1.42 -3.57 8.77
N LEU A 25 2.30 -3.35 7.80
CA LEU A 25 2.61 -1.99 7.34
C LEU A 25 1.40 -1.38 6.62
N TRP A 26 0.69 -2.20 5.87
CA TRP A 26 -0.53 -1.76 5.20
C TRP A 26 -1.58 -1.31 6.21
N GLN A 27 -1.73 -2.08 7.28
CA GLN A 27 -2.66 -1.73 8.35
C GLN A 27 -2.27 -0.41 9.00
N GLU A 28 -0.98 -0.21 9.22
CA GLU A 28 -0.47 1.06 9.71
C GLU A 28 -0.80 2.20 8.75
N ASN A 29 -0.63 1.94 7.45
CA ASN A 29 -0.92 2.94 6.44
C ASN A 29 -2.40 3.31 6.43
N ALA A 30 -3.26 2.33 6.69
CA ALA A 30 -4.69 2.56 6.79
C ALA A 30 -5.01 3.53 7.91
N VAL A 31 -4.32 3.37 9.03
CA VAL A 31 -4.47 4.29 10.16
C VAL A 31 -3.93 5.67 9.82
N LEU A 32 -2.73 5.70 9.22
CA LEU A 32 -2.08 6.95 8.86
C LEU A 32 -2.92 7.74 7.86
N TRP A 33 -3.48 7.03 6.88
CA TRP A 33 -4.32 7.66 5.87
C TRP A 33 -5.60 8.21 6.48
N THR A 34 -6.21 7.43 7.37
CA THR A 34 -7.39 7.88 8.10
C THR A 34 -7.12 9.19 8.83
N ARG A 35 -6.00 9.24 9.54
CA ARG A 35 -5.61 10.45 10.25
C ARG A 35 -5.28 11.58 9.28
N LEU A 36 -4.70 11.23 8.13
CA LEU A 36 -4.41 12.20 7.09
C LEU A 36 -5.68 12.90 6.63
N VAL A 37 -6.72 12.12 6.37
CA VAL A 37 -8.01 12.67 5.94
C VAL A 37 -8.58 13.60 6.99
N GLN A 38 -8.44 13.21 8.26
CA GLN A 38 -8.88 14.05 9.37
C GLN A 38 -8.16 15.40 9.36
N ALA A 39 -6.85 15.36 9.14
CA ALA A 39 -6.07 16.58 9.02
C ALA A 39 -6.42 17.34 7.75
N PHE A 40 -6.69 16.60 6.68
CA PHE A 40 -7.10 17.21 5.41
C PHE A 40 -8.38 18.02 5.59
N GLN A 41 -9.38 17.39 6.20
CA GLN A 41 -10.66 18.06 6.46
C GLN A 41 -10.48 19.23 7.41
N SER A 42 -9.60 19.06 8.39
CA SER A 42 -9.28 20.13 9.34
C SER A 42 -8.61 21.30 8.64
N GLY A 43 -7.76 20.99 7.66
CA GLY A 43 -7.06 22.02 6.91
C GLY A 43 -5.58 22.08 7.30
N ASP A 44 -5.12 21.05 8.01
CA ASP A 44 -3.74 20.99 8.45
C ASP A 44 -2.88 20.22 7.47
N GLN A 45 -2.29 20.94 6.51
CA GLN A 45 -1.52 20.32 5.44
C GLN A 45 -0.17 19.84 5.96
N SER A 46 0.30 20.43 7.04
CA SER A 46 1.62 20.13 7.58
C SER A 46 1.66 18.74 8.20
N THR A 47 0.56 18.37 8.84
CA THR A 47 0.40 17.00 9.34
C THR A 47 0.20 16.01 8.20
N VAL A 48 -0.61 16.40 7.23
CA VAL A 48 -0.83 15.59 6.04
C VAL A 48 0.49 15.23 5.36
N ASP A 49 1.32 16.24 5.14
CA ASP A 49 2.61 16.05 4.49
C ASP A 49 3.50 15.11 5.29
N SER A 50 3.51 15.30 6.61
CA SER A 50 4.27 14.43 7.50
C SER A 50 3.79 12.99 7.41
N LEU A 51 2.48 12.81 7.32
CA LEU A 51 1.89 11.48 7.22
C LEU A 51 2.16 10.86 5.86
N LEU A 52 2.21 11.70 4.83
CA LEU A 52 2.56 11.24 3.48
C LEU A 52 3.97 10.70 3.44
N LYS A 53 4.87 11.33 4.21
CA LYS A 53 6.24 10.83 4.34
C LYS A 53 6.27 9.43 4.95
N GLN A 54 5.42 9.22 5.96
CA GLN A 54 5.32 7.91 6.60
C GLN A 54 4.64 6.90 5.69
N LEU A 55 3.60 7.35 4.99
CA LEU A 55 2.90 6.49 4.04
C LEU A 55 3.81 6.06 2.90
N ASP A 56 4.60 7.00 2.38
CA ASP A 56 5.52 6.72 1.29
C ASP A 56 6.61 5.74 1.73
N ALA A 57 7.14 5.96 2.92
CA ALA A 57 8.17 5.09 3.48
C ALA A 57 7.67 3.66 3.59
N ASN A 58 6.48 3.49 4.16
CA ASN A 58 5.89 2.17 4.34
C ASN A 58 5.58 1.52 3.00
N ALA A 59 5.09 2.32 2.06
CA ALA A 59 4.79 1.82 0.72
C ALA A 59 6.03 1.24 0.05
N ALA A 60 7.15 1.93 0.22
CA ALA A 60 8.43 1.44 -0.30
C ALA A 60 8.88 0.18 0.44
N ARG A 61 8.68 0.17 1.75
CA ARG A 61 9.04 -0.99 2.57
C ARG A 61 8.28 -2.23 2.14
N VAL A 62 6.97 -2.07 1.93
CA VAL A 62 6.14 -3.17 1.47
C VAL A 62 6.48 -3.58 0.05
N GLU A 63 6.71 -2.59 -0.81
CA GLU A 63 7.16 -2.84 -2.17
C GLU A 63 8.33 -3.81 -2.19
N GLN A 64 9.33 -3.56 -1.36
CA GLN A 64 10.50 -4.41 -1.26
C GLN A 64 10.12 -5.82 -0.80
N LEU A 65 9.24 -5.88 0.19
CA LEU A 65 8.78 -7.17 0.72
C LEU A 65 8.04 -7.97 -0.34
N LEU A 66 7.25 -7.27 -1.16
CA LEU A 66 6.51 -7.91 -2.24
C LEU A 66 7.43 -8.41 -3.33
N GLN A 67 8.48 -7.65 -3.60
CA GLN A 67 9.50 -8.06 -4.57
C GLN A 67 10.23 -9.32 -4.10
N ARG A 68 10.49 -9.39 -2.80
CA ARG A 68 11.08 -10.58 -2.20
C ARG A 68 10.17 -11.79 -2.39
N ILE A 69 8.88 -11.59 -2.17
CA ILE A 69 7.89 -12.64 -2.39
C ILE A 69 7.92 -13.14 -3.82
N ILE A 70 8.05 -12.21 -4.76
CA ILE A 70 8.16 -12.57 -6.17
C ILE A 70 9.41 -13.38 -6.46
N SER A 71 10.52 -12.95 -5.88
CA SER A 71 11.81 -13.59 -6.12
C SER A 71 11.86 -14.98 -5.49
N GLU A 72 11.13 -15.15 -4.40
CA GLU A 72 11.13 -16.42 -3.67
C GLU A 72 10.06 -17.36 -4.21
N THR A 73 8.84 -16.83 -4.37
CA THR A 73 7.70 -17.64 -4.77
C THR A 73 7.25 -17.32 -6.18
N GLY A 74 7.16 -16.03 -6.49
CA GLY A 74 6.68 -15.59 -7.79
C GLY A 74 5.17 -15.36 -7.78
N ASP A 75 4.65 -14.97 -6.62
CA ASP A 75 3.21 -14.76 -6.46
C ASP A 75 2.74 -13.55 -7.26
N GLU A 76 1.83 -13.79 -8.20
CA GLU A 76 1.31 -12.73 -9.04
C GLU A 76 0.56 -11.69 -8.22
N LEU A 77 -0.02 -12.12 -7.11
CA LEU A 77 -0.73 -11.22 -6.21
C LEU A 77 0.20 -10.18 -5.62
N ALA A 78 1.42 -10.59 -5.31
CA ALA A 78 2.45 -9.68 -4.81
C ALA A 78 2.81 -8.63 -5.85
N ARG A 79 2.91 -9.08 -7.10
CA ARG A 79 3.19 -8.17 -8.21
C ARG A 79 2.07 -7.15 -8.39
N LYS A 80 0.82 -7.63 -8.33
CA LYS A 80 -0.34 -6.76 -8.44
C LYS A 80 -0.34 -5.71 -7.34
N GLY A 81 -0.14 -6.14 -6.10
CA GLY A 81 -0.09 -5.23 -4.97
C GLY A 81 1.05 -4.24 -5.11
N GLU A 82 2.19 -4.72 -5.58
CA GLU A 82 3.37 -3.88 -5.77
C GLU A 82 3.04 -2.66 -6.62
N SER A 83 2.40 -2.90 -7.76
CA SER A 83 2.08 -1.83 -8.70
C SER A 83 1.11 -0.82 -8.08
N LEU A 84 0.24 -1.32 -7.20
CA LEU A 84 -0.72 -0.46 -6.51
C LEU A 84 -0.02 0.42 -5.47
N PHE A 85 0.98 -0.15 -4.81
CA PHE A 85 1.78 0.61 -3.84
C PHE A 85 2.68 1.62 -4.56
N GLN A 86 3.18 1.24 -5.73
CA GLN A 86 3.98 2.14 -6.55
C GLN A 86 3.16 3.32 -7.04
N ARG A 87 1.92 3.05 -7.41
CA ARG A 87 0.99 4.11 -7.80
C ARG A 87 0.68 5.04 -6.63
N ASN A 88 0.47 4.44 -5.46
CA ASN A 88 0.22 5.23 -4.25
C ASN A 88 1.38 6.15 -3.94
N GLN A 89 2.60 5.66 -4.13
CA GLN A 89 3.79 6.48 -3.95
C GLN A 89 3.77 7.70 -4.88
N GLN A 90 3.36 7.48 -6.11
CA GLN A 90 3.19 8.57 -7.07
C GLN A 90 2.11 9.54 -6.59
N LEU A 91 1.02 9.00 -6.08
CA LEU A 91 -0.13 9.81 -5.65
C LEU A 91 0.21 10.62 -4.42
N PHE A 92 1.12 10.09 -3.59
CA PHE A 92 1.59 10.81 -2.41
C PHE A 92 2.34 12.08 -2.81
N SER A 93 3.17 11.97 -3.84
CA SER A 93 3.89 13.12 -4.36
C SER A 93 2.98 14.06 -5.12
N GLN A 94 1.92 13.49 -5.71
CA GLN A 94 0.90 14.29 -6.37
C GLN A 94 0.17 15.20 -5.38
N LEU A 95 -0.14 14.64 -4.21
CA LEU A 95 -0.76 15.41 -3.14
C LEU A 95 0.13 16.56 -2.70
N LYS A 96 1.42 16.27 -2.53
CA LYS A 96 2.38 17.28 -2.12
C LYS A 96 2.38 18.47 -3.07
N THR A 97 2.36 18.18 -4.36
CA THR A 97 2.30 19.22 -5.38
C THR A 97 0.99 20.01 -5.29
N LEU A 98 -0.11 19.28 -5.18
CA LEU A 98 -1.43 19.90 -5.16
C LEU A 98 -1.59 20.82 -3.96
N PHE A 99 -1.02 20.42 -2.82
CA PHE A 99 -1.13 21.20 -1.59
C PHE A 99 -0.27 22.44 -1.65
N SER A 100 0.87 22.34 -2.33
CA SER A 100 1.72 23.50 -2.58
C SER A 100 1.08 24.46 -3.57
N GLN A 101 0.22 23.92 -4.44
CA GLN A 101 -0.57 24.74 -5.35
C GLN A 101 -1.79 25.31 -4.65
N GLY A 102 -2.35 24.54 -3.72
CA GLY A 102 -3.53 24.97 -2.98
C GLY A 102 -4.78 24.24 -3.44
N ASP A 103 -4.59 23.30 -4.37
CA ASP A 103 -5.71 22.59 -4.98
C ASP A 103 -6.13 21.40 -4.12
N GLU A 104 -6.87 21.68 -3.05
CA GLU A 104 -7.33 20.62 -2.15
C GLU A 104 -8.48 19.83 -2.76
N ASP A 105 -9.17 20.45 -3.72
CA ASP A 105 -10.28 19.79 -4.40
C ASP A 105 -9.81 18.55 -5.14
N THR A 106 -8.76 18.70 -5.94
CA THR A 106 -8.16 17.57 -6.63
C THR A 106 -7.49 16.62 -5.66
N ALA A 107 -6.85 17.18 -4.63
CA ALA A 107 -6.19 16.38 -3.61
C ALA A 107 -7.15 15.38 -2.98
N LYS A 108 -8.38 15.82 -2.74
CA LYS A 108 -9.44 14.93 -2.26
C LYS A 108 -9.63 13.76 -3.21
N ALA A 109 -9.76 14.05 -4.50
CA ALA A 109 -9.94 13.03 -5.52
C ALA A 109 -8.76 12.06 -5.53
N VAL A 110 -7.56 12.59 -5.34
CA VAL A 110 -6.36 11.77 -5.27
C VAL A 110 -6.39 10.84 -4.08
N LEU A 111 -6.83 11.35 -2.93
CA LEU A 111 -6.98 10.54 -1.73
C LEU A 111 -7.97 9.41 -1.96
N GLU A 112 -9.03 9.69 -2.71
CA GLU A 112 -10.02 8.68 -3.05
C GLU A 112 -9.41 7.59 -3.94
N GLU A 113 -8.56 8.01 -4.87
CA GLU A 113 -7.83 7.07 -5.71
C GLU A 113 -6.90 6.20 -4.89
N ILE A 114 -6.21 6.83 -3.93
CA ILE A 114 -5.32 6.10 -3.03
C ILE A 114 -6.06 5.03 -2.26
N GLN A 115 -7.21 5.39 -1.69
CA GLN A 115 -8.03 4.46 -0.94
C GLN A 115 -8.57 3.35 -1.84
N SER A 116 -8.91 3.71 -3.08
CA SER A 116 -9.35 2.73 -4.07
C SER A 116 -8.28 1.69 -4.31
N ASN A 117 -7.03 2.13 -4.38
CA ASN A 117 -5.89 1.21 -4.50
C ASN A 117 -5.73 0.36 -3.25
N LEU A 118 -5.91 0.99 -2.09
CA LEU A 118 -5.80 0.28 -0.81
C LEU A 118 -6.89 -0.77 -0.69
N ASN A 119 -8.07 -0.48 -1.23
CA ASN A 119 -9.17 -1.44 -1.26
C ASN A 119 -8.84 -2.64 -2.13
N GLN A 120 -8.21 -2.38 -3.28
CA GLN A 120 -7.73 -3.44 -4.15
C GLN A 120 -6.64 -4.26 -3.47
N ILE A 121 -5.74 -3.58 -2.78
CA ILE A 121 -4.69 -4.24 -2.01
C ILE A 121 -5.28 -5.13 -0.92
N GLN A 122 -6.30 -4.61 -0.24
CA GLN A 122 -7.01 -5.39 0.77
C GLN A 122 -7.53 -6.70 0.19
N GLN A 123 -8.14 -6.63 -0.98
CA GLN A 123 -8.64 -7.81 -1.66
C GLN A 123 -7.50 -8.77 -2.00
N ILE A 124 -6.38 -8.22 -2.44
CA ILE A 124 -5.19 -9.01 -2.73
C ILE A 124 -4.68 -9.69 -1.46
N ILE A 125 -4.65 -8.95 -0.36
CA ILE A 125 -4.25 -9.51 0.93
C ILE A 125 -5.15 -10.68 1.33
N THR A 126 -6.45 -10.51 1.13
CA THR A 126 -7.41 -11.57 1.46
C THR A 126 -7.11 -12.84 0.68
N GLU A 127 -6.94 -12.71 -0.63
CA GLU A 127 -6.71 -13.86 -1.49
C GLU A 127 -5.33 -14.46 -1.25
N ALA A 128 -4.36 -13.60 -0.98
CA ALA A 128 -3.00 -14.05 -0.65
C ALA A 128 -2.99 -14.81 0.67
N GLN A 129 -3.83 -14.37 1.61
CA GLN A 129 -3.97 -15.05 2.89
C GLN A 129 -4.57 -16.44 2.72
N LYS A 130 -5.51 -16.55 1.77
CA LYS A 130 -6.11 -17.84 1.44
C LYS A 130 -5.06 -18.82 0.95
N ARG A 131 -4.09 -18.32 0.18
CA ARG A 131 -3.03 -19.17 -0.34
C ARG A 131 -1.97 -19.43 0.71
N LEU A 132 -1.50 -18.37 1.36
CA LEU A 132 -0.36 -18.46 2.26
C LEU A 132 -0.79 -18.95 3.64
N HIS A 1 9.33 -21.42 -5.63
CA HIS A 1 9.71 -22.18 -4.45
C HIS A 1 9.69 -23.68 -4.73
N HIS A 2 10.05 -24.47 -3.73
CA HIS A 2 10.06 -25.92 -3.87
C HIS A 2 9.38 -26.59 -2.67
N HIS A 3 8.22 -26.07 -2.28
CA HIS A 3 7.46 -26.61 -1.17
C HIS A 3 6.30 -27.47 -1.66
N HIS A 4 6.40 -28.78 -1.45
CA HIS A 4 5.32 -29.69 -1.79
C HIS A 4 5.05 -30.67 -0.66
N HIS A 5 4.51 -30.15 0.44
CA HIS A 5 4.45 -30.89 1.70
C HIS A 5 3.20 -31.75 1.77
N HIS A 6 3.26 -32.82 2.55
CA HIS A 6 2.13 -33.73 2.70
C HIS A 6 1.00 -33.08 3.49
N GLU A 7 1.29 -31.94 4.09
CA GLU A 7 0.28 -31.16 4.79
C GLU A 7 -0.41 -30.17 3.85
N ASN A 8 -0.21 -30.38 2.55
CA ASN A 8 -0.83 -29.52 1.54
C ASN A 8 -0.32 -28.09 1.63
N LEU A 9 0.97 -27.94 1.90
CA LEU A 9 1.60 -26.62 1.97
C LEU A 9 2.41 -26.35 0.71
N TYR A 10 2.15 -25.20 0.09
CA TYR A 10 2.77 -24.85 -1.18
C TYR A 10 3.14 -23.36 -1.22
N PHE A 11 3.99 -22.95 -0.29
CA PHE A 11 4.40 -21.54 -0.21
C PHE A 11 5.63 -21.39 0.67
N GLN A 12 6.55 -20.53 0.25
CA GLN A 12 7.75 -20.23 1.04
C GLN A 12 7.38 -19.59 2.36
N SER A 13 7.82 -20.19 3.46
CA SER A 13 7.40 -19.79 4.79
C SER A 13 7.96 -18.41 5.15
N SER A 14 9.13 -18.09 4.60
CA SER A 14 9.75 -16.79 4.82
C SER A 14 9.05 -15.71 4.00
N ALA A 15 8.50 -16.10 2.86
CA ALA A 15 7.66 -15.21 2.07
C ALA A 15 6.31 -14.98 2.74
N LYS A 16 5.81 -16.02 3.40
CA LYS A 16 4.60 -15.89 4.19
C LYS A 16 4.76 -14.86 5.30
N GLN A 17 5.91 -14.88 5.95
CA GLN A 17 6.24 -13.90 6.98
C GLN A 17 6.34 -12.50 6.40
N ASP A 18 7.03 -12.39 5.27
CA ASP A 18 7.14 -11.12 4.56
C ASP A 18 5.77 -10.58 4.17
N PHE A 19 4.88 -11.47 3.74
CA PHE A 19 3.50 -11.11 3.45
C PHE A 19 2.81 -10.55 4.69
N ALA A 20 2.92 -11.27 5.80
CA ALA A 20 2.30 -10.85 7.06
C ALA A 20 2.79 -9.47 7.47
N GLU A 21 4.09 -9.23 7.28
CA GLU A 21 4.68 -7.93 7.61
C GLU A 21 4.14 -6.83 6.71
N GLY A 22 3.95 -7.15 5.44
CA GLY A 22 3.40 -6.21 4.47
C GLY A 22 1.98 -5.80 4.84
N VAL A 23 1.19 -6.77 5.29
CA VAL A 23 -0.18 -6.51 5.70
C VAL A 23 -0.23 -5.56 6.88
N LYS A 24 0.62 -5.80 7.87
CA LYS A 24 0.68 -4.95 9.06
C LYS A 24 1.06 -3.53 8.69
N LEU A 25 2.00 -3.39 7.76
CA LEU A 25 2.41 -2.07 7.28
C LEU A 25 1.27 -1.38 6.54
N TRP A 26 0.51 -2.15 5.77
CA TRP A 26 -0.67 -1.64 5.09
C TRP A 26 -1.69 -1.12 6.09
N GLN A 27 -1.92 -1.88 7.16
CA GLN A 27 -2.84 -1.48 8.20
C GLN A 27 -2.43 -0.16 8.85
N GLU A 28 -1.13 -0.02 9.08
CA GLU A 28 -0.58 1.24 9.56
C GLU A 28 -0.85 2.38 8.57
N ASN A 29 -0.62 2.10 7.29
CA ASN A 29 -0.83 3.10 6.25
C ASN A 29 -2.30 3.52 6.18
N ALA A 30 -3.19 2.58 6.41
CA ALA A 30 -4.63 2.87 6.45
C ALA A 30 -4.96 3.87 7.53
N VAL A 31 -4.33 3.71 8.70
CA VAL A 31 -4.48 4.67 9.79
C VAL A 31 -3.85 6.01 9.44
N LEU A 32 -2.65 5.96 8.87
CA LEU A 32 -1.93 7.17 8.50
C LEU A 32 -2.69 7.95 7.43
N TRP A 33 -3.31 7.23 6.50
CA TRP A 33 -4.11 7.85 5.45
C TRP A 33 -5.32 8.57 6.03
N THR A 34 -5.99 7.92 6.97
CA THR A 34 -7.10 8.53 7.69
C THR A 34 -6.66 9.82 8.37
N ARG A 35 -5.50 9.79 9.01
CA ARG A 35 -4.92 10.97 9.64
C ARG A 35 -4.55 12.02 8.60
N LEU A 36 -4.05 11.56 7.45
CA LEU A 36 -3.69 12.45 6.36
C LEU A 36 -4.88 13.27 5.89
N VAL A 37 -6.01 12.62 5.70
CA VAL A 37 -7.24 13.30 5.31
C VAL A 37 -7.63 14.36 6.32
N GLN A 38 -7.56 14.01 7.61
CA GLN A 38 -7.89 14.93 8.68
C GLN A 38 -6.93 16.13 8.69
N ALA A 39 -5.65 15.84 8.56
CA ALA A 39 -4.64 16.90 8.53
C ALA A 39 -4.81 17.80 7.32
N PHE A 40 -5.11 17.20 6.17
CA PHE A 40 -5.38 17.96 4.96
C PHE A 40 -6.51 18.95 5.16
N GLN A 41 -7.60 18.48 5.76
CA GLN A 41 -8.77 19.32 6.00
C GLN A 41 -8.43 20.44 6.99
N SER A 42 -7.65 20.11 8.01
CA SER A 42 -7.27 21.08 9.02
C SER A 42 -6.27 22.09 8.47
N GLY A 43 -5.54 21.69 7.43
CA GLY A 43 -4.59 22.57 6.78
C GLY A 43 -3.24 22.57 7.50
N ASP A 44 -2.96 21.48 8.21
CA ASP A 44 -1.71 21.36 8.95
C ASP A 44 -0.62 20.74 8.09
N GLN A 45 0.20 21.61 7.49
CA GLN A 45 1.23 21.16 6.55
C GLN A 45 2.20 20.20 7.23
N SER A 46 2.62 20.54 8.43
CA SER A 46 3.67 19.78 9.12
C SER A 46 3.25 18.34 9.35
N THR A 47 1.97 18.13 9.63
CA THR A 47 1.43 16.79 9.80
C THR A 47 1.22 16.10 8.46
N VAL A 48 0.65 16.83 7.50
CA VAL A 48 0.43 16.30 6.17
C VAL A 48 1.73 15.78 5.56
N ASP A 49 2.75 16.62 5.57
CA ASP A 49 4.05 16.25 5.00
C ASP A 49 4.65 15.05 5.70
N SER A 50 4.58 15.07 7.04
CA SER A 50 5.15 13.99 7.84
C SER A 50 4.46 12.66 7.54
N LEU A 51 3.14 12.69 7.43
CA LEU A 51 2.36 11.49 7.18
C LEU A 51 2.63 10.94 5.78
N LEU A 52 2.76 11.84 4.82
CA LEU A 52 3.08 11.45 3.44
C LEU A 52 4.44 10.77 3.36
N LYS A 53 5.40 11.28 4.13
CA LYS A 53 6.72 10.67 4.19
C LYS A 53 6.66 9.27 4.78
N GLN A 54 5.86 9.11 5.83
CA GLN A 54 5.69 7.81 6.47
C GLN A 54 4.97 6.84 5.55
N LEU A 55 3.96 7.34 4.83
CA LEU A 55 3.22 6.53 3.88
C LEU A 55 4.11 6.03 2.75
N ASP A 56 4.96 6.92 2.24
CA ASP A 56 5.91 6.57 1.19
C ASP A 56 6.92 5.54 1.68
N ALA A 57 7.42 5.75 2.91
CA ALA A 57 8.40 4.86 3.50
C ALA A 57 7.83 3.44 3.65
N ASN A 58 6.63 3.35 4.21
CA ASN A 58 6.00 2.06 4.43
C ASN A 58 5.67 1.37 3.11
N ALA A 59 5.20 2.15 2.15
CA ALA A 59 4.88 1.62 0.82
C ALA A 59 6.11 0.96 0.19
N ALA A 60 7.24 1.64 0.29
CA ALA A 60 8.50 1.09 -0.21
C ALA A 60 8.90 -0.17 0.57
N ARG A 61 8.71 -0.13 1.88
CA ARG A 61 9.03 -1.27 2.73
C ARG A 61 8.22 -2.50 2.32
N VAL A 62 6.94 -2.30 2.06
CA VAL A 62 6.06 -3.38 1.63
C VAL A 62 6.47 -3.91 0.26
N GLU A 63 6.75 -3.00 -0.66
CA GLU A 63 7.17 -3.37 -2.01
C GLU A 63 8.41 -4.23 -1.97
N GLN A 64 9.35 -3.88 -1.10
CA GLN A 64 10.55 -4.69 -0.90
C GLN A 64 10.20 -6.09 -0.42
N LEU A 65 9.27 -6.18 0.52
CA LEU A 65 8.79 -7.46 1.02
C LEU A 65 8.09 -8.25 -0.08
N LEU A 66 7.34 -7.54 -0.93
CA LEU A 66 6.63 -8.18 -2.03
C LEU A 66 7.59 -8.70 -3.08
N GLN A 67 8.66 -7.96 -3.33
CA GLN A 67 9.69 -8.39 -4.26
C GLN A 67 10.41 -9.63 -3.76
N ARG A 68 10.62 -9.70 -2.45
CA ARG A 68 11.14 -10.91 -1.82
C ARG A 68 10.21 -12.10 -2.06
N ILE A 69 8.91 -11.87 -1.89
CA ILE A 69 7.91 -12.89 -2.15
C ILE A 69 7.97 -13.35 -3.62
N ILE A 70 8.16 -12.40 -4.52
CA ILE A 70 8.29 -12.71 -5.94
C ILE A 70 9.52 -13.57 -6.20
N SER A 71 10.63 -13.21 -5.56
CA SER A 71 11.90 -13.90 -5.77
C SER A 71 11.86 -15.31 -5.19
N GLU A 72 11.01 -15.51 -4.18
CA GLU A 72 10.90 -16.80 -3.51
C GLU A 72 9.83 -17.66 -4.16
N THR A 73 8.67 -17.06 -4.42
CA THR A 73 7.51 -17.80 -4.90
C THR A 73 7.15 -17.38 -6.32
N GLY A 74 7.20 -16.09 -6.57
CA GLY A 74 6.82 -15.55 -7.87
C GLY A 74 5.31 -15.32 -7.95
N ASP A 75 4.67 -15.21 -6.80
CA ASP A 75 3.23 -15.00 -6.73
C ASP A 75 2.83 -13.71 -7.44
N GLU A 76 1.99 -13.84 -8.46
CA GLU A 76 1.56 -12.69 -9.24
C GLU A 76 0.93 -11.62 -8.36
N LEU A 77 0.36 -12.04 -7.25
CA LEU A 77 -0.35 -11.13 -6.36
C LEU A 77 0.62 -10.13 -5.72
N ALA A 78 1.83 -10.58 -5.45
CA ALA A 78 2.86 -9.72 -4.89
C ALA A 78 3.27 -8.62 -5.87
N ARG A 79 3.36 -8.99 -7.15
CA ARG A 79 3.66 -8.03 -8.19
C ARG A 79 2.52 -7.05 -8.40
N LYS A 80 1.29 -7.56 -8.35
CA LYS A 80 0.11 -6.72 -8.50
C LYS A 80 0.00 -5.72 -7.36
N GLY A 81 0.19 -6.19 -6.13
CA GLY A 81 0.19 -5.32 -4.96
C GLY A 81 1.28 -4.26 -5.06
N GLU A 82 2.46 -4.67 -5.51
CA GLU A 82 3.58 -3.76 -5.67
C GLU A 82 3.19 -2.54 -6.50
N SER A 83 2.56 -2.80 -7.64
CA SER A 83 2.19 -1.73 -8.57
C SER A 83 1.15 -0.80 -7.95
N LEU A 84 0.31 -1.36 -7.08
CA LEU A 84 -0.72 -0.57 -6.40
C LEU A 84 -0.09 0.39 -5.40
N PHE A 85 0.95 -0.07 -4.71
CA PHE A 85 1.69 0.78 -3.78
C PHE A 85 2.51 1.83 -4.53
N GLN A 86 3.05 1.43 -5.67
CA GLN A 86 3.76 2.37 -6.54
C GLN A 86 2.88 3.54 -6.93
N ARG A 87 1.66 3.24 -7.37
CA ARG A 87 0.72 4.26 -7.77
C ARG A 87 0.34 5.15 -6.59
N ASN A 88 0.16 4.54 -5.43
CA ASN A 88 -0.19 5.27 -4.22
C ASN A 88 0.88 6.31 -3.89
N GLN A 89 2.14 5.93 -4.03
CA GLN A 89 3.24 6.84 -3.79
C GLN A 89 3.19 8.04 -4.72
N GLN A 90 2.86 7.79 -5.99
CA GLN A 90 2.63 8.86 -6.95
C GLN A 90 1.49 9.76 -6.51
N LEU A 91 0.40 9.16 -6.05
CA LEU A 91 -0.77 9.91 -5.64
C LEU A 91 -0.50 10.70 -4.36
N PHE A 92 0.36 10.17 -3.51
CA PHE A 92 0.77 10.83 -2.28
C PHE A 92 1.55 12.11 -2.58
N SER A 93 2.41 12.05 -3.60
CA SER A 93 3.18 13.21 -4.02
C SER A 93 2.28 14.26 -4.68
N GLN A 94 1.20 13.79 -5.30
CA GLN A 94 0.19 14.69 -5.86
C GLN A 94 -0.52 15.46 -4.76
N LEU A 95 -0.86 14.77 -3.67
CA LEU A 95 -1.52 15.40 -2.53
C LEU A 95 -0.64 16.48 -1.92
N LYS A 96 0.66 16.22 -1.87
CA LYS A 96 1.62 17.20 -1.40
C LYS A 96 1.51 18.50 -2.19
N THR A 97 1.55 18.39 -3.51
CA THR A 97 1.44 19.55 -4.39
C THR A 97 0.08 20.20 -4.27
N LEU A 98 -0.98 19.39 -4.32
CA LEU A 98 -2.35 19.89 -4.30
C LEU A 98 -2.65 20.61 -3.00
N PHE A 99 -2.06 20.13 -1.91
CA PHE A 99 -2.18 20.80 -0.62
C PHE A 99 -1.63 22.22 -0.69
N SER A 100 -0.42 22.36 -1.22
CA SER A 100 0.23 23.66 -1.33
C SER A 100 -0.50 24.56 -2.31
N GLN A 101 -1.19 23.95 -3.27
CA GLN A 101 -2.00 24.70 -4.22
C GLN A 101 -3.34 25.08 -3.61
N GLY A 102 -3.84 24.24 -2.72
CA GLY A 102 -5.13 24.49 -2.08
C GLY A 102 -6.27 23.86 -2.86
N ASP A 103 -5.92 22.97 -3.78
CA ASP A 103 -6.91 22.35 -4.66
C ASP A 103 -7.59 21.17 -3.98
N GLU A 104 -8.59 21.46 -3.16
CA GLU A 104 -9.29 20.43 -2.40
C GLU A 104 -10.09 19.52 -3.32
N ASP A 105 -10.59 20.09 -4.41
CA ASP A 105 -11.44 19.34 -5.35
C ASP A 105 -10.69 18.17 -5.96
N THR A 106 -9.52 18.45 -6.53
CA THR A 106 -8.69 17.41 -7.12
C THR A 106 -8.14 16.47 -6.07
N ALA A 107 -7.69 17.03 -4.95
CA ALA A 107 -7.14 16.24 -3.86
C ALA A 107 -8.15 15.21 -3.36
N LYS A 108 -9.41 15.61 -3.28
CA LYS A 108 -10.50 14.70 -2.94
C LYS A 108 -10.52 13.51 -3.89
N ALA A 109 -10.49 13.78 -5.19
CA ALA A 109 -10.48 12.72 -6.20
C ALA A 109 -9.27 11.82 -6.04
N VAL A 110 -8.11 12.43 -5.75
CA VAL A 110 -6.89 11.67 -5.53
C VAL A 110 -7.01 10.76 -4.32
N LEU A 111 -7.57 11.29 -3.23
CA LEU A 111 -7.79 10.51 -2.02
C LEU A 111 -8.71 9.33 -2.29
N GLU A 112 -9.73 9.56 -3.10
CA GLU A 112 -10.65 8.49 -3.49
C GLU A 112 -9.95 7.41 -4.29
N GLU A 113 -9.10 7.84 -5.22
CA GLU A 113 -8.30 6.90 -6.02
C GLU A 113 -7.39 6.08 -5.13
N ILE A 114 -6.77 6.73 -4.14
CA ILE A 114 -5.90 6.05 -3.19
C ILE A 114 -6.66 4.99 -2.42
N GLN A 115 -7.84 5.36 -1.91
CA GLN A 115 -8.67 4.44 -1.16
C GLN A 115 -9.10 3.25 -2.00
N SER A 116 -9.38 3.51 -3.27
CA SER A 116 -9.67 2.44 -4.22
C SER A 116 -8.49 1.48 -4.35
N ASN A 117 -7.29 2.03 -4.47
CA ASN A 117 -6.07 1.22 -4.53
C ASN A 117 -5.89 0.42 -3.24
N LEU A 118 -6.15 1.07 -2.11
CA LEU A 118 -6.06 0.40 -0.82
C LEU A 118 -7.04 -0.76 -0.71
N ASN A 119 -8.23 -0.57 -1.27
CA ASN A 119 -9.22 -1.64 -1.34
C ASN A 119 -8.75 -2.77 -2.25
N GLN A 120 -8.13 -2.40 -3.37
CA GLN A 120 -7.57 -3.37 -4.31
C GLN A 120 -6.43 -4.14 -3.66
N ILE A 121 -5.62 -3.45 -2.87
CA ILE A 121 -4.55 -4.08 -2.12
C ILE A 121 -5.10 -5.09 -1.11
N GLN A 122 -6.18 -4.72 -0.46
CA GLN A 122 -6.86 -5.61 0.48
C GLN A 122 -7.37 -6.86 -0.24
N GLN A 123 -7.81 -6.69 -1.47
CA GLN A 123 -8.19 -7.82 -2.32
C GLN A 123 -6.99 -8.70 -2.63
N ILE A 124 -5.85 -8.07 -2.91
CA ILE A 124 -4.59 -8.79 -3.09
C ILE A 124 -4.21 -9.53 -1.81
N ILE A 125 -4.36 -8.86 -0.67
CA ILE A 125 -4.08 -9.47 0.62
C ILE A 125 -4.99 -10.67 0.87
N THR A 126 -6.27 -10.51 0.57
CA THR A 126 -7.23 -11.59 0.75
C THR A 126 -6.83 -12.84 0.00
N GLU A 127 -6.52 -12.67 -1.29
CA GLU A 127 -6.16 -13.80 -2.14
C GLU A 127 -4.77 -14.34 -1.78
N ALA A 128 -3.89 -13.44 -1.37
CA ALA A 128 -2.55 -13.83 -0.92
C ALA A 128 -2.63 -14.63 0.38
N GLN A 129 -3.59 -14.28 1.23
CA GLN A 129 -3.86 -15.05 2.44
C GLN A 129 -4.33 -16.46 2.10
N LYS A 130 -5.11 -16.57 1.04
CA LYS A 130 -5.55 -17.87 0.54
C LYS A 130 -4.38 -18.69 0.03
N ARG A 131 -3.51 -18.05 -0.75
CA ARG A 131 -2.38 -18.75 -1.37
C ARG A 131 -1.22 -18.86 -0.39
N LEU A 132 -1.43 -19.61 0.69
CA LEU A 132 -0.36 -19.87 1.65
C LEU A 132 -0.29 -21.36 1.99
N HIS A 1 2.43 -30.97 3.49
CA HIS A 1 3.53 -30.03 3.32
C HIS A 1 3.86 -29.84 1.85
N HIS A 2 4.80 -28.92 1.58
CA HIS A 2 5.18 -28.62 0.20
C HIS A 2 6.22 -29.60 -0.30
N HIS A 3 6.54 -29.51 -1.59
CA HIS A 3 7.54 -30.37 -2.20
C HIS A 3 8.57 -29.55 -2.99
N HIS A 4 9.03 -28.47 -2.38
CA HIS A 4 9.93 -27.54 -3.05
C HIS A 4 11.34 -28.12 -3.16
N HIS A 5 11.80 -28.29 -4.40
CA HIS A 5 13.16 -28.78 -4.63
C HIS A 5 13.99 -27.76 -5.41
N HIS A 6 13.98 -26.52 -4.94
CA HIS A 6 14.61 -25.42 -5.66
C HIS A 6 13.94 -25.20 -7.00
N GLU A 7 12.61 -25.19 -7.00
CA GLU A 7 11.84 -25.06 -8.24
C GLU A 7 11.17 -23.70 -8.33
N ASN A 8 11.02 -23.04 -7.18
CA ASN A 8 10.31 -21.77 -7.12
C ASN A 8 8.86 -21.91 -7.56
N LEU A 9 8.27 -23.06 -7.26
CA LEU A 9 6.89 -23.33 -7.61
C LEU A 9 6.02 -23.46 -6.36
N TYR A 10 6.64 -23.31 -5.20
CA TYR A 10 5.94 -23.47 -3.93
C TYR A 10 6.11 -22.24 -3.04
N PHE A 11 5.14 -21.99 -2.18
CA PHE A 11 5.16 -20.83 -1.30
C PHE A 11 6.15 -21.02 -0.17
N GLN A 12 6.89 -19.95 0.14
CA GLN A 12 7.94 -20.03 1.15
C GLN A 12 7.49 -19.40 2.46
N SER A 13 8.04 -19.89 3.56
CA SER A 13 7.68 -19.38 4.89
C SER A 13 8.26 -17.99 5.11
N SER A 14 9.38 -17.70 4.45
CA SER A 14 9.99 -16.38 4.52
C SER A 14 9.21 -15.37 3.69
N ALA A 15 8.61 -15.85 2.60
CA ALA A 15 7.71 -15.03 1.79
C ALA A 15 6.41 -14.74 2.56
N LYS A 16 5.94 -15.75 3.29
CA LYS A 16 4.76 -15.58 4.12
C LYS A 16 5.00 -14.56 5.22
N GLN A 17 6.20 -14.59 5.79
CA GLN A 17 6.58 -13.62 6.82
C GLN A 17 6.65 -12.21 6.26
N ASP A 18 7.27 -12.08 5.08
CA ASP A 18 7.32 -10.80 4.38
C ASP A 18 5.93 -10.30 4.04
N PHE A 19 5.05 -11.22 3.66
CA PHE A 19 3.65 -10.89 3.43
C PHE A 19 3.00 -10.34 4.69
N ALA A 20 3.18 -11.05 5.80
CA ALA A 20 2.59 -10.64 7.07
C ALA A 20 3.05 -9.23 7.46
N GLU A 21 4.34 -8.96 7.25
CA GLU A 21 4.89 -7.64 7.56
C GLU A 21 4.35 -6.57 6.63
N GLY A 22 4.13 -6.96 5.37
CA GLY A 22 3.52 -6.06 4.40
C GLY A 22 2.11 -5.67 4.82
N VAL A 23 1.35 -6.64 5.32
CA VAL A 23 0.01 -6.39 5.80
C VAL A 23 0.01 -5.45 7.00
N LYS A 24 0.96 -5.67 7.92
CA LYS A 24 1.12 -4.80 9.07
C LYS A 24 1.32 -3.36 8.64
N LEU A 25 2.18 -3.14 7.66
CA LEU A 25 2.45 -1.80 7.14
C LEU A 25 1.24 -1.24 6.39
N TRP A 26 0.55 -2.11 5.69
CA TRP A 26 -0.68 -1.73 4.99
C TRP A 26 -1.74 -1.23 5.98
N GLN A 27 -1.88 -1.93 7.09
CA GLN A 27 -2.80 -1.53 8.13
C GLN A 27 -2.46 -0.16 8.68
N GLU A 28 -1.16 0.08 8.91
CA GLU A 28 -0.68 1.40 9.30
C GLU A 28 -1.02 2.44 8.25
N ASN A 29 -0.81 2.10 6.99
CA ASN A 29 -1.09 3.01 5.89
C ASN A 29 -2.57 3.38 5.84
N ALA A 30 -3.43 2.41 6.14
CA ALA A 30 -4.86 2.65 6.19
C ALA A 30 -5.20 3.66 7.29
N VAL A 31 -4.55 3.53 8.43
CA VAL A 31 -4.70 4.50 9.52
C VAL A 31 -4.17 5.87 9.13
N LEU A 32 -3.01 5.88 8.47
CA LEU A 32 -2.40 7.13 8.02
C LEU A 32 -3.29 7.85 7.02
N TRP A 33 -3.94 7.09 6.15
CA TRP A 33 -4.89 7.65 5.20
C TRP A 33 -6.06 8.29 5.92
N THR A 34 -6.58 7.62 6.94
CA THR A 34 -7.64 8.18 7.77
C THR A 34 -7.18 9.48 8.44
N ARG A 35 -5.94 9.50 8.89
CA ARG A 35 -5.38 10.69 9.52
C ARG A 35 -5.25 11.83 8.52
N LEU A 36 -4.94 11.49 7.27
CA LEU A 36 -4.89 12.46 6.19
C LEU A 36 -6.24 13.14 6.00
N VAL A 37 -7.31 12.34 6.07
CA VAL A 37 -8.66 12.86 5.95
C VAL A 37 -9.01 13.76 7.12
N GLN A 38 -8.62 13.34 8.31
CA GLN A 38 -8.84 14.14 9.52
C GLN A 38 -8.13 15.48 9.43
N ALA A 39 -6.86 15.44 9.03
CA ALA A 39 -6.08 16.66 8.86
C ALA A 39 -6.56 17.47 7.66
N PHE A 40 -7.02 16.77 6.63
CA PHE A 40 -7.56 17.41 5.44
C PHE A 40 -8.76 18.29 5.80
N GLN A 41 -9.71 17.72 6.52
CA GLN A 41 -10.90 18.45 6.95
C GLN A 41 -10.53 19.55 7.94
N SER A 42 -9.55 19.28 8.80
CA SER A 42 -9.08 20.25 9.76
C SER A 42 -8.37 21.41 9.07
N GLY A 43 -7.66 21.09 8.00
CA GLY A 43 -6.86 22.09 7.28
C GLY A 43 -5.40 22.05 7.71
N ASP A 44 -5.03 21.02 8.46
CA ASP A 44 -3.69 20.91 9.00
C ASP A 44 -2.74 20.27 8.01
N GLN A 45 -2.23 21.07 7.07
CA GLN A 45 -1.40 20.56 5.99
C GLN A 45 -0.03 20.14 6.50
N SER A 46 0.35 20.66 7.66
CA SER A 46 1.66 20.37 8.25
C SER A 46 1.72 18.94 8.76
N THR A 47 0.61 18.46 9.31
CA THR A 47 0.49 17.05 9.68
C THR A 47 0.34 16.17 8.45
N VAL A 48 -0.43 16.64 7.48
CA VAL A 48 -0.57 15.94 6.21
C VAL A 48 0.79 15.60 5.61
N ASP A 49 1.67 16.59 5.56
CA ASP A 49 3.01 16.41 5.02
C ASP A 49 3.75 15.29 5.75
N SER A 50 3.71 15.34 7.07
CA SER A 50 4.37 14.33 7.90
C SER A 50 3.79 12.94 7.63
N LEU A 51 2.46 12.87 7.50
CA LEU A 51 1.78 11.61 7.23
C LEU A 51 2.19 11.04 5.88
N LEU A 52 2.32 11.91 4.89
CA LEU A 52 2.70 11.48 3.55
C LEU A 52 4.13 10.97 3.51
N LYS A 53 5.00 11.60 4.32
CA LYS A 53 6.38 11.16 4.44
C LYS A 53 6.46 9.74 5.02
N GLN A 54 5.62 9.46 6.00
CA GLN A 54 5.53 8.12 6.57
C GLN A 54 4.99 7.12 5.56
N LEU A 55 4.01 7.54 4.78
CA LEU A 55 3.43 6.70 3.75
C LEU A 55 4.46 6.38 2.66
N ASP A 56 5.27 7.37 2.32
CA ASP A 56 6.36 7.18 1.36
C ASP A 56 7.29 6.07 1.80
N ALA A 57 7.69 6.11 3.07
CA ALA A 57 8.58 5.09 3.62
C ALA A 57 7.93 3.71 3.59
N ASN A 58 6.69 3.65 4.05
CA ASN A 58 5.98 2.38 4.14
C ASN A 58 5.77 1.77 2.76
N ALA A 59 5.43 2.62 1.79
CA ALA A 59 5.20 2.17 0.42
C ALA A 59 6.44 1.52 -0.17
N ALA A 60 7.60 2.11 0.12
CA ALA A 60 8.88 1.55 -0.30
C ALA A 60 9.14 0.21 0.40
N ARG A 61 8.79 0.14 1.67
CA ARG A 61 9.04 -1.06 2.47
C ARG A 61 8.24 -2.25 1.94
N VAL A 62 6.96 -2.03 1.69
CA VAL A 62 6.08 -3.10 1.23
C VAL A 62 6.37 -3.47 -0.22
N GLU A 63 6.88 -2.51 -0.98
CA GLU A 63 7.37 -2.78 -2.33
C GLU A 63 8.52 -3.78 -2.31
N GLN A 64 9.45 -3.58 -1.41
CA GLN A 64 10.59 -4.49 -1.26
C GLN A 64 10.13 -5.84 -0.75
N LEU A 65 9.21 -5.85 0.21
CA LEU A 65 8.70 -7.08 0.79
C LEU A 65 8.00 -7.92 -0.26
N LEU A 66 7.18 -7.28 -1.09
CA LEU A 66 6.48 -7.97 -2.16
C LEU A 66 7.44 -8.42 -3.26
N GLN A 67 8.47 -7.61 -3.51
CA GLN A 67 9.52 -7.98 -4.45
C GLN A 67 10.22 -9.27 -4.01
N ARG A 68 10.49 -9.38 -2.72
CA ARG A 68 11.09 -10.59 -2.16
C ARG A 68 10.17 -11.79 -2.36
N ILE A 69 8.88 -11.58 -2.13
CA ILE A 69 7.88 -12.63 -2.35
C ILE A 69 7.86 -13.07 -3.81
N ILE A 70 7.96 -12.10 -4.72
CA ILE A 70 8.01 -12.38 -6.15
C ILE A 70 9.25 -13.20 -6.49
N SER A 71 10.38 -12.83 -5.89
CA SER A 71 11.64 -13.53 -6.12
C SER A 71 11.55 -14.98 -5.63
N GLU A 72 10.91 -15.17 -4.49
CA GLU A 72 10.86 -16.48 -3.85
C GLU A 72 9.77 -17.35 -4.49
N THR A 73 8.62 -16.75 -4.73
CA THR A 73 7.45 -17.50 -5.20
C THR A 73 7.05 -17.09 -6.60
N GLY A 74 7.05 -15.78 -6.85
CA GLY A 74 6.57 -15.25 -8.12
C GLY A 74 5.06 -15.09 -8.12
N ASP A 75 4.48 -15.00 -6.92
CA ASP A 75 3.03 -14.86 -6.78
C ASP A 75 2.52 -13.63 -7.50
N GLU A 76 1.61 -13.83 -8.45
CA GLU A 76 1.05 -12.73 -9.23
C GLU A 76 0.36 -11.72 -8.33
N LEU A 77 -0.18 -12.20 -7.22
CA LEU A 77 -0.84 -11.32 -6.25
C LEU A 77 0.12 -10.29 -5.68
N ALA A 78 1.34 -10.72 -5.41
CA ALA A 78 2.39 -9.81 -4.95
C ALA A 78 2.75 -8.79 -6.02
N ARG A 79 2.77 -9.24 -7.27
CA ARG A 79 3.04 -8.36 -8.40
C ARG A 79 1.96 -7.29 -8.52
N LYS A 80 0.71 -7.71 -8.38
CA LYS A 80 -0.42 -6.78 -8.45
C LYS A 80 -0.37 -5.76 -7.33
N GLY A 81 -0.18 -6.25 -6.10
CA GLY A 81 -0.11 -5.38 -4.93
C GLY A 81 1.02 -4.37 -5.07
N GLU A 82 2.16 -4.83 -5.55
CA GLU A 82 3.32 -3.96 -5.74
C GLU A 82 2.99 -2.78 -6.65
N SER A 83 2.39 -3.09 -7.80
CA SER A 83 2.08 -2.06 -8.79
C SER A 83 1.08 -1.05 -8.23
N LEU A 84 0.20 -1.52 -7.36
CA LEU A 84 -0.77 -0.65 -6.70
C LEU A 84 -0.10 0.26 -5.68
N PHE A 85 0.90 -0.27 -4.99
CA PHE A 85 1.69 0.52 -4.06
C PHE A 85 2.57 1.53 -4.81
N GLN A 86 3.07 1.12 -5.96
CA GLN A 86 3.87 2.00 -6.81
C GLN A 86 3.02 3.16 -7.35
N ARG A 87 1.78 2.86 -7.68
CA ARG A 87 0.81 3.89 -8.06
C ARG A 87 0.51 4.81 -6.89
N ASN A 88 0.37 4.23 -5.70
CA ASN A 88 0.14 5.01 -4.49
C ASN A 88 1.30 5.97 -4.22
N GLN A 89 2.51 5.52 -4.49
CA GLN A 89 3.69 6.37 -4.39
C GLN A 89 3.57 7.58 -5.30
N GLN A 90 3.11 7.35 -6.52
CA GLN A 90 2.84 8.45 -7.45
C GLN A 90 1.75 9.37 -6.91
N LEU A 91 0.72 8.78 -6.32
CA LEU A 91 -0.40 9.55 -5.80
C LEU A 91 0.01 10.34 -4.55
N PHE A 92 0.94 9.78 -3.79
CA PHE A 92 1.50 10.48 -2.64
C PHE A 92 2.28 11.72 -3.07
N SER A 93 3.03 11.58 -4.17
CA SER A 93 3.75 12.70 -4.73
C SER A 93 2.81 13.78 -5.25
N GLN A 94 1.71 13.35 -5.85
CA GLN A 94 0.67 14.27 -6.31
C GLN A 94 0.11 15.09 -5.16
N LEU A 95 -0.19 14.41 -4.05
CA LEU A 95 -0.72 15.08 -2.87
C LEU A 95 0.25 16.14 -2.35
N LYS A 96 1.51 15.76 -2.22
CA LYS A 96 2.54 16.67 -1.72
C LYS A 96 2.62 17.93 -2.58
N THR A 97 2.53 17.76 -3.89
CA THR A 97 2.52 18.89 -4.81
C THR A 97 1.24 19.71 -4.68
N LEU A 98 0.11 19.02 -4.66
CA LEU A 98 -1.20 19.68 -4.66
C LEU A 98 -1.39 20.50 -3.39
N PHE A 99 -0.94 19.96 -2.27
CA PHE A 99 -1.09 20.63 -0.98
C PHE A 99 -0.16 21.83 -0.87
N SER A 100 1.01 21.73 -1.51
CA SER A 100 1.95 22.84 -1.57
C SER A 100 1.46 23.92 -2.52
N GLN A 101 0.64 23.52 -3.50
CA GLN A 101 0.00 24.47 -4.40
C GLN A 101 -1.25 25.07 -3.75
N GLY A 102 -1.94 24.27 -2.96
CA GLY A 102 -3.14 24.74 -2.27
C GLY A 102 -4.40 24.10 -2.86
N ASP A 103 -4.20 23.21 -3.82
CA ASP A 103 -5.32 22.56 -4.51
C ASP A 103 -5.83 21.36 -3.72
N GLU A 104 -6.61 21.64 -2.67
CA GLU A 104 -7.13 20.59 -1.81
C GLU A 104 -8.27 19.84 -2.49
N ASP A 105 -8.92 20.51 -3.44
CA ASP A 105 -10.03 19.91 -4.18
C ASP A 105 -9.57 18.67 -4.95
N THR A 106 -8.50 18.82 -5.73
CA THR A 106 -7.92 17.70 -6.45
C THR A 106 -7.29 16.69 -5.51
N ALA A 107 -6.64 17.19 -4.46
CA ALA A 107 -6.00 16.33 -3.48
C ALA A 107 -7.00 15.35 -2.87
N LYS A 108 -8.21 15.84 -2.62
CA LYS A 108 -9.29 14.98 -2.15
C LYS A 108 -9.53 13.82 -3.12
N ALA A 109 -9.65 14.14 -4.40
CA ALA A 109 -9.87 13.12 -5.42
C ALA A 109 -8.73 12.11 -5.45
N VAL A 110 -7.50 12.59 -5.25
CA VAL A 110 -6.34 11.73 -5.20
C VAL A 110 -6.40 10.79 -4.00
N LEU A 111 -6.81 11.32 -2.86
CA LEU A 111 -6.98 10.50 -1.66
C LEU A 111 -8.01 9.40 -1.89
N GLU A 112 -9.07 9.72 -2.63
CA GLU A 112 -10.09 8.73 -2.95
C GLU A 112 -9.53 7.62 -3.83
N GLU A 113 -8.72 7.99 -4.80
CA GLU A 113 -8.06 7.02 -5.67
C GLU A 113 -7.14 6.11 -4.87
N ILE A 114 -6.42 6.69 -3.93
CA ILE A 114 -5.53 5.92 -3.06
C ILE A 114 -6.30 4.85 -2.30
N GLN A 115 -7.44 5.24 -1.72
CA GLN A 115 -8.27 4.30 -0.98
C GLN A 115 -8.80 3.18 -1.87
N SER A 116 -9.14 3.53 -3.11
CA SER A 116 -9.55 2.54 -4.09
C SER A 116 -8.47 1.48 -4.31
N ASN A 117 -7.23 1.94 -4.44
CA ASN A 117 -6.09 1.04 -4.55
C ASN A 117 -5.93 0.19 -3.31
N LEU A 118 -6.08 0.81 -2.14
CA LEU A 118 -5.97 0.10 -0.88
C LEU A 118 -7.04 -0.96 -0.73
N ASN A 119 -8.23 -0.67 -1.26
CA ASN A 119 -9.33 -1.63 -1.24
C ASN A 119 -9.00 -2.84 -2.11
N GLN A 120 -8.41 -2.59 -3.27
CA GLN A 120 -7.97 -3.66 -4.15
C GLN A 120 -6.84 -4.46 -3.52
N ILE A 121 -5.93 -3.77 -2.85
CA ILE A 121 -4.85 -4.43 -2.12
C ILE A 121 -5.39 -5.31 -1.01
N GLN A 122 -6.40 -4.82 -0.31
CA GLN A 122 -7.08 -5.59 0.72
C GLN A 122 -7.57 -6.93 0.18
N GLN A 123 -8.19 -6.89 -0.99
CA GLN A 123 -8.65 -8.11 -1.65
C GLN A 123 -7.49 -9.02 -2.00
N ILE A 124 -6.39 -8.42 -2.47
CA ILE A 124 -5.18 -9.17 -2.75
C ILE A 124 -4.62 -9.83 -1.48
N ILE A 125 -4.63 -9.08 -0.39
CA ILE A 125 -4.19 -9.60 0.90
C ILE A 125 -5.00 -10.82 1.31
N THR A 126 -6.32 -10.72 1.13
CA THR A 126 -7.22 -11.83 1.46
C THR A 126 -6.87 -13.08 0.66
N GLU A 127 -6.71 -12.92 -0.65
CA GLU A 127 -6.42 -14.03 -1.53
C GLU A 127 -5.02 -14.58 -1.29
N ALA A 128 -4.11 -13.68 -0.93
CA ALA A 128 -2.74 -14.08 -0.58
C ALA A 128 -2.75 -14.91 0.70
N GLN A 129 -3.54 -14.49 1.68
CA GLN A 129 -3.66 -15.22 2.94
C GLN A 129 -4.20 -16.62 2.71
N LYS A 130 -5.13 -16.75 1.77
CA LYS A 130 -5.70 -18.04 1.42
C LYS A 130 -4.61 -19.01 0.94
N ARG A 131 -3.54 -18.46 0.38
CA ARG A 131 -2.52 -19.26 -0.26
C ARG A 131 -1.24 -19.29 0.57
N LEU A 132 -1.33 -18.78 1.80
CA LEU A 132 -0.17 -18.72 2.69
C LEU A 132 -0.52 -19.23 4.08
N HIS A 1 -15.28 -25.60 -5.27
CA HIS A 1 -14.56 -25.68 -6.54
C HIS A 1 -13.84 -24.37 -6.83
N HIS A 2 -12.65 -24.48 -7.40
CA HIS A 2 -11.87 -23.29 -7.77
C HIS A 2 -10.84 -23.62 -8.85
N HIS A 3 -10.69 -22.72 -9.81
CA HIS A 3 -9.73 -22.91 -10.89
C HIS A 3 -8.30 -22.92 -10.36
N HIS A 4 -7.49 -23.83 -10.88
CA HIS A 4 -6.09 -23.93 -10.47
C HIS A 4 -5.35 -22.63 -10.71
N HIS A 5 -4.83 -22.04 -9.63
CA HIS A 5 -4.02 -20.84 -9.72
C HIS A 5 -2.82 -20.91 -8.78
N HIS A 6 -1.85 -21.75 -9.13
CA HIS A 6 -0.64 -21.89 -8.33
C HIS A 6 0.22 -20.64 -8.39
N GLU A 7 -0.02 -19.81 -9.39
CA GLU A 7 0.70 -18.54 -9.53
C GLU A 7 0.29 -17.55 -8.46
N ASN A 8 -0.80 -17.86 -7.76
CA ASN A 8 -1.24 -17.03 -6.64
C ASN A 8 -0.96 -17.71 -5.30
N LEU A 9 -0.23 -18.83 -5.35
CA LEU A 9 -0.01 -19.64 -4.17
C LEU A 9 1.40 -19.44 -3.62
N TYR A 10 1.50 -19.25 -2.31
CA TYR A 10 2.79 -19.12 -1.65
C TYR A 10 3.47 -20.48 -1.53
N PHE A 11 4.79 -20.49 -1.75
CA PHE A 11 5.56 -21.73 -1.73
C PHE A 11 6.65 -21.68 -0.66
N GLN A 12 7.20 -20.50 -0.45
CA GLN A 12 8.29 -20.32 0.52
C GLN A 12 7.76 -19.70 1.81
N SER A 13 8.28 -20.20 2.94
CA SER A 13 7.85 -19.71 4.24
C SER A 13 8.39 -18.32 4.52
N SER A 14 9.54 -18.00 3.93
CA SER A 14 10.13 -16.69 4.06
C SER A 14 9.34 -15.64 3.28
N ALA A 15 8.76 -16.06 2.16
CA ALA A 15 7.84 -15.22 1.41
C ALA A 15 6.56 -14.96 2.18
N LYS A 16 6.07 -15.99 2.86
CA LYS A 16 4.88 -15.88 3.70
C LYS A 16 5.12 -14.91 4.85
N GLN A 17 6.32 -14.94 5.41
CA GLN A 17 6.70 -14.04 6.49
C GLN A 17 6.80 -12.61 5.99
N ASP A 18 7.41 -12.43 4.82
CA ASP A 18 7.53 -11.11 4.20
C ASP A 18 6.16 -10.51 3.95
N PHE A 19 5.21 -11.35 3.51
CA PHE A 19 3.83 -10.93 3.37
C PHE A 19 3.26 -10.45 4.69
N ALA A 20 3.41 -11.26 5.72
CA ALA A 20 2.89 -10.92 7.05
C ALA A 20 3.43 -9.58 7.53
N GLU A 21 4.72 -9.34 7.27
CA GLU A 21 5.35 -8.08 7.64
C GLU A 21 4.80 -6.93 6.81
N GLY A 22 4.49 -7.21 5.55
CA GLY A 22 3.86 -6.22 4.67
C GLY A 22 2.47 -5.85 5.17
N VAL A 23 1.74 -6.84 5.67
CA VAL A 23 0.42 -6.61 6.24
C VAL A 23 0.51 -5.77 7.51
N LYS A 24 1.51 -6.05 8.34
CA LYS A 24 1.78 -5.25 9.52
C LYS A 24 1.97 -3.78 9.17
N LEU A 25 2.77 -3.53 8.14
CA LEU A 25 3.00 -2.17 7.65
C LEU A 25 1.72 -1.59 7.05
N TRP A 26 0.96 -2.43 6.36
CA TRP A 26 -0.32 -2.01 5.79
C TRP A 26 -1.28 -1.56 6.88
N GLN A 27 -1.30 -2.29 7.99
CA GLN A 27 -2.12 -1.93 9.14
C GLN A 27 -1.71 -0.57 9.70
N GLU A 28 -0.40 -0.34 9.76
CA GLU A 28 0.13 0.97 10.15
C GLU A 28 -0.26 2.04 9.12
N ASN A 29 -0.26 1.66 7.85
CA ASN A 29 -0.66 2.57 6.78
C ASN A 29 -2.14 2.93 6.90
N ALA A 30 -2.94 1.97 7.34
CA ALA A 30 -4.36 2.21 7.57
C ALA A 30 -4.57 3.25 8.67
N VAL A 31 -3.75 3.19 9.70
CA VAL A 31 -3.77 4.18 10.76
C VAL A 31 -3.36 5.55 10.25
N LEU A 32 -2.27 5.59 9.50
CA LEU A 32 -1.79 6.82 8.89
C LEU A 32 -2.82 7.40 7.93
N TRP A 33 -3.46 6.53 7.15
CA TRP A 33 -4.47 6.95 6.19
C TRP A 33 -5.69 7.52 6.89
N THR A 34 -6.13 6.85 7.96
CA THR A 34 -7.27 7.30 8.74
C THR A 34 -7.06 8.73 9.24
N ARG A 35 -5.91 8.98 9.85
CA ARG A 35 -5.58 10.29 10.38
C ARG A 35 -5.34 11.29 9.25
N LEU A 36 -4.80 10.81 8.14
CA LEU A 36 -4.57 11.65 6.98
C LEU A 36 -5.87 12.26 6.49
N VAL A 37 -6.89 11.43 6.30
CA VAL A 37 -8.20 11.89 5.84
C VAL A 37 -8.79 12.89 6.82
N GLN A 38 -8.70 12.59 8.10
CA GLN A 38 -9.20 13.49 9.14
C GLN A 38 -8.55 14.86 9.05
N ALA A 39 -7.22 14.87 8.92
CA ALA A 39 -6.47 16.11 8.81
C ALA A 39 -6.85 16.88 7.56
N PHE A 40 -6.97 16.16 6.45
CA PHE A 40 -7.36 16.77 5.18
C PHE A 40 -8.72 17.45 5.29
N GLN A 41 -9.67 16.77 5.94
CA GLN A 41 -11.00 17.32 6.14
C GLN A 41 -10.97 18.60 6.94
N SER A 42 -10.11 18.63 7.97
CA SER A 42 -9.94 19.81 8.80
C SER A 42 -9.19 20.91 8.04
N GLY A 43 -8.44 20.51 7.02
CA GLY A 43 -7.74 21.45 6.17
C GLY A 43 -6.26 21.51 6.51
N ASP A 44 -5.82 20.62 7.39
CA ASP A 44 -4.45 20.60 7.86
C ASP A 44 -3.55 19.76 6.94
N GLN A 45 -3.10 20.39 5.85
CA GLN A 45 -2.31 19.68 4.85
C GLN A 45 -0.87 19.50 5.32
N SER A 46 -0.51 20.21 6.39
CA SER A 46 0.85 20.15 6.92
C SER A 46 1.08 18.87 7.71
N THR A 47 0.05 18.45 8.44
CA THR A 47 0.06 17.14 9.09
C THR A 47 -0.02 16.02 8.06
N VAL A 48 -0.89 16.20 7.07
CA VAL A 48 -1.00 15.25 5.97
C VAL A 48 0.35 15.04 5.29
N ASP A 49 1.07 16.13 5.07
CA ASP A 49 2.39 16.05 4.45
C ASP A 49 3.32 15.14 5.23
N SER A 50 3.36 15.33 6.55
CA SER A 50 4.20 14.51 7.41
C SER A 50 3.71 13.08 7.47
N LEU A 51 2.41 12.89 7.32
CA LEU A 51 1.82 11.56 7.27
C LEU A 51 2.14 10.87 5.94
N LEU A 52 2.19 11.65 4.87
CA LEU A 52 2.57 11.13 3.56
C LEU A 52 4.02 10.70 3.54
N LYS A 53 4.86 11.42 4.28
CA LYS A 53 6.25 11.03 4.45
C LYS A 53 6.38 9.62 5.00
N GLN A 54 5.74 9.38 6.14
CA GLN A 54 5.77 8.07 6.77
C GLN A 54 5.01 7.04 5.95
N LEU A 55 3.88 7.47 5.39
CA LEU A 55 3.03 6.58 4.60
C LEU A 55 3.75 6.11 3.35
N ASP A 56 4.43 7.03 2.67
CA ASP A 56 5.22 6.69 1.50
C ASP A 56 6.35 5.73 1.86
N ALA A 57 7.03 6.00 2.96
CA ALA A 57 8.13 5.16 3.42
C ALA A 57 7.68 3.73 3.61
N ASN A 58 6.55 3.53 4.29
CA ASN A 58 6.03 2.21 4.56
C ASN A 58 5.57 1.53 3.26
N ALA A 59 5.00 2.32 2.36
CA ALA A 59 4.59 1.81 1.06
C ALA A 59 5.77 1.24 0.29
N ALA A 60 6.90 1.93 0.35
CA ALA A 60 8.12 1.45 -0.28
C ALA A 60 8.65 0.20 0.41
N ARG A 61 8.54 0.18 1.73
CA ARG A 61 8.99 -0.97 2.51
C ARG A 61 8.21 -2.22 2.15
N VAL A 62 6.90 -2.07 2.00
CA VAL A 62 6.04 -3.17 1.59
C VAL A 62 6.33 -3.60 0.15
N GLU A 63 6.52 -2.61 -0.71
CA GLU A 63 6.90 -2.87 -2.10
C GLU A 63 8.09 -3.82 -2.17
N GLN A 64 9.12 -3.54 -1.38
CA GLN A 64 10.32 -4.36 -1.36
C GLN A 64 10.00 -5.78 -0.88
N LEU A 65 9.17 -5.88 0.14
CA LEU A 65 8.75 -7.17 0.66
C LEU A 65 7.99 -7.98 -0.39
N LEU A 66 7.15 -7.28 -1.16
CA LEU A 66 6.39 -7.92 -2.21
C LEU A 66 7.29 -8.39 -3.35
N GLN A 67 8.32 -7.60 -3.64
CA GLN A 67 9.30 -7.97 -4.65
C GLN A 67 10.08 -9.22 -4.25
N ARG A 68 10.39 -9.32 -2.96
CA ARG A 68 11.01 -10.53 -2.43
C ARG A 68 10.12 -11.75 -2.63
N ILE A 69 8.83 -11.58 -2.35
CA ILE A 69 7.87 -12.65 -2.55
C ILE A 69 7.85 -13.10 -4.01
N ILE A 70 7.91 -12.13 -4.93
CA ILE A 70 7.95 -12.42 -6.36
C ILE A 70 9.19 -13.22 -6.72
N SER A 71 10.34 -12.83 -6.17
CA SER A 71 11.60 -13.47 -6.49
C SER A 71 11.67 -14.87 -5.89
N GLU A 72 10.94 -15.08 -4.80
CA GLU A 72 10.97 -16.35 -4.09
C GLU A 72 9.89 -17.30 -4.62
N THR A 73 8.69 -16.76 -4.83
CA THR A 73 7.54 -17.57 -5.22
C THR A 73 7.06 -17.21 -6.61
N GLY A 74 7.02 -15.91 -6.91
CA GLY A 74 6.45 -15.42 -8.15
C GLY A 74 4.96 -15.17 -8.01
N ASP A 75 4.51 -14.97 -6.78
CA ASP A 75 3.10 -14.71 -6.51
C ASP A 75 2.60 -13.50 -7.30
N GLU A 76 1.62 -13.74 -8.17
CA GLU A 76 1.07 -12.68 -9.01
C GLU A 76 0.33 -11.64 -8.16
N LEU A 77 -0.22 -12.09 -7.03
CA LEU A 77 -0.91 -11.20 -6.11
C LEU A 77 0.04 -10.16 -5.53
N ALA A 78 1.27 -10.58 -5.25
CA ALA A 78 2.30 -9.67 -4.77
C ALA A 78 2.64 -8.63 -5.82
N ARG A 79 2.70 -9.05 -7.07
CA ARG A 79 2.96 -8.14 -8.18
C ARG A 79 1.84 -7.13 -8.34
N LYS A 80 0.60 -7.60 -8.22
CA LYS A 80 -0.57 -6.74 -8.27
C LYS A 80 -0.54 -5.70 -7.16
N GLY A 81 -0.30 -6.16 -5.94
CA GLY A 81 -0.19 -5.27 -4.79
C GLY A 81 0.96 -4.29 -4.98
N GLU A 82 2.08 -4.77 -5.50
CA GLU A 82 3.24 -3.93 -5.74
C GLU A 82 2.88 -2.70 -6.56
N SER A 83 2.24 -2.93 -7.70
CA SER A 83 1.90 -1.85 -8.63
C SER A 83 0.92 -0.88 -7.99
N LEU A 84 0.07 -1.39 -7.10
CA LEU A 84 -0.88 -0.54 -6.38
C LEU A 84 -0.17 0.38 -5.40
N PHE A 85 0.86 -0.15 -4.74
CA PHE A 85 1.66 0.65 -3.83
C PHE A 85 2.53 1.65 -4.59
N GLN A 86 3.05 1.22 -5.75
CA GLN A 86 3.87 2.08 -6.59
C GLN A 86 3.07 3.28 -7.09
N ARG A 87 1.82 3.05 -7.47
CA ARG A 87 0.93 4.12 -7.90
C ARG A 87 0.62 5.06 -6.75
N ASN A 88 0.37 4.51 -5.58
CA ASN A 88 0.10 5.31 -4.38
C ASN A 88 1.28 6.21 -4.05
N GLN A 89 2.49 5.66 -4.18
CA GLN A 89 3.70 6.43 -3.95
C GLN A 89 3.77 7.64 -4.87
N GLN A 90 3.41 7.45 -6.13
CA GLN A 90 3.31 8.55 -7.09
C GLN A 90 2.26 9.56 -6.64
N LEU A 91 1.12 9.06 -6.17
CA LEU A 91 0.01 9.92 -5.79
C LEU A 91 0.31 10.69 -4.52
N PHE A 92 1.16 10.12 -3.68
CA PHE A 92 1.60 10.79 -2.46
C PHE A 92 2.39 12.05 -2.79
N SER A 93 3.26 11.97 -3.79
CA SER A 93 4.03 13.12 -4.24
C SER A 93 3.15 14.10 -5.00
N GLN A 94 2.11 13.58 -5.64
CA GLN A 94 1.12 14.42 -6.31
C GLN A 94 0.37 15.30 -5.32
N LEU A 95 0.01 14.71 -4.18
CA LEU A 95 -0.66 15.44 -3.11
C LEU A 95 0.21 16.59 -2.61
N LYS A 96 1.48 16.29 -2.36
CA LYS A 96 2.41 17.29 -1.85
C LYS A 96 2.51 18.49 -2.78
N THR A 97 2.62 18.21 -4.09
CA THR A 97 2.64 19.26 -5.09
C THR A 97 1.35 20.07 -5.07
N LEU A 98 0.22 19.39 -5.01
CA LEU A 98 -1.08 20.04 -5.01
C LEU A 98 -1.25 20.91 -3.76
N PHE A 99 -0.65 20.49 -2.65
CA PHE A 99 -0.73 21.23 -1.41
C PHE A 99 0.04 22.55 -1.50
N SER A 100 1.18 22.51 -2.18
CA SER A 100 1.96 23.72 -2.41
C SER A 100 1.26 24.64 -3.40
N GLN A 101 0.43 24.07 -4.27
CA GLN A 101 -0.40 24.85 -5.18
C GLN A 101 -1.64 25.37 -4.47
N GLY A 102 -2.14 24.59 -3.52
CA GLY A 102 -3.34 24.96 -2.78
C GLY A 102 -4.58 24.30 -3.38
N ASP A 103 -4.37 23.37 -4.29
CA ASP A 103 -5.47 22.74 -5.02
C ASP A 103 -6.04 21.56 -4.23
N GLU A 104 -6.88 21.87 -3.24
CA GLU A 104 -7.48 20.83 -2.41
C GLU A 104 -8.51 20.02 -3.20
N ASP A 105 -9.11 20.65 -4.20
CA ASP A 105 -10.14 20.00 -5.01
C ASP A 105 -9.58 18.77 -5.72
N THR A 106 -8.46 18.95 -6.41
CA THR A 106 -7.79 17.85 -7.08
C THR A 106 -7.20 16.88 -6.08
N ALA A 107 -6.63 17.41 -4.99
CA ALA A 107 -6.05 16.60 -3.94
C ALA A 107 -7.05 15.60 -3.40
N LYS A 108 -8.29 16.05 -3.21
CA LYS A 108 -9.37 15.16 -2.81
C LYS A 108 -9.56 14.01 -3.79
N ALA A 109 -9.60 14.35 -5.08
CA ALA A 109 -9.73 13.34 -6.12
C ALA A 109 -8.58 12.35 -6.09
N VAL A 110 -7.38 12.86 -5.84
CA VAL A 110 -6.21 12.01 -5.70
C VAL A 110 -6.33 11.06 -4.52
N LEU A 111 -6.83 11.59 -3.40
CA LEU A 111 -7.06 10.77 -2.21
C LEU A 111 -8.08 9.68 -2.47
N GLU A 112 -9.10 10.01 -3.27
CA GLU A 112 -10.11 9.04 -3.66
C GLU A 112 -9.52 7.91 -4.49
N GLU A 113 -8.62 8.27 -5.40
CA GLU A 113 -7.87 7.29 -6.19
C GLU A 113 -7.04 6.39 -5.28
N ILE A 114 -6.33 6.99 -4.33
CA ILE A 114 -5.54 6.25 -3.36
C ILE A 114 -6.40 5.28 -2.57
N GLN A 115 -7.58 5.74 -2.14
CA GLN A 115 -8.52 4.90 -1.41
C GLN A 115 -8.85 3.65 -2.20
N SER A 116 -9.17 3.81 -3.48
CA SER A 116 -9.56 2.69 -4.33
C SER A 116 -8.40 1.73 -4.53
N ASN A 117 -7.18 2.26 -4.52
CA ASN A 117 -5.99 1.42 -4.59
C ASN A 117 -5.80 0.64 -3.28
N LEU A 118 -6.01 1.31 -2.17
CA LEU A 118 -5.91 0.66 -0.85
C LEU A 118 -6.96 -0.43 -0.71
N ASN A 119 -8.14 -0.19 -1.27
CA ASN A 119 -9.20 -1.20 -1.28
C ASN A 119 -8.78 -2.44 -2.05
N GLN A 120 -8.13 -2.23 -3.18
CA GLN A 120 -7.63 -3.34 -3.99
C GLN A 120 -6.50 -4.07 -3.28
N ILE A 121 -5.64 -3.31 -2.60
CA ILE A 121 -4.55 -3.89 -1.82
C ILE A 121 -5.09 -4.79 -0.72
N GLN A 122 -6.15 -4.35 -0.05
CA GLN A 122 -6.81 -5.16 0.95
C GLN A 122 -7.35 -6.45 0.36
N GLN A 123 -7.88 -6.37 -0.85
CA GLN A 123 -8.35 -7.54 -1.57
C GLN A 123 -7.20 -8.50 -1.89
N ILE A 124 -6.07 -7.93 -2.29
CA ILE A 124 -4.86 -8.71 -2.53
C ILE A 124 -4.43 -9.45 -1.27
N ILE A 125 -4.47 -8.75 -0.14
CA ILE A 125 -4.15 -9.35 1.15
C ILE A 125 -5.10 -10.49 1.48
N THR A 126 -6.39 -10.26 1.28
CA THR A 126 -7.41 -11.26 1.56
C THR A 126 -7.14 -12.55 0.78
N GLU A 127 -6.97 -12.41 -0.53
CA GLU A 127 -6.76 -13.56 -1.39
C GLU A 127 -5.41 -14.22 -1.13
N ALA A 128 -4.42 -13.42 -0.80
CA ALA A 128 -3.10 -13.93 -0.44
C ALA A 128 -3.16 -14.80 0.80
N GLN A 129 -3.95 -14.38 1.77
CA GLN A 129 -4.14 -15.16 3.00
C GLN A 129 -4.84 -16.49 2.70
N LYS A 130 -5.82 -16.44 1.81
CA LYS A 130 -6.52 -17.65 1.38
C LYS A 130 -5.55 -18.69 0.84
N ARG A 131 -4.50 -18.21 0.17
CA ARG A 131 -3.52 -19.11 -0.44
C ARG A 131 -2.17 -19.01 0.26
N LEU A 132 -2.22 -18.87 1.58
CA LEU A 132 -0.99 -18.79 2.39
C LEU A 132 -1.09 -19.67 3.63
#